data_8XJ7
#
_entry.id   8XJ7
#
_cell.length_a   1.00
_cell.length_b   1.00
_cell.length_c   1.00
_cell.angle_alpha   90.00
_cell.angle_beta   90.00
_cell.angle_gamma   90.00
#
_symmetry.space_group_name_H-M   'P 1'
#
loop_
_entity.id
_entity.type
_entity.pdbx_description
1 polymer 'Monkeypox virus E5'
2 polymer 'DNA (70-MER)'
3 non-polymer 'PHOSPHOAMINOPHOSPHONIC ACID-ADENYLATE ESTER'
4 non-polymer 'MAGNESIUM ION'
#
loop_
_entity_poly.entity_id
_entity_poly.type
_entity_poly.pdbx_seq_one_letter_code
_entity_poly.pdbx_strand_id
1 'polypeptide(L)'
;MDAAIRGNDVIFVLKTIGVPSACRQNEDPRFVEAFKCDELERYIDNNPECTLFESLRDEEAYSIVRIFMDVDLDACLDEI
DYLTAIQDFIIEVSNCVARFAFTECGAIHENVIKSMRSNFSLTKSTNRDKTSFHIIFLDTYTTMDTLIAMKRTLLELSRS
SENPLTRSIDTAVYRRKTTLRVVGTRKNPNCDTIHVMQPPHDNIEDYLFTYVDMNNNSYYFSLQRRLEDLVPDKLWEPGF
ISFEDAIKRVSKIFINSIINFNDLDENNFTTVPLVIDYVTPCALCKKRSHKHPHQLSLENGAIRIYKTGNPHSCKVKIVP
LDGNKLFNIAQRILDTNSVLLTERGDHIVWINNSWKFNSEEPLITKLILSIRHQLPKEYSSELLCPRKRKTVEANIRDML
VDSVETDTYPDKLPFKNGVLDLVDGMFYSGDDAKKYTCTVSTGFKFDDTKFVEDSPEMEELMNIINDIQPLTDENKKNRE
LYEKTLSSCLCGATKGCLTFFFGETATGKSTTKRLLKSAIGDLFVETGQTILTDVLDKGPNPFIANMHLKRSVFCSELPD
FACSGSKKIRSDNIKKLTEPCVIGRPCFSNKINNRNHATIIIDTNYKPVFDRIDNALMRRIAVVRFRTHFSQPSGREAAE
NNDAYDKVKLLDEGLDGKIQNNRYRFAFLYLLVKWYKKYHIPIMKLYPTPEEIPDFAFYLKIGTLLVSSSVKHIPLMTDL
SKKGYILYDNVVTLPLTTFQQKISKYFNSRLFGHDIESFINRHKKFANVSDEYLQYIFIEDISSP
;
A,B,C,D,E,F
2 'polydeoxyribonucleotide'
;(DA)(DA)(DC)(DG)(DA)(DG)(DT)(DC)(DA)(DA)(DG)(DC)(DG)(DC)(DA)(DT)(DC)(DC)(DC)(DG)
(DT)(DT)(DT)(DT)(DT)(DT)(DT)(DT)(DT)(DT)(DT)(DT)(DT)(DT)(DT)(DT)(DT)(DT)(DT)(DT)
(DT)(DT)(DT)(DT)(DT)(DT)(DT)(DT)(DT)(DT)(DC)(DG)(DG)(DG)(DA)(DT)(DG)(DC)(DG)(DC)
(DT)(DT)(DG)(DA)(DC)(DT)(DC)(DG)(DT)(DT)
;
X
#
loop_
_chem_comp.id
_chem_comp.type
_chem_comp.name
_chem_comp.formula
ANP non-polymer 'PHOSPHOAMINOPHOSPHONIC ACID-ADENYLATE ESTER' 'C10 H17 N6 O12 P3'
DA DNA linking 2'-DEOXYADENOSINE-5'-MONOPHOSPHATE 'C10 H14 N5 O6 P'
DC DNA linking 2'-DEOXYCYTIDINE-5'-MONOPHOSPHATE 'C9 H14 N3 O7 P'
DG DNA linking 2'-DEOXYGUANOSINE-5'-MONOPHOSPHATE 'C10 H14 N5 O7 P'
DT DNA linking THYMIDINE-5'-MONOPHOSPHATE 'C10 H15 N2 O8 P'
MG non-polymer 'MAGNESIUM ION' 'Mg 2'
#
# COMPACT_ATOMS: atom_id res chain seq x y z
N ASN A 324 -34.75 27.21 -22.98
CA ASN A 324 -34.98 28.65 -22.87
C ASN A 324 -35.64 29.01 -21.56
N LYS A 325 -36.76 28.34 -21.25
CA LYS A 325 -37.43 28.58 -19.97
C LYS A 325 -36.53 28.18 -18.80
N LEU A 326 -35.86 27.04 -18.91
CA LEU A 326 -34.92 26.62 -17.87
C LEU A 326 -33.67 27.49 -17.85
N PHE A 327 -33.38 28.20 -18.94
CA PHE A 327 -32.29 29.15 -18.93
C PHE A 327 -32.69 30.43 -18.20
N ASN A 328 -33.94 30.85 -18.33
CA ASN A 328 -34.41 32.03 -17.62
C ASN A 328 -34.50 31.75 -16.12
N ILE A 329 -34.89 30.53 -15.74
CA ILE A 329 -34.95 30.17 -14.32
C ILE A 329 -33.56 30.24 -13.71
N ALA A 330 -32.56 29.69 -14.42
CA ALA A 330 -31.19 29.73 -13.92
C ALA A 330 -30.69 31.17 -13.83
N GLN A 331 -31.03 32.01 -14.80
CA GLN A 331 -30.62 33.40 -14.75
C GLN A 331 -31.27 34.14 -13.57
N ARG A 332 -32.55 33.87 -13.31
CA ARG A 332 -33.21 34.50 -12.17
C ARG A 332 -32.62 34.01 -10.85
N ILE A 333 -32.28 32.72 -10.76
CA ILE A 333 -31.62 32.21 -9.56
C ILE A 333 -30.26 32.89 -9.38
N LEU A 334 -29.52 33.07 -10.47
CA LEU A 334 -28.23 33.74 -10.39
C LEU A 334 -28.36 35.22 -10.07
N ASP A 335 -29.50 35.85 -10.38
CA ASP A 335 -29.71 37.26 -10.09
C ASP A 335 -29.91 37.54 -8.61
N THR A 336 -30.20 36.52 -7.81
CA THR A 336 -30.37 36.68 -6.37
C THR A 336 -29.07 36.49 -5.60
N ASN A 337 -27.97 36.20 -6.29
CA ASN A 337 -26.66 36.03 -5.67
C ASN A 337 -26.69 34.98 -4.56
N SER A 338 -27.40 33.88 -4.81
CA SER A 338 -27.48 32.78 -3.86
C SER A 338 -26.49 31.66 -4.16
N VAL A 339 -25.86 31.68 -5.35
CA VAL A 339 -24.80 30.74 -5.70
C VAL A 339 -23.56 31.55 -6.04
N LEU A 340 -22.43 31.18 -5.45
CA LEU A 340 -21.18 31.87 -5.70
C LEU A 340 -20.07 30.84 -5.91
N LEU A 341 -19.04 31.26 -6.63
CA LEU A 341 -17.88 30.42 -6.92
C LEU A 341 -16.68 30.97 -6.18
N THR A 342 -15.93 30.09 -5.53
CA THR A 342 -14.74 30.47 -4.78
C THR A 342 -13.48 30.20 -5.59
N GLU A 343 -12.40 30.88 -5.21
CA GLU A 343 -11.14 30.73 -5.91
C GLU A 343 -10.63 29.29 -5.85
N ARG A 344 -10.95 28.57 -4.77
CA ARG A 344 -10.56 27.17 -4.68
C ARG A 344 -11.36 26.31 -5.65
N GLY A 345 -12.60 26.69 -5.93
CA GLY A 345 -13.43 25.94 -6.85
C GLY A 345 -14.76 25.51 -6.26
N ASP A 346 -15.02 25.92 -5.02
CA ASP A 346 -16.25 25.55 -4.35
C ASP A 346 -17.43 26.32 -4.90
N HIS A 347 -18.60 25.68 -4.86
CA HIS A 347 -19.87 26.32 -5.14
C HIS A 347 -20.62 26.45 -3.82
N ILE A 348 -20.79 27.69 -3.36
CA ILE A 348 -21.42 27.96 -2.07
C ILE A 348 -22.85 28.43 -2.32
N VAL A 349 -23.80 27.83 -1.61
CA VAL A 349 -25.22 28.15 -1.75
C VAL A 349 -25.72 28.76 -0.46
N TRP A 350 -26.80 29.53 -0.57
CA TRP A 350 -27.40 30.25 0.54
C TRP A 350 -28.76 29.62 0.83
N ILE A 351 -28.76 28.61 1.69
CA ILE A 351 -29.98 27.92 2.10
C ILE A 351 -30.12 28.07 3.62
N ASN A 352 -31.30 28.55 4.05
CA ASN A 352 -31.64 28.65 5.47
C ASN A 352 -30.65 29.54 6.23
N ASN A 353 -30.43 30.74 5.70
CA ASN A 353 -29.63 31.77 6.37
C ASN A 353 -28.23 31.30 6.71
N SER A 354 -27.60 30.58 5.78
CA SER A 354 -26.24 30.11 6.00
C SER A 354 -25.62 29.70 4.66
N TRP A 355 -24.38 30.15 4.43
CA TRP A 355 -23.63 29.71 3.27
C TRP A 355 -23.08 28.31 3.52
N LYS A 356 -23.27 27.42 2.55
CA LYS A 356 -22.83 26.04 2.68
C LYS A 356 -22.10 25.61 1.41
N PHE A 357 -21.12 24.74 1.56
CA PHE A 357 -20.45 24.12 0.43
C PHE A 357 -20.14 22.67 0.77
N ASN A 358 -20.32 21.79 -0.22
CA ASN A 358 -20.07 20.37 -0.06
C ASN A 358 -19.85 19.76 -1.43
N SER A 359 -18.73 19.06 -1.59
CA SER A 359 -18.37 18.46 -2.87
C SER A 359 -19.00 17.09 -3.09
N GLU A 360 -19.74 16.58 -2.12
CA GLU A 360 -20.39 15.28 -2.24
C GLU A 360 -21.86 15.35 -1.84
N GLU A 361 -22.53 16.45 -2.20
CA GLU A 361 -23.93 16.63 -1.87
C GLU A 361 -24.53 17.57 -2.91
N PRO A 362 -25.72 17.29 -3.43
CA PRO A 362 -26.31 18.15 -4.46
C PRO A 362 -26.80 19.47 -3.89
N LEU A 363 -25.87 20.34 -3.49
CA LEU A 363 -26.26 21.56 -2.80
C LEU A 363 -26.93 22.57 -3.73
N ILE A 364 -26.51 22.62 -5.00
CA ILE A 364 -27.13 23.56 -5.93
C ILE A 364 -28.58 23.16 -6.22
N THR A 365 -28.85 21.86 -6.34
CA THR A 365 -30.22 21.41 -6.57
C THR A 365 -31.08 21.61 -5.33
N LYS A 366 -30.49 21.49 -4.14
CA LYS A 366 -31.22 21.80 -2.92
C LYS A 366 -31.66 23.26 -2.90
N LEU A 367 -30.77 24.16 -3.33
CA LEU A 367 -31.13 25.57 -3.43
C LEU A 367 -32.18 25.80 -4.51
N ILE A 368 -32.07 25.10 -5.64
CA ILE A 368 -33.03 25.26 -6.72
C ILE A 368 -34.43 24.87 -6.24
N LEU A 369 -34.53 23.77 -5.48
CA LEU A 369 -35.82 23.37 -4.95
C LEU A 369 -36.34 24.37 -3.93
N SER A 370 -35.48 24.85 -3.03
CA SER A 370 -35.94 25.73 -1.96
C SER A 370 -36.27 27.11 -2.48
N ILE A 371 -35.51 27.60 -3.47
CA ILE A 371 -35.75 28.93 -4.01
C ILE A 371 -37.01 29.00 -4.87
N ARG A 372 -37.66 27.86 -5.11
CA ARG A 372 -38.79 27.81 -6.03
C ARG A 372 -39.96 28.68 -5.58
N HIS A 373 -40.02 29.05 -4.31
CA HIS A 373 -41.11 29.88 -3.81
C HIS A 373 -40.93 31.35 -4.16
N GLN A 374 -39.72 31.79 -4.49
CA GLN A 374 -39.49 33.18 -4.86
C GLN A 374 -39.59 33.44 -6.36
N LEU A 375 -39.64 32.40 -7.18
CA LEU A 375 -39.83 32.58 -8.61
C LEU A 375 -41.32 32.73 -8.94
N PRO A 376 -41.64 33.28 -10.10
CA PRO A 376 -43.06 33.45 -10.47
C PRO A 376 -43.81 32.12 -10.54
N LYS A 377 -45.12 32.23 -10.72
CA LYS A 377 -46.00 31.07 -10.63
C LYS A 377 -45.70 30.05 -11.72
N GLU A 378 -45.51 30.50 -12.95
CA GLU A 378 -45.31 29.56 -14.05
C GLU A 378 -43.92 28.93 -14.03
N TYR A 379 -42.97 29.54 -13.35
CA TYR A 379 -41.62 29.00 -13.25
C TYR A 379 -41.45 28.01 -12.11
N SER A 380 -42.44 27.92 -11.20
CA SER A 380 -42.29 27.10 -10.01
C SER A 380 -42.64 25.64 -10.25
N SER A 381 -43.63 25.36 -11.11
CA SER A 381 -44.01 23.98 -11.37
C SER A 381 -42.93 23.23 -12.12
N GLU A 382 -42.16 23.91 -12.97
CA GLU A 382 -41.11 23.27 -13.73
C GLU A 382 -39.96 22.77 -12.87
N LEU A 383 -39.85 23.25 -11.63
CA LEU A 383 -38.76 22.88 -10.75
C LEU A 383 -39.06 21.67 -9.88
N LEU A 384 -40.28 21.12 -9.97
CA LEU A 384 -40.64 19.93 -9.22
C LEU A 384 -40.08 18.65 -9.82
N CYS A 385 -39.78 18.65 -11.12
CA CYS A 385 -39.19 17.48 -11.76
C CYS A 385 -37.69 17.47 -11.50
N PRO A 386 -37.13 16.39 -10.96
CA PRO A 386 -35.68 16.37 -10.71
C PRO A 386 -34.85 16.58 -11.97
N ARG A 387 -35.23 15.99 -13.11
CA ARG A 387 -34.40 16.04 -14.30
C ARG A 387 -34.19 17.47 -14.78
N LYS A 388 -35.21 18.31 -14.65
CA LYS A 388 -35.08 19.71 -15.05
C LYS A 388 -34.25 20.51 -14.05
N ARG A 389 -34.19 20.08 -12.80
CA ARG A 389 -33.33 20.75 -11.83
C ARG A 389 -31.84 20.53 -12.13
N LYS A 390 -31.46 19.35 -12.64
CA LYS A 390 -30.08 19.20 -13.09
C LYS A 390 -29.79 20.04 -14.33
N THR A 391 -30.79 20.26 -15.18
CA THR A 391 -30.60 21.18 -16.30
C THR A 391 -30.36 22.60 -15.82
N VAL A 392 -31.16 23.06 -14.84
CA VAL A 392 -30.94 24.38 -14.26
C VAL A 392 -29.58 24.46 -13.58
N GLU A 393 -29.17 23.37 -12.91
CA GLU A 393 -27.87 23.35 -12.26
C GLU A 393 -26.73 23.44 -13.26
N ALA A 394 -26.86 22.74 -14.39
CA ALA A 394 -25.85 22.83 -15.44
C ALA A 394 -25.77 24.24 -16.00
N ASN A 395 -26.92 24.87 -16.23
CA ASN A 395 -26.92 26.25 -16.69
C ASN A 395 -26.25 27.17 -15.68
N ILE A 396 -26.52 26.97 -14.39
CA ILE A 396 -25.93 27.81 -13.36
C ILE A 396 -24.42 27.61 -13.32
N ARG A 397 -23.97 26.36 -13.38
CA ARG A 397 -22.54 26.08 -13.35
C ARG A 397 -21.83 26.62 -14.58
N ASP A 398 -22.53 26.70 -15.71
CA ASP A 398 -21.95 27.33 -16.89
C ASP A 398 -21.93 28.85 -16.77
N MET A 399 -22.91 29.43 -16.08
CA MET A 399 -22.94 30.88 -15.88
C MET A 399 -21.86 31.38 -14.95
N LEU A 400 -21.37 30.53 -14.04
CA LEU A 400 -20.46 30.95 -12.98
C LEU A 400 -19.04 30.94 -13.51
N VAL A 401 -18.59 32.09 -14.01
CA VAL A 401 -17.24 32.22 -14.55
C VAL A 401 -16.38 32.99 -13.57
N ASP A 402 -16.96 33.99 -12.91
CA ASP A 402 -16.23 34.83 -11.97
C ASP A 402 -15.93 34.05 -10.68
N SER A 403 -15.27 34.72 -9.75
CA SER A 403 -14.91 34.12 -8.47
C SER A 403 -14.82 35.22 -7.43
N VAL A 404 -15.58 35.09 -6.35
CA VAL A 404 -15.68 36.11 -5.32
C VAL A 404 -14.99 35.60 -4.06
N GLU A 405 -14.22 36.49 -3.43
CA GLU A 405 -13.52 36.16 -2.19
C GLU A 405 -14.53 35.92 -1.06
N THR A 406 -14.18 35.01 -0.16
CA THR A 406 -15.06 34.59 0.92
C THR A 406 -14.32 34.67 2.25
N ASP A 407 -15.09 34.82 3.33
CA ASP A 407 -14.58 34.80 4.70
C ASP A 407 -13.50 35.86 4.91
N THR A 408 -13.87 37.10 4.61
CA THR A 408 -12.96 38.23 4.75
C THR A 408 -13.26 39.09 5.98
N TYR A 409 -14.12 38.61 6.87
CA TYR A 409 -14.45 39.34 8.10
C TYR A 409 -13.97 38.53 9.30
N PRO A 410 -12.85 38.92 9.92
CA PRO A 410 -12.29 38.12 11.02
C PRO A 410 -13.01 38.28 12.35
N ASP A 411 -13.99 39.16 12.46
CA ASP A 411 -14.70 39.41 13.71
C ASP A 411 -16.18 39.12 13.57
N LYS A 412 -16.52 38.01 12.91
CA LYS A 412 -17.90 37.57 12.75
C LYS A 412 -18.00 36.10 13.13
N LEU A 413 -19.04 35.76 13.88
CA LEU A 413 -19.26 34.38 14.31
C LEU A 413 -20.43 33.79 13.55
N PRO A 414 -20.21 32.85 12.63
CA PRO A 414 -21.31 32.33 11.81
C PRO A 414 -22.08 31.24 12.55
N PHE A 415 -23.39 31.43 12.68
CA PHE A 415 -24.29 30.42 13.21
C PHE A 415 -25.16 29.87 12.10
N LYS A 416 -25.93 28.84 12.43
CA LYS A 416 -26.77 28.20 11.43
C LYS A 416 -27.95 29.07 11.00
N ASN A 417 -28.23 30.16 11.72
CA ASN A 417 -29.35 31.03 11.39
C ASN A 417 -28.97 32.50 11.42
N GLY A 418 -27.69 32.81 11.29
CA GLY A 418 -27.26 34.20 11.30
C GLY A 418 -25.79 34.31 11.64
N VAL A 419 -25.33 35.56 11.70
CA VAL A 419 -23.95 35.90 12.00
C VAL A 419 -23.93 36.87 13.18
N LEU A 420 -23.11 36.56 14.18
CA LEU A 420 -22.98 37.38 15.37
C LEU A 420 -21.72 38.21 15.32
N ASP A 421 -21.86 39.52 15.54
CA ASP A 421 -20.71 40.41 15.58
C ASP A 421 -20.01 40.28 16.93
N LEU A 422 -18.67 40.19 16.90
CA LEU A 422 -17.89 40.04 18.12
C LEU A 422 -17.37 41.35 18.68
N VAL A 423 -17.57 42.47 17.98
CA VAL A 423 -17.16 43.77 18.51
C VAL A 423 -18.29 44.41 19.30
N ASP A 424 -19.49 44.45 18.74
CA ASP A 424 -20.69 44.81 19.49
C ASP A 424 -21.47 43.54 19.80
N GLY A 425 -22.68 43.70 20.35
CA GLY A 425 -23.53 42.57 20.67
C GLY A 425 -24.60 42.26 19.65
N MET A 426 -24.57 42.89 18.49
CA MET A 426 -25.64 42.73 17.51
C MET A 426 -25.56 41.37 16.82
N PHE A 427 -26.73 40.76 16.62
CA PHE A 427 -26.85 39.51 15.88
C PHE A 427 -27.68 39.77 14.62
N TYR A 428 -27.13 39.38 13.48
CA TYR A 428 -27.75 39.60 12.18
C TYR A 428 -28.25 38.28 11.62
N SER A 429 -29.52 38.25 11.21
CA SER A 429 -30.13 37.06 10.61
C SER A 429 -30.90 37.47 9.37
N GLY A 430 -30.70 36.73 8.28
CA GLY A 430 -31.39 37.03 7.03
C GLY A 430 -30.48 37.62 5.98
N ASP A 431 -30.96 38.64 5.27
CA ASP A 431 -30.13 39.30 4.27
C ASP A 431 -29.00 40.11 4.89
N ASP A 432 -29.15 40.53 6.14
CA ASP A 432 -28.07 41.25 6.82
C ASP A 432 -26.86 40.35 7.01
N ALA A 433 -27.09 39.10 7.41
CA ALA A 433 -25.99 38.15 7.58
C ALA A 433 -25.41 37.67 6.25
N LYS A 434 -26.08 37.94 5.13
CA LYS A 434 -25.62 37.50 3.83
C LYS A 434 -24.44 38.30 3.32
N LYS A 435 -24.28 39.55 3.78
CA LYS A 435 -23.16 40.38 3.32
C LYS A 435 -21.83 39.75 3.67
N TYR A 436 -21.70 39.21 4.88
CA TYR A 436 -20.49 38.54 5.33
C TYR A 436 -20.53 37.11 4.81
N THR A 437 -19.74 36.82 3.77
CA THR A 437 -19.75 35.50 3.15
C THR A 437 -18.98 34.54 4.05
N CYS A 438 -19.66 34.11 5.11
CA CYS A 438 -19.11 33.13 6.05
C CYS A 438 -19.55 31.75 5.60
N THR A 439 -18.67 31.07 4.87
CA THR A 439 -19.00 29.77 4.28
C THR A 439 -19.03 28.64 5.28
N VAL A 440 -18.46 28.82 6.47
CA VAL A 440 -18.53 27.84 7.53
C VAL A 440 -19.53 28.33 8.58
N SER A 441 -19.84 27.46 9.54
CA SER A 441 -20.81 27.79 10.56
C SER A 441 -20.56 26.93 11.79
N THR A 442 -21.14 27.35 12.91
CA THR A 442 -21.03 26.57 14.13
C THR A 442 -21.80 25.26 14.05
N GLY A 443 -22.85 25.22 13.22
CA GLY A 443 -23.66 24.04 13.04
C GLY A 443 -24.95 24.04 13.81
N PHE A 444 -25.09 24.91 14.82
CA PHE A 444 -26.31 25.00 15.60
C PHE A 444 -26.85 26.42 15.53
N LYS A 445 -28.10 26.58 15.97
CA LYS A 445 -28.79 27.85 15.90
C LYS A 445 -28.47 28.72 17.10
N PHE A 446 -28.59 30.02 16.92
CA PHE A 446 -28.34 30.99 17.99
C PHE A 446 -29.64 31.24 18.75
N ASP A 447 -29.69 30.80 20.01
CA ASP A 447 -30.85 31.00 20.87
C ASP A 447 -30.52 32.11 21.86
N ASP A 448 -31.14 33.27 21.69
CA ASP A 448 -30.89 34.41 22.56
C ASP A 448 -31.75 34.36 23.81
N THR A 449 -31.71 33.23 24.51
CA THR A 449 -32.32 33.08 25.82
C THR A 449 -31.32 32.74 26.91
N LYS A 450 -30.24 32.04 26.57
CA LYS A 450 -29.15 31.77 27.51
C LYS A 450 -27.94 32.66 27.28
N PHE A 451 -27.93 33.46 26.23
CA PHE A 451 -26.83 34.37 25.93
C PHE A 451 -27.09 35.72 26.62
N VAL A 452 -27.04 35.70 27.95
CA VAL A 452 -27.34 36.91 28.71
C VAL A 452 -26.17 37.27 29.64
N GLU A 453 -25.90 36.40 30.62
CA GLU A 453 -25.01 36.60 31.77
C GLU A 453 -25.65 35.94 32.99
N ASP A 454 -26.96 36.09 33.13
CA ASP A 454 -27.71 35.52 34.23
C ASP A 454 -28.01 34.04 33.97
N SER A 455 -28.96 33.48 34.73
CA SER A 455 -29.39 32.08 34.67
C SER A 455 -28.36 31.20 35.36
N PRO A 456 -28.77 30.11 36.00
CA PRO A 456 -27.83 29.36 36.84
C PRO A 456 -26.74 28.64 36.07
N GLU A 457 -26.88 28.49 34.74
CA GLU A 457 -25.84 27.84 33.96
C GLU A 457 -24.53 28.63 34.04
N MET A 458 -24.62 29.96 33.99
CA MET A 458 -23.41 30.78 34.10
C MET A 458 -22.75 30.63 35.46
N GLU A 459 -23.54 30.62 36.53
CA GLU A 459 -22.98 30.48 37.87
C GLU A 459 -22.27 29.14 38.04
N GLU A 460 -22.88 28.06 37.55
CA GLU A 460 -22.23 26.75 37.61
C GLU A 460 -20.97 26.74 36.74
N LEU A 461 -21.05 27.32 35.54
CA LEU A 461 -19.90 27.32 34.64
C LEU A 461 -18.74 28.13 35.23
N MET A 462 -19.03 29.30 35.82
CA MET A 462 -17.97 30.12 36.39
C MET A 462 -17.26 29.40 37.52
N ASN A 463 -17.94 28.51 38.24
CA ASN A 463 -17.27 27.69 39.23
C ASN A 463 -16.35 26.67 38.57
N ILE A 464 -16.77 26.12 37.43
CA ILE A 464 -15.94 25.15 36.71
C ILE A 464 -14.66 25.80 36.22
N ILE A 465 -14.78 26.98 35.61
CA ILE A 465 -13.61 27.66 35.07
C ILE A 465 -12.69 28.15 36.20
N ASN A 466 -13.28 28.68 37.27
CA ASN A 466 -12.48 29.22 38.37
C ASN A 466 -11.77 28.13 39.15
N ASP A 467 -12.16 26.86 39.00
CA ASP A 467 -11.43 25.76 39.59
C ASP A 467 -10.34 25.24 38.68
N ILE A 468 -10.57 25.23 37.37
CA ILE A 468 -9.54 24.82 36.42
C ILE A 468 -8.38 25.81 36.45
N GLN A 469 -8.70 27.10 36.39
CA GLN A 469 -7.69 28.17 36.45
C GLN A 469 -8.09 29.16 37.53
N PRO A 470 -7.56 29.02 38.74
CA PRO A 470 -7.94 29.92 39.83
C PRO A 470 -7.52 31.35 39.57
N LEU A 471 -8.25 32.27 40.19
CA LEU A 471 -8.05 33.71 40.02
C LEU A 471 -6.93 34.25 40.92
N THR A 472 -6.04 33.38 41.39
CA THR A 472 -4.96 33.83 42.27
C THR A 472 -3.96 34.69 41.51
N ASP A 473 -3.19 35.47 42.28
CA ASP A 473 -2.23 36.39 41.67
C ASP A 473 -1.10 35.67 40.97
N GLU A 474 -0.64 34.54 41.52
CA GLU A 474 0.40 33.76 40.85
C GLU A 474 -0.12 33.14 39.55
N ASN A 475 -1.42 32.94 39.42
CA ASN A 475 -2.03 32.45 38.20
C ASN A 475 -2.54 33.57 37.30
N LYS A 476 -2.31 34.83 37.67
CA LYS A 476 -2.90 35.94 36.94
C LYS A 476 -2.46 35.96 35.48
N LYS A 477 -1.14 35.90 35.24
CA LYS A 477 -0.64 35.87 33.88
C LYS A 477 -1.10 34.61 33.15
N ASN A 478 -1.05 33.46 33.84
CA ASN A 478 -1.51 32.23 33.24
C ASN A 478 -3.00 32.27 32.95
N ARG A 479 -3.80 32.84 33.86
CA ARG A 479 -5.23 32.95 33.62
C ARG A 479 -5.52 33.87 32.43
N GLU A 480 -4.78 34.97 32.30
CA GLU A 480 -4.97 35.86 31.17
C GLU A 480 -4.58 35.17 29.86
N LEU A 481 -3.49 34.41 29.86
CA LEU A 481 -3.11 33.67 28.67
C LEU A 481 -4.15 32.60 28.33
N TYR A 482 -4.76 32.01 29.35
CA TYR A 482 -5.83 31.04 29.15
C TYR A 482 -7.05 31.69 28.52
N GLU A 483 -7.41 32.87 28.99
CA GLU A 483 -8.56 33.58 28.43
C GLU A 483 -8.30 34.04 27.00
N LYS A 484 -7.09 34.55 26.74
CA LYS A 484 -6.78 35.08 25.41
C LYS A 484 -6.73 33.98 24.36
N THR A 485 -6.21 32.81 24.71
CA THR A 485 -6.13 31.72 23.75
C THR A 485 -7.51 31.19 23.39
N LEU A 486 -8.38 31.02 24.39
CA LEU A 486 -9.72 30.51 24.13
C LEU A 486 -10.55 31.51 23.33
N SER A 487 -10.44 32.79 23.66
CA SER A 487 -11.18 33.82 22.92
C SER A 487 -10.64 33.99 21.50
N SER A 488 -9.42 33.53 21.22
CA SER A 488 -8.89 33.59 19.87
C SER A 488 -9.60 32.63 18.92
N CYS A 489 -10.23 31.59 19.46
CA CYS A 489 -10.97 30.65 18.63
C CYS A 489 -12.22 31.28 18.02
N LEU A 490 -12.67 32.42 18.55
CA LEU A 490 -13.80 33.13 17.97
C LEU A 490 -13.39 33.87 16.70
N CYS A 491 -12.19 34.45 16.68
CA CYS A 491 -11.73 35.24 15.55
C CYS A 491 -11.29 34.32 14.41
N GLY A 492 -11.83 34.57 13.22
CA GLY A 492 -11.41 33.83 12.05
C GLY A 492 -10.33 34.54 11.29
N ALA A 493 -9.08 34.17 11.55
CA ALA A 493 -7.92 34.77 10.92
C ALA A 493 -6.71 33.87 11.18
N THR A 494 -5.58 34.24 10.59
CA THR A 494 -4.36 33.46 10.78
C THR A 494 -3.71 33.82 12.11
N LYS A 495 -3.44 32.82 12.93
CA LYS A 495 -2.86 33.00 14.25
C LYS A 495 -1.38 32.65 14.22
N GLY A 496 -0.56 33.54 14.77
CA GLY A 496 0.88 33.40 14.69
C GLY A 496 1.53 32.53 15.74
N CYS A 497 0.77 31.92 16.64
CA CYS A 497 1.33 31.11 17.70
C CYS A 497 0.59 29.78 17.79
N LEU A 498 1.31 28.75 18.21
CA LEU A 498 0.74 27.44 18.51
C LEU A 498 0.76 27.23 20.01
N THR A 499 -0.41 27.09 20.61
CA THR A 499 -0.53 27.01 22.06
C THR A 499 -0.47 25.56 22.52
N PHE A 500 0.25 25.34 23.62
CA PHE A 500 0.35 24.02 24.25
C PHE A 500 -0.37 24.05 25.58
N PHE A 501 -1.28 23.11 25.79
CA PHE A 501 -1.98 22.95 27.06
C PHE A 501 -1.22 21.90 27.87
N PHE A 502 -0.47 22.35 28.86
CA PHE A 502 0.40 21.48 29.65
C PHE A 502 -0.19 21.27 31.04
N GLY A 503 -0.17 20.03 31.48
CA GLY A 503 -0.63 19.69 32.82
C GLY A 503 -0.50 18.20 33.02
N GLU A 504 -0.73 17.79 34.26
CA GLU A 504 -0.72 16.38 34.61
C GLU A 504 -2.12 15.80 34.48
N THR A 505 -2.32 14.60 35.00
CA THR A 505 -3.61 13.95 34.88
C THR A 505 -4.66 14.64 35.74
N ALA A 506 -5.91 14.60 35.27
CA ALA A 506 -7.05 15.19 35.98
C ALA A 506 -6.83 16.67 36.27
N THR A 507 -6.32 17.40 35.28
CA THR A 507 -6.09 18.84 35.42
C THR A 507 -7.14 19.69 34.72
N GLY A 508 -8.00 19.10 33.91
CA GLY A 508 -9.07 19.82 33.26
C GLY A 508 -8.80 20.25 31.83
N LYS A 509 -7.72 19.78 31.21
CA LYS A 509 -7.43 20.15 29.83
C LYS A 509 -8.52 19.62 28.89
N SER A 510 -8.86 18.34 29.02
CA SER A 510 -9.90 17.76 28.18
C SER A 510 -11.26 18.36 28.49
N THR A 511 -11.50 18.74 29.75
CA THR A 511 -12.74 19.42 30.08
C THR A 511 -12.82 20.77 29.36
N THR A 512 -11.71 21.50 29.32
CA THR A 512 -11.68 22.76 28.59
C THR A 512 -11.91 22.53 27.10
N LYS A 513 -11.30 21.49 26.53
CA LYS A 513 -11.51 21.18 25.12
C LYS A 513 -12.96 20.84 24.83
N ARG A 514 -13.59 20.05 25.70
CA ARG A 514 -14.98 19.66 25.49
C ARG A 514 -15.93 20.84 25.69
N LEU A 515 -15.60 21.76 26.59
CA LEU A 515 -16.37 22.99 26.70
C LEU A 515 -16.24 23.82 25.44
N LEU A 516 -15.02 23.90 24.88
CA LEU A 516 -14.80 24.66 23.65
C LEU A 516 -15.59 24.06 22.49
N LYS A 517 -15.61 22.73 22.39
CA LYS A 517 -16.28 22.09 21.26
C LYS A 517 -17.77 22.39 21.26
N SER A 518 -18.41 22.34 22.44
CA SER A 518 -19.83 22.64 22.51
C SER A 518 -20.11 24.11 22.24
N ALA A 519 -19.15 24.99 22.54
CA ALA A 519 -19.36 26.42 22.34
C ALA A 519 -19.36 26.80 20.87
N ILE A 520 -18.41 26.28 20.10
CA ILE A 520 -18.26 26.67 18.70
C ILE A 520 -18.70 25.58 17.72
N GLY A 521 -18.91 24.36 18.17
CA GLY A 521 -19.51 23.35 17.31
C GLY A 521 -18.65 23.00 16.12
N ASP A 522 -19.20 23.19 14.92
CA ASP A 522 -18.54 22.79 13.68
C ASP A 522 -17.29 23.61 13.37
N LEU A 523 -17.10 24.76 14.03
CA LEU A 523 -15.87 25.52 13.89
C LEU A 523 -14.71 24.89 14.67
N PHE A 524 -14.89 23.66 15.13
CA PHE A 524 -13.91 22.96 15.95
C PHE A 524 -13.65 21.60 15.32
N VAL A 525 -12.37 21.26 15.13
CA VAL A 525 -12.00 19.99 14.54
C VAL A 525 -10.80 19.43 15.29
N GLU A 526 -10.72 18.11 15.39
CA GLU A 526 -9.60 17.41 15.98
C GLU A 526 -8.86 16.66 14.88
N THR A 527 -7.54 16.75 14.88
CA THR A 527 -6.71 16.13 13.86
C THR A 527 -5.70 15.18 14.51
N GLY A 528 -5.07 14.36 13.67
CA GLY A 528 -4.10 13.39 14.14
C GLY A 528 -2.75 14.00 14.43
N GLN A 529 -1.82 13.13 14.81
CA GLN A 529 -0.47 13.55 15.17
C GLN A 529 0.42 13.77 13.96
N THR A 530 0.00 13.32 12.77
CA THR A 530 0.82 13.46 11.57
C THR A 530 0.92 14.91 11.07
N ILE A 531 0.04 15.80 11.55
CA ILE A 531 0.14 17.20 11.16
C ILE A 531 1.33 17.90 11.81
N LEU A 532 1.98 17.26 12.79
CA LEU A 532 3.12 17.84 13.46
C LEU A 532 4.39 17.00 13.37
N THR A 533 4.28 15.70 13.06
CA THR A 533 5.43 14.81 13.04
C THR A 533 5.74 14.20 11.69
N ASP A 534 4.81 14.25 10.73
CA ASP A 534 4.97 13.59 9.45
C ASP A 534 4.88 14.60 8.32
N VAL A 535 5.63 14.35 7.25
CA VAL A 535 5.62 15.25 6.09
C VAL A 535 4.25 15.17 5.43
N LEU A 536 3.67 16.35 5.16
CA LEU A 536 2.28 16.43 4.74
C LEU A 536 2.09 16.03 3.27
N ASP A 537 3.05 16.36 2.42
CA ASP A 537 2.88 16.24 0.97
C ASP A 537 3.05 14.79 0.53
N LYS A 538 1.96 14.03 0.67
CA LYS A 538 1.91 12.68 0.09
C LYS A 538 0.44 12.26 0.00
N GLY A 539 -0.05 12.11 -1.23
CA GLY A 539 -1.39 11.61 -1.46
C GLY A 539 -2.48 12.46 -0.84
N PRO A 540 -3.69 11.92 -0.74
CA PRO A 540 -4.75 12.61 0.00
C PRO A 540 -4.38 12.75 1.47
N ASN A 541 -4.72 13.90 2.05
CA ASN A 541 -4.46 14.19 3.46
C ASN A 541 -5.71 14.76 4.09
N PRO A 542 -6.70 13.91 4.41
CA PRO A 542 -7.93 14.42 5.04
C PRO A 542 -7.68 15.09 6.37
N PHE A 543 -6.63 14.71 7.09
CA PHE A 543 -6.33 15.34 8.38
C PHE A 543 -5.88 16.78 8.22
N ILE A 544 -5.44 17.18 7.03
CA ILE A 544 -5.10 18.57 6.75
C ILE A 544 -6.22 19.27 5.98
N ALA A 545 -6.87 18.57 5.06
CA ALA A 545 -7.98 19.14 4.31
C ALA A 545 -9.18 19.46 5.19
N ASN A 546 -9.28 18.85 6.36
CA ASN A 546 -10.41 19.09 7.25
C ASN A 546 -10.23 20.32 8.13
N MET A 547 -9.04 20.92 8.13
CA MET A 547 -8.78 22.14 8.88
C MET A 547 -9.07 23.40 8.07
N HIS A 548 -9.64 23.25 6.88
CA HIS A 548 -9.95 24.40 6.03
C HIS A 548 -11.02 25.27 6.67
N LEU A 549 -10.68 26.52 6.94
CA LEU A 549 -11.55 27.56 7.51
C LEU A 549 -11.96 27.27 8.95
N LYS A 550 -11.52 26.17 9.54
CA LYS A 550 -11.81 25.92 10.94
C LYS A 550 -11.07 26.92 11.81
N ARG A 551 -11.71 27.31 12.91
CA ARG A 551 -11.17 28.32 13.81
C ARG A 551 -10.52 27.74 15.06
N SER A 552 -10.48 26.42 15.19
CA SER A 552 -9.86 25.79 16.36
C SER A 552 -9.50 24.35 16.00
N VAL A 553 -8.21 24.02 16.06
CA VAL A 553 -7.72 22.68 15.79
C VAL A 553 -7.05 22.16 17.05
N PHE A 554 -7.50 21.00 17.52
CA PHE A 554 -6.95 20.36 18.70
C PHE A 554 -6.23 19.08 18.29
N CYS A 555 -4.98 18.94 18.73
CA CYS A 555 -4.20 17.72 18.55
C CYS A 555 -3.80 17.23 19.93
N SER A 556 -4.55 16.26 20.46
CA SER A 556 -4.39 15.82 21.83
C SER A 556 -3.38 14.68 21.93
N GLU A 557 -2.99 14.39 23.17
CA GLU A 557 -2.15 13.24 23.50
C GLU A 557 -0.79 13.31 22.80
N LEU A 558 -0.02 14.31 23.15
CA LEU A 558 1.37 14.39 22.72
C LEU A 558 2.16 13.25 23.35
N PRO A 559 2.79 12.38 22.57
CA PRO A 559 3.51 11.25 23.18
C PRO A 559 4.80 11.67 23.84
N ASP A 560 5.41 10.77 24.62
CA ASP A 560 6.69 11.05 25.28
C ASP A 560 7.82 10.80 24.27
N PHE A 561 8.02 11.79 23.41
CA PHE A 561 9.07 11.71 22.40
C PHE A 561 10.46 11.71 23.03
N ALA A 562 10.59 12.21 24.26
CA ALA A 562 11.88 12.24 24.95
C ALA A 562 12.19 10.86 25.53
N CYS A 563 12.19 9.87 24.65
CA CYS A 563 12.44 8.49 25.02
C CYS A 563 13.06 7.79 23.82
N SER A 564 13.05 6.46 23.83
CA SER A 564 13.60 5.67 22.73
C SER A 564 12.51 5.33 21.73
N GLY A 565 12.84 5.47 20.46
CA GLY A 565 11.90 5.14 19.39
C GLY A 565 10.73 6.07 19.28
N SER A 566 10.98 7.32 18.89
CA SER A 566 9.93 8.32 18.79
C SER A 566 10.35 9.38 17.79
N LYS A 567 9.36 10.19 17.37
CA LYS A 567 9.57 11.27 16.42
C LYS A 567 9.46 12.59 17.17
N LYS A 568 10.50 13.40 17.11
CA LYS A 568 10.52 14.67 17.83
C LYS A 568 9.90 15.75 16.96
N ILE A 569 8.59 15.96 17.13
CA ILE A 569 7.68 16.79 16.32
C ILE A 569 8.31 17.12 14.98
N ARG A 570 8.29 18.40 14.58
CA ARG A 570 8.94 18.89 13.36
C ARG A 570 8.92 20.41 13.38
N SER A 571 10.08 21.05 13.22
CA SER A 571 10.14 22.50 13.24
C SER A 571 9.68 23.12 11.92
N ASP A 572 9.70 22.36 10.82
CA ASP A 572 9.23 22.89 9.55
C ASP A 572 7.70 22.88 9.46
N ASN A 573 7.05 21.92 10.11
CA ASN A 573 5.59 21.88 10.10
C ASN A 573 5.00 23.09 10.82
N ILE A 574 5.62 23.51 11.92
CA ILE A 574 5.14 24.69 12.64
C ILE A 574 5.19 25.92 11.75
N LYS A 575 6.23 26.03 10.93
CA LYS A 575 6.30 27.14 9.98
C LYS A 575 5.15 27.08 8.98
N LYS A 576 4.85 25.88 8.47
CA LYS A 576 3.74 25.73 7.53
C LYS A 576 2.39 25.90 8.21
N LEU A 577 2.26 25.43 9.45
CA LEU A 577 1.00 25.54 10.18
C LEU A 577 0.71 26.97 10.63
N THR A 578 1.72 27.84 10.65
CA THR A 578 1.51 29.25 10.94
C THR A 578 1.25 30.08 9.69
N GLU A 579 1.58 29.56 8.51
CA GLU A 579 1.37 30.25 7.26
C GLU A 579 -0.13 30.34 6.94
N PRO A 580 -0.55 31.41 6.26
CA PRO A 580 -1.98 31.56 5.94
C PRO A 580 -2.53 30.47 5.03
N CYS A 581 -1.68 29.74 4.32
CA CYS A 581 -2.11 28.70 3.40
C CYS A 581 -1.47 27.38 3.81
N VAL A 582 -2.29 26.33 3.86
CA VAL A 582 -1.85 24.98 4.22
C VAL A 582 -2.17 24.06 3.04
N ILE A 583 -1.20 23.24 2.64
CA ILE A 583 -1.34 22.38 1.48
C ILE A 583 -1.86 21.02 1.93
N GLY A 584 -2.89 20.54 1.24
CA GLY A 584 -3.49 19.25 1.54
C GLY A 584 -4.78 19.03 0.80
N ARG A 585 -5.01 17.82 0.30
CA ARG A 585 -6.19 17.54 -0.50
C ARG A 585 -6.96 16.36 0.06
N PRO A 586 -8.27 16.35 -0.10
CA PRO A 586 -9.08 15.22 0.36
C PRO A 586 -9.04 14.07 -0.64
N CYS A 587 -9.82 13.04 -0.34
CA CYS A 587 -9.93 11.90 -1.23
C CYS A 587 -10.90 12.21 -2.37
N PHE A 588 -10.49 11.83 -3.59
CA PHE A 588 -11.27 12.08 -4.80
C PHE A 588 -11.57 13.57 -4.98
N SER A 589 -10.59 14.41 -4.64
CA SER A 589 -10.73 15.86 -4.77
C SER A 589 -9.40 16.45 -5.20
N ASN A 590 -9.48 17.56 -5.93
CA ASN A 590 -8.30 18.25 -6.45
C ASN A 590 -7.98 19.53 -5.70
N LYS A 591 -8.78 19.91 -4.72
CA LYS A 591 -8.59 21.17 -4.01
C LYS A 591 -7.49 20.99 -2.97
N ILE A 592 -6.35 21.65 -3.20
CA ILE A 592 -5.16 21.44 -2.40
C ILE A 592 -4.82 22.63 -1.50
N ASN A 593 -5.47 23.78 -1.68
CA ASN A 593 -5.21 24.96 -0.87
C ASN A 593 -6.26 25.08 0.23
N ASN A 594 -5.79 25.21 1.46
CA ASN A 594 -6.66 25.39 2.62
C ASN A 594 -6.27 26.68 3.34
N ARG A 595 -7.27 27.44 3.76
CA ARG A 595 -7.05 28.68 4.48
C ARG A 595 -6.90 28.40 5.97
N ASN A 596 -5.84 28.92 6.57
CA ASN A 596 -5.53 28.68 7.97
C ASN A 596 -6.18 29.76 8.82
N HIS A 597 -7.26 29.40 9.51
CA HIS A 597 -7.99 30.31 10.39
C HIS A 597 -8.02 29.83 11.83
N ALA A 598 -7.23 28.81 12.16
CA ALA A 598 -7.42 28.04 13.38
C ALA A 598 -6.41 28.42 14.46
N THR A 599 -6.88 28.49 15.70
CA THR A 599 -6.01 28.49 16.86
C THR A 599 -5.68 27.04 17.19
N ILE A 600 -4.42 26.65 17.02
CA ILE A 600 -4.01 25.26 17.18
C ILE A 600 -3.55 25.06 18.62
N ILE A 601 -4.25 24.18 19.34
CA ILE A 601 -3.93 23.86 20.73
C ILE A 601 -3.62 22.37 20.81
N ILE A 602 -2.57 22.04 21.57
CA ILE A 602 -2.12 20.67 21.74
C ILE A 602 -2.23 20.31 23.22
N ASP A 603 -2.92 19.21 23.51
CA ASP A 603 -3.08 18.74 24.88
C ASP A 603 -1.88 17.88 25.25
N THR A 604 -1.13 18.32 26.27
CA THR A 604 0.16 17.73 26.58
C THR A 604 0.25 17.40 28.06
N ASN A 605 0.76 16.20 28.36
CA ASN A 605 1.31 15.90 29.68
C ASN A 605 2.81 16.13 29.73
N TYR A 606 3.45 16.41 28.60
CA TYR A 606 4.88 16.64 28.52
C TYR A 606 5.14 17.83 27.61
N LYS A 607 6.07 18.69 28.00
CA LYS A 607 6.35 19.88 27.21
C LYS A 607 7.09 19.50 25.92
N PRO A 608 6.83 20.19 24.82
CA PRO A 608 7.36 19.74 23.52
C PRO A 608 8.86 19.90 23.39
N VAL A 609 9.45 19.03 22.58
CA VAL A 609 10.82 19.16 22.11
C VAL A 609 10.80 19.07 20.58
N PHE A 610 11.83 19.62 19.96
CA PHE A 610 11.88 19.74 18.51
C PHE A 610 13.24 19.32 17.99
N ASP A 611 13.25 18.85 16.74
CA ASP A 611 14.51 18.46 16.11
C ASP A 611 15.40 19.68 15.86
N ARG A 612 14.83 20.78 15.39
CA ARG A 612 15.57 22.01 15.11
C ARG A 612 15.02 23.13 15.98
N ILE A 613 15.90 23.78 16.73
CA ILE A 613 15.52 24.94 17.54
C ILE A 613 16.13 26.15 16.83
N ASP A 614 15.27 26.89 16.12
CA ASP A 614 15.68 28.07 15.39
C ASP A 614 15.12 29.31 16.09
N ASN A 615 15.48 30.48 15.54
CA ASN A 615 14.93 31.73 16.06
C ASN A 615 13.50 31.94 15.61
N ALA A 616 13.15 31.44 14.42
CA ALA A 616 11.77 31.54 13.94
C ALA A 616 10.81 30.75 14.83
N LEU A 617 11.26 29.60 15.34
CA LEU A 617 10.46 28.78 16.24
C LEU A 617 10.18 29.46 17.56
N MET A 618 10.92 30.52 17.91
CA MET A 618 10.77 31.14 19.22
C MET A 618 9.45 31.90 19.31
N ARG A 619 9.09 32.64 18.27
CA ARG A 619 7.82 33.36 18.30
C ARG A 619 6.68 32.55 17.66
N ARG A 620 6.55 31.28 18.04
CA ARG A 620 5.48 30.45 17.51
C ARG A 620 4.89 29.50 18.55
N ILE A 621 5.27 29.59 19.82
CA ILE A 621 4.86 28.62 20.83
C ILE A 621 4.46 29.34 22.10
N ALA A 622 3.29 29.01 22.63
CA ALA A 622 2.83 29.49 23.92
C ALA A 622 2.37 28.31 24.75
N VAL A 623 2.61 28.39 26.05
CA VAL A 623 2.32 27.30 26.99
C VAL A 623 1.38 27.80 28.06
N VAL A 624 0.28 27.10 28.26
CA VAL A 624 -0.68 27.37 29.33
C VAL A 624 -0.66 26.18 30.28
N ARG A 625 -0.39 26.42 31.56
CA ARG A 625 -0.17 25.36 32.52
C ARG A 625 -1.39 25.19 33.41
N PHE A 626 -1.80 23.93 33.60
CA PHE A 626 -2.90 23.57 34.47
C PHE A 626 -2.33 22.94 35.74
N ARG A 627 -2.72 23.47 36.89
CA ARG A 627 -2.14 23.03 38.16
C ARG A 627 -3.22 22.83 39.21
N THR A 628 -4.32 22.18 38.83
CA THR A 628 -5.37 21.82 39.77
C THR A 628 -5.75 20.37 39.54
N HIS A 629 -5.79 19.59 40.60
CA HIS A 629 -6.09 18.17 40.52
C HIS A 629 -7.50 17.89 40.98
N PHE A 630 -8.30 17.26 40.12
CA PHE A 630 -9.67 16.87 40.45
C PHE A 630 -9.65 15.38 40.80
N SER A 631 -9.30 15.11 42.05
CA SER A 631 -9.11 13.75 42.52
C SER A 631 -10.41 13.15 43.05
N GLN A 632 -10.34 11.92 43.49
CA GLN A 632 -11.43 11.20 44.14
C GLN A 632 -11.18 11.14 45.63
N PRO A 633 -12.23 10.94 46.44
CA PRO A 633 -12.04 10.91 47.90
C PRO A 633 -11.03 9.88 48.35
N SER A 634 -10.87 8.76 47.64
CA SER A 634 -9.90 7.75 48.01
C SER A 634 -8.48 8.30 47.88
N GLY A 635 -8.09 8.71 46.68
CA GLY A 635 -6.75 9.20 46.43
C GLY A 635 -6.60 10.70 46.57
N ARG A 636 -6.89 11.22 47.76
CA ARG A 636 -6.77 12.66 48.03
C ARG A 636 -5.48 13.01 48.74
N GLU A 637 -5.07 12.23 49.74
CA GLU A 637 -3.87 12.55 50.51
C GLU A 637 -2.62 12.56 49.64
N ALA A 638 -2.50 11.58 48.74
CA ALA A 638 -1.33 11.50 47.88
C ALA A 638 -1.26 12.69 46.92
N ALA A 639 -2.41 13.18 46.45
CA ALA A 639 -2.42 14.30 45.51
C ALA A 639 -1.89 15.56 46.15
N GLU A 640 -2.22 15.80 47.42
CA GLU A 640 -1.81 17.02 48.11
C GLU A 640 -0.30 17.07 48.38
N ASN A 641 0.41 15.96 48.17
CA ASN A 641 1.86 15.91 48.33
C ASN A 641 2.55 15.80 46.98
N ASN A 642 2.06 16.53 45.98
CA ASN A 642 2.61 16.53 44.64
C ASN A 642 3.04 17.95 44.26
N ASP A 643 4.21 18.05 43.61
CA ASP A 643 4.72 19.36 43.23
C ASP A 643 3.89 19.97 42.11
N ALA A 644 3.39 19.15 41.19
CA ALA A 644 2.71 19.62 39.99
C ALA A 644 1.27 20.01 40.23
N TYR A 645 0.84 20.13 41.49
CA TYR A 645 -0.53 20.50 41.82
C TYR A 645 -0.52 21.62 42.84
N ASP A 646 -1.29 22.68 42.54
CA ASP A 646 -1.46 23.80 43.46
C ASP A 646 -2.75 23.73 44.26
N LYS A 647 -3.78 23.05 43.73
CA LYS A 647 -5.04 22.89 44.42
C LYS A 647 -5.56 21.47 44.16
N VAL A 648 -6.32 20.95 45.11
CA VAL A 648 -6.92 19.63 45.00
C VAL A 648 -8.42 19.78 45.25
N LYS A 649 -9.23 19.36 44.28
CA LYS A 649 -10.67 19.49 44.36
C LYS A 649 -11.32 18.11 44.27
N LEU A 650 -12.66 18.10 44.18
CA LEU A 650 -13.42 16.87 44.12
C LEU A 650 -13.92 16.64 42.70
N LEU A 651 -13.65 15.47 42.16
CA LEU A 651 -14.08 15.14 40.81
C LEU A 651 -15.60 15.04 40.74
N ASP A 652 -16.18 15.63 39.69
CA ASP A 652 -17.62 15.56 39.45
C ASP A 652 -17.89 14.46 38.43
N GLU A 653 -18.48 13.36 38.90
CA GLU A 653 -18.77 12.25 38.01
C GLU A 653 -19.82 12.62 36.97
N GLY A 654 -20.84 13.35 37.39
CA GLY A 654 -21.91 13.74 36.48
C GLY A 654 -21.69 15.10 35.84
N LEU A 655 -20.47 15.38 35.40
CA LEU A 655 -20.15 16.62 34.72
C LEU A 655 -19.86 16.44 33.24
N ASP A 656 -19.22 15.33 32.86
CA ASP A 656 -19.01 15.04 31.44
C ASP A 656 -20.33 14.86 30.71
N GLY A 657 -21.34 14.34 31.40
CA GLY A 657 -22.66 14.22 30.78
C GLY A 657 -23.29 15.58 30.52
N LYS A 658 -23.17 16.50 31.47
CA LYS A 658 -23.72 17.83 31.28
C LYS A 658 -23.07 18.55 30.12
N ILE A 659 -21.75 18.43 29.99
CA ILE A 659 -21.05 19.04 28.86
C ILE A 659 -21.46 18.39 27.56
N GLN A 660 -21.61 17.06 27.55
CA GLN A 660 -22.00 16.35 26.34
C GLN A 660 -23.40 16.75 25.89
N ASN A 661 -24.31 17.00 26.84
CA ASN A 661 -25.67 17.43 26.52
C ASN A 661 -25.75 18.92 26.20
N ASN A 662 -24.61 19.60 26.09
CA ASN A 662 -24.56 21.01 25.66
C ASN A 662 -25.32 21.91 26.63
N ARG A 663 -25.18 21.66 27.93
CA ARG A 663 -25.83 22.51 28.92
C ARG A 663 -25.14 23.86 29.02
N TYR A 664 -23.82 23.89 28.96
CA TYR A 664 -23.03 25.12 29.06
C TYR A 664 -22.67 25.68 27.70
N ARG A 665 -23.50 25.45 26.68
CA ARG A 665 -23.15 25.84 25.33
C ARG A 665 -23.20 27.35 25.15
N PHE A 666 -24.26 28.00 25.64
CA PHE A 666 -24.44 29.43 25.45
C PHE A 666 -23.92 30.26 26.62
N ALA A 667 -23.40 29.63 27.67
CA ALA A 667 -22.75 30.35 28.75
C ALA A 667 -21.25 30.48 28.51
N PHE A 668 -20.61 29.38 28.12
CA PHE A 668 -19.21 29.47 27.70
C PHE A 668 -19.08 30.34 26.46
N LEU A 669 -20.09 30.35 25.59
CA LEU A 669 -20.07 31.24 24.44
C LEU A 669 -20.08 32.70 24.88
N TYR A 670 -20.91 33.04 25.87
CA TYR A 670 -20.92 34.41 26.39
C TYR A 670 -19.59 34.76 27.05
N LEU A 671 -19.01 33.81 27.78
CA LEU A 671 -17.69 34.04 28.37
C LEU A 671 -16.65 34.31 27.31
N LEU A 672 -16.67 33.53 26.22
CA LEU A 672 -15.73 33.74 25.12
C LEU A 672 -15.95 35.10 24.47
N VAL A 673 -17.20 35.50 24.29
CA VAL A 673 -17.49 36.80 23.67
C VAL A 673 -16.99 37.94 24.55
N LYS A 674 -17.21 37.83 25.87
CA LYS A 674 -16.72 38.85 26.78
C LYS A 674 -15.20 38.93 26.78
N TRP A 675 -14.53 37.76 26.78
CA TRP A 675 -13.08 37.75 26.72
C TRP A 675 -12.57 38.35 25.42
N TYR A 676 -13.26 38.07 24.31
CA TYR A 676 -12.90 38.68 23.04
C TYR A 676 -13.01 40.19 23.11
N LYS A 677 -14.16 40.69 23.58
CA LYS A 677 -14.35 42.13 23.70
C LYS A 677 -13.29 42.77 24.59
N LYS A 678 -12.83 42.05 25.60
CA LYS A 678 -11.82 42.59 26.51
C LYS A 678 -10.41 42.53 25.94
N TYR A 679 -10.10 41.55 25.11
CA TYR A 679 -8.72 41.29 24.72
C TYR A 679 -8.40 41.57 23.27
N HIS A 680 -9.24 41.13 22.34
CA HIS A 680 -8.87 41.01 20.93
C HIS A 680 -9.46 42.11 20.04
N ILE A 681 -10.01 43.16 20.61
CA ILE A 681 -10.48 44.28 19.79
C ILE A 681 -9.67 45.53 20.14
N PRO A 682 -9.32 46.36 19.16
CA PRO A 682 -9.57 46.21 17.73
C PRO A 682 -8.44 45.47 17.02
N ILE A 683 -7.45 44.95 17.75
CA ILE A 683 -6.31 44.26 17.18
C ILE A 683 -6.24 42.85 17.77
N MET A 684 -6.09 41.86 16.90
CA MET A 684 -5.98 40.46 17.31
C MET A 684 -4.57 39.97 17.06
N LYS A 685 -3.92 39.48 18.11
CA LYS A 685 -2.56 38.96 17.99
C LYS A 685 -2.25 38.09 19.20
N LEU A 686 -1.51 37.01 18.97
CA LEU A 686 -1.09 36.10 20.03
C LEU A 686 0.42 36.20 20.21
N TYR A 687 0.86 36.28 21.48
CA TYR A 687 2.27 36.42 21.77
C TYR A 687 2.84 35.10 22.31
N PRO A 688 4.09 34.79 22.00
CA PRO A 688 4.69 33.55 22.48
C PRO A 688 5.18 33.67 23.91
N THR A 689 5.41 32.52 24.53
CA THR A 689 5.98 32.43 25.87
C THR A 689 7.13 31.43 25.86
N PRO A 690 8.25 31.77 25.20
CA PRO A 690 9.40 30.85 25.18
C PRO A 690 10.04 30.62 26.54
N GLU A 691 9.82 31.49 27.53
CA GLU A 691 10.31 31.20 28.87
C GLU A 691 9.38 30.26 29.61
N GLU A 692 8.99 29.17 28.95
CA GLU A 692 8.24 28.10 29.60
C GLU A 692 8.67 26.72 29.15
N ILE A 693 9.60 26.61 28.21
CA ILE A 693 10.06 25.33 27.67
C ILE A 693 11.51 25.16 28.06
N PRO A 694 11.91 24.03 28.64
CA PRO A 694 13.33 23.85 29.00
C PRO A 694 14.28 23.94 27.81
N ASP A 695 13.84 23.51 26.63
CA ASP A 695 14.72 23.52 25.47
C ASP A 695 15.12 24.94 25.07
N PHE A 696 14.18 25.88 25.13
CA PHE A 696 14.44 27.24 24.67
C PHE A 696 15.33 28.02 25.62
N ALA A 697 15.63 27.49 26.80
CA ALA A 697 16.42 28.24 27.78
C ALA A 697 17.82 28.56 27.25
N PHE A 698 18.45 27.60 26.58
CA PHE A 698 19.81 27.82 26.08
C PHE A 698 19.83 28.92 25.01
N TYR A 699 18.86 28.90 24.10
CA TYR A 699 18.86 29.84 22.98
C TYR A 699 18.15 31.15 23.28
N LEU A 700 17.62 31.33 24.48
CA LEU A 700 16.96 32.58 24.85
C LEU A 700 17.90 33.48 25.63
N ASN B 324 -44.50 16.27 -10.40
CA ASN B 324 -45.67 16.73 -9.65
C ASN B 324 -46.24 15.62 -8.78
N LYS B 325 -46.77 14.57 -9.41
CA LYS B 325 -47.31 13.45 -8.65
C LYS B 325 -46.21 12.73 -7.87
N LEU B 326 -45.04 12.56 -8.49
CA LEU B 326 -43.92 11.95 -7.77
C LEU B 326 -43.29 12.90 -6.77
N PHE B 327 -43.54 14.20 -6.90
CA PHE B 327 -43.11 15.14 -5.88
C PHE B 327 -44.01 15.08 -4.65
N ASN B 328 -45.31 14.85 -4.86
CA ASN B 328 -46.22 14.71 -3.73
C ASN B 328 -45.91 13.47 -2.92
N ILE B 329 -45.59 12.35 -3.59
CA ILE B 329 -45.25 11.13 -2.88
C ILE B 329 -44.03 11.34 -1.99
N ALA B 330 -43.02 12.03 -2.52
CA ALA B 330 -41.82 12.29 -1.74
C ALA B 330 -42.09 13.19 -0.54
N GLN B 331 -43.09 14.06 -0.65
CA GLN B 331 -43.39 14.96 0.46
C GLN B 331 -44.08 14.22 1.61
N ARG B 332 -45.00 13.32 1.29
CA ARG B 332 -45.64 12.53 2.34
C ARG B 332 -44.65 11.56 3.00
N ILE B 333 -43.59 11.18 2.30
CA ILE B 333 -42.57 10.34 2.91
C ILE B 333 -41.77 11.13 3.93
N LEU B 334 -41.43 12.39 3.62
CA LEU B 334 -40.76 13.23 4.60
C LEU B 334 -41.69 13.71 5.70
N ASP B 335 -43.00 13.68 5.47
CA ASP B 335 -43.94 14.01 6.52
C ASP B 335 -43.92 12.98 7.65
N THR B 336 -43.58 11.74 7.32
CA THR B 336 -43.49 10.69 8.32
C THR B 336 -42.15 10.68 9.06
N ASN B 337 -41.18 11.48 8.62
CA ASN B 337 -39.84 11.53 9.21
C ASN B 337 -39.18 10.15 9.23
N SER B 338 -39.41 9.37 8.17
CA SER B 338 -38.84 8.04 8.07
C SER B 338 -37.46 8.02 7.43
N VAL B 339 -36.98 9.15 6.93
CA VAL B 339 -35.64 9.28 6.39
C VAL B 339 -35.02 10.55 6.93
N LEU B 340 -33.79 10.45 7.42
CA LEU B 340 -33.11 11.58 8.05
C LEU B 340 -31.69 11.68 7.52
N LEU B 341 -31.13 12.88 7.59
CA LEU B 341 -29.76 13.15 7.21
C LEU B 341 -28.94 13.38 8.48
N THR B 342 -27.82 12.68 8.60
CA THR B 342 -26.98 12.74 9.79
C THR B 342 -25.85 13.73 9.60
N GLU B 343 -25.21 14.10 10.71
CA GLU B 343 -24.14 15.08 10.68
C GLU B 343 -22.90 14.57 9.92
N ARG B 344 -22.78 13.26 9.74
CA ARG B 344 -21.69 12.69 8.97
C ARG B 344 -22.03 12.49 7.51
N GLY B 345 -23.22 12.91 7.08
CA GLY B 345 -23.61 12.80 5.69
C GLY B 345 -24.33 11.53 5.31
N ASP B 346 -24.69 10.69 6.28
CA ASP B 346 -25.38 9.44 5.99
C ASP B 346 -26.88 9.64 6.04
N HIS B 347 -27.58 8.95 5.14
CA HIS B 347 -29.05 8.95 5.12
C HIS B 347 -29.53 7.71 5.87
N ILE B 348 -30.07 7.92 7.05
CA ILE B 348 -30.63 6.84 7.85
C ILE B 348 -32.11 6.71 7.51
N VAL B 349 -32.60 5.47 7.43
CA VAL B 349 -33.98 5.18 7.10
C VAL B 349 -34.57 4.30 8.19
N TRP B 350 -35.89 4.33 8.30
CA TRP B 350 -36.63 3.61 9.33
C TRP B 350 -37.43 2.52 8.63
N ILE B 351 -36.82 1.34 8.49
CA ILE B 351 -37.46 0.18 7.87
C ILE B 351 -37.50 -0.94 8.90
N ASN B 352 -38.66 -1.58 9.02
CA ASN B 352 -38.83 -2.75 9.88
C ASN B 352 -38.47 -2.46 11.34
N ASN B 353 -38.90 -1.29 11.82
CA ASN B 353 -38.74 -0.90 13.22
C ASN B 353 -37.26 -0.81 13.61
N SER B 354 -36.47 -0.16 12.77
CA SER B 354 -35.05 0.01 13.05
C SER B 354 -34.49 1.09 12.14
N TRP B 355 -33.59 1.91 12.68
CA TRP B 355 -32.87 2.91 11.89
C TRP B 355 -31.68 2.24 11.23
N LYS B 356 -31.69 2.21 9.90
CA LYS B 356 -30.64 1.54 9.13
C LYS B 356 -29.92 2.55 8.24
N PHE B 357 -28.62 2.34 8.05
CA PHE B 357 -27.83 3.14 7.15
C PHE B 357 -26.76 2.26 6.51
N ASN B 358 -26.50 2.52 5.23
CA ASN B 358 -25.52 1.74 4.48
C ASN B 358 -25.06 2.57 3.28
N SER B 359 -23.75 2.78 3.17
CA SER B 359 -23.21 3.63 2.12
C SER B 359 -23.20 2.97 0.74
N GLU B 360 -23.44 1.66 0.66
CA GLU B 360 -23.43 0.95 -0.61
C GLU B 360 -24.71 0.18 -0.87
N GLU B 361 -25.82 0.55 -0.23
CA GLU B 361 -27.09 -0.11 -0.43
C GLU B 361 -28.17 0.92 -0.77
N PRO B 362 -29.14 0.57 -1.60
CA PRO B 362 -30.22 1.52 -1.93
C PRO B 362 -31.31 1.53 -0.85
N LEU B 363 -30.97 2.11 0.30
CA LEU B 363 -31.87 2.08 1.44
C LEU B 363 -33.03 3.06 1.31
N ILE B 364 -32.82 4.20 0.65
CA ILE B 364 -33.92 5.15 0.50
C ILE B 364 -34.99 4.59 -0.42
N THR B 365 -34.59 4.00 -1.54
CA THR B 365 -35.56 3.36 -2.42
C THR B 365 -36.14 2.09 -1.81
N LYS B 366 -35.41 1.45 -0.89
CA LYS B 366 -35.98 0.36 -0.11
C LYS B 366 -37.12 0.86 0.77
N LEU B 367 -36.92 2.01 1.42
CA LEU B 367 -37.98 2.60 2.23
C LEU B 367 -39.16 3.03 1.38
N ILE B 368 -38.90 3.57 0.20
CA ILE B 368 -39.99 4.00 -0.68
C ILE B 368 -40.89 2.83 -1.05
N LEU B 369 -40.28 1.69 -1.37
CA LEU B 369 -41.08 0.51 -1.69
C LEU B 369 -41.78 -0.04 -0.45
N SER B 370 -41.10 -0.06 0.69
CA SER B 370 -41.71 -0.60 1.90
C SER B 370 -42.87 0.26 2.37
N ILE B 371 -42.72 1.59 2.31
CA ILE B 371 -43.71 2.52 2.85
C ILE B 371 -44.92 2.71 1.94
N ARG B 372 -44.95 2.03 0.79
CA ARG B 372 -46.00 2.26 -0.18
C ARG B 372 -47.39 1.84 0.30
N HIS B 373 -47.46 1.05 1.37
CA HIS B 373 -48.76 0.61 1.87
C HIS B 373 -49.48 1.68 2.68
N GLN B 374 -48.76 2.66 3.20
CA GLN B 374 -49.35 3.74 3.97
C GLN B 374 -49.75 4.92 3.10
N LEU B 375 -49.66 4.78 1.78
CA LEU B 375 -50.04 5.79 0.81
C LEU B 375 -51.39 5.47 0.20
N PRO B 376 -52.13 6.47 -0.27
CA PRO B 376 -53.42 6.21 -0.91
C PRO B 376 -53.27 5.38 -2.18
N LYS B 377 -54.42 4.93 -2.70
CA LYS B 377 -54.41 3.97 -3.81
C LYS B 377 -53.77 4.55 -5.06
N GLU B 378 -54.04 5.82 -5.37
CA GLU B 378 -53.50 6.41 -6.58
C GLU B 378 -52.00 6.61 -6.53
N TYR B 379 -51.39 6.58 -5.35
CA TYR B 379 -49.96 6.81 -5.21
C TYR B 379 -49.16 5.53 -5.04
N SER B 380 -49.76 4.47 -4.52
CA SER B 380 -49.00 3.25 -4.25
C SER B 380 -48.66 2.51 -5.53
N SER B 381 -49.49 2.62 -6.57
CA SER B 381 -49.26 1.89 -7.81
C SER B 381 -48.11 2.45 -8.63
N GLU B 382 -47.73 3.71 -8.41
CA GLU B 382 -46.62 4.31 -9.13
C GLU B 382 -45.27 4.01 -8.50
N LEU B 383 -45.25 3.34 -7.36
CA LEU B 383 -44.01 3.00 -6.66
C LEU B 383 -43.54 1.58 -6.97
N LEU B 384 -44.20 0.90 -7.90
CA LEU B 384 -43.74 -0.41 -8.35
C LEU B 384 -42.72 -0.34 -9.46
N CYS B 385 -42.48 0.84 -10.02
CA CYS B 385 -41.51 1.02 -11.09
C CYS B 385 -40.18 1.47 -10.50
N PRO B 386 -39.08 0.74 -10.72
CA PRO B 386 -37.79 1.17 -10.16
C PRO B 386 -37.35 2.54 -10.66
N ARG B 387 -37.70 2.89 -11.89
CA ARG B 387 -37.32 4.19 -12.42
C ARG B 387 -38.02 5.33 -11.68
N LYS B 388 -39.31 5.15 -11.37
CA LYS B 388 -40.05 6.18 -10.65
C LYS B 388 -39.71 6.23 -9.16
N ARG B 389 -39.19 5.15 -8.60
CA ARG B 389 -38.69 5.20 -7.23
C ARG B 389 -37.37 5.95 -7.11
N LYS B 390 -36.60 6.02 -8.20
CA LYS B 390 -35.40 6.84 -8.20
C LYS B 390 -35.73 8.32 -8.30
N THR B 391 -36.80 8.66 -9.03
CA THR B 391 -37.26 10.05 -9.08
C THR B 391 -37.72 10.52 -7.70
N VAL B 392 -38.47 9.68 -6.99
CA VAL B 392 -38.89 10.01 -5.64
C VAL B 392 -37.69 10.12 -4.72
N GLU B 393 -36.72 9.22 -4.85
CA GLU B 393 -35.52 9.29 -4.04
C GLU B 393 -34.74 10.57 -4.32
N ALA B 394 -34.62 10.94 -5.60
CA ALA B 394 -33.91 12.16 -5.95
C ALA B 394 -34.61 13.38 -5.37
N ASN B 395 -35.94 13.37 -5.34
CA ASN B 395 -36.69 14.44 -4.70
C ASN B 395 -36.43 14.48 -3.20
N ILE B 396 -36.33 13.31 -2.57
CA ILE B 396 -36.15 13.24 -1.12
C ILE B 396 -34.81 13.84 -0.72
N ARG B 397 -33.73 13.50 -1.43
CA ARG B 397 -32.42 14.01 -1.09
C ARG B 397 -32.31 15.52 -1.26
N ASP B 398 -33.16 16.12 -2.10
CA ASP B 398 -33.16 17.56 -2.26
C ASP B 398 -33.85 18.27 -1.11
N MET B 399 -34.84 17.63 -0.48
CA MET B 399 -35.56 18.25 0.62
C MET B 399 -34.86 18.10 1.96
N LEU B 400 -33.84 17.25 2.06
CA LEU B 400 -33.14 17.01 3.32
C LEU B 400 -31.95 17.96 3.37
N VAL B 401 -32.14 19.08 4.06
CA VAL B 401 -31.13 20.13 4.10
C VAL B 401 -30.43 20.23 5.46
N ASP B 402 -31.08 19.82 6.55
CA ASP B 402 -30.53 19.98 7.88
C ASP B 402 -30.23 18.62 8.50
N SER B 403 -29.12 18.53 9.21
CA SER B 403 -28.70 17.30 9.87
C SER B 403 -29.42 17.14 11.22
N VAL B 404 -29.29 15.94 11.79
CA VAL B 404 -29.86 15.63 13.09
C VAL B 404 -28.81 14.89 13.91
N GLU B 405 -28.96 14.96 15.23
CA GLU B 405 -28.09 14.24 16.15
C GLU B 405 -28.62 12.84 16.38
N THR B 406 -27.73 11.86 16.32
CA THR B 406 -28.10 10.46 16.45
C THR B 406 -27.27 9.80 17.54
N ASP B 407 -27.84 8.77 18.16
CA ASP B 407 -27.18 7.99 19.20
C ASP B 407 -26.79 8.89 20.39
N THR B 408 -27.80 9.52 20.97
CA THR B 408 -27.59 10.41 22.11
C THR B 408 -28.15 9.86 23.42
N TYR B 409 -28.82 8.71 23.39
CA TYR B 409 -29.31 8.08 24.60
C TYR B 409 -28.41 6.90 24.93
N PRO B 410 -27.63 6.95 26.01
CA PRO B 410 -26.70 5.85 26.30
C PRO B 410 -27.34 4.67 27.03
N ASP B 411 -28.54 4.85 27.60
CA ASP B 411 -29.19 3.81 28.38
C ASP B 411 -30.23 3.03 27.57
N LYS B 412 -30.13 3.05 26.25
CA LYS B 412 -31.07 2.37 25.37
C LYS B 412 -30.31 1.33 24.56
N LEU B 413 -30.82 0.09 24.56
CA LEU B 413 -30.20 -0.98 23.81
C LEU B 413 -31.01 -1.24 22.55
N PRO B 414 -30.50 -0.92 21.37
CA PRO B 414 -31.31 -1.08 20.15
C PRO B 414 -31.20 -2.46 19.53
N PHE B 415 -32.34 -3.08 19.26
CA PHE B 415 -32.40 -4.38 18.61
C PHE B 415 -32.81 -4.20 17.15
N LYS B 416 -33.07 -5.33 16.47
CA LYS B 416 -33.50 -5.26 15.08
C LYS B 416 -34.97 -4.92 14.94
N ASN B 417 -35.75 -5.02 16.03
CA ASN B 417 -37.18 -4.75 15.97
C ASN B 417 -37.62 -3.84 17.11
N GLY B 418 -36.72 -3.01 17.63
CA GLY B 418 -37.08 -2.10 18.68
C GLY B 418 -35.87 -1.72 19.53
N VAL B 419 -36.17 -1.01 20.62
CA VAL B 419 -35.16 -0.51 21.55
C VAL B 419 -35.56 -0.93 22.95
N LEU B 420 -34.60 -1.49 23.69
CA LEU B 420 -34.84 -1.95 25.05
C LEU B 420 -34.29 -0.92 26.03
N ASP B 421 -35.18 -0.42 26.91
CA ASP B 421 -34.75 0.48 27.97
C ASP B 421 -33.98 -0.29 29.03
N LEU B 422 -32.86 0.25 29.47
CA LEU B 422 -32.04 -0.42 30.47
C LEU B 422 -32.35 0.01 31.89
N VAL B 423 -32.79 1.25 32.09
CA VAL B 423 -33.21 1.68 33.41
C VAL B 423 -34.45 0.93 33.86
N ASP B 424 -35.26 0.46 32.91
CA ASP B 424 -36.43 -0.35 33.16
C ASP B 424 -36.28 -1.69 32.45
N GLY B 425 -37.33 -2.50 32.47
CA GLY B 425 -37.34 -3.72 31.69
C GLY B 425 -38.20 -3.57 30.45
N MET B 426 -38.58 -2.34 30.13
CA MET B 426 -39.53 -2.07 29.06
C MET B 426 -38.89 -2.25 27.70
N PHE B 427 -39.65 -2.82 26.77
CA PHE B 427 -39.26 -2.96 25.37
C PHE B 427 -40.19 -2.13 24.52
N TYR B 428 -39.62 -1.32 23.63
CA TYR B 428 -40.38 -0.43 22.76
C TYR B 428 -40.20 -0.85 21.32
N SER B 429 -41.31 -0.93 20.58
CA SER B 429 -41.29 -1.32 19.18
C SER B 429 -42.35 -0.51 18.45
N GLY B 430 -41.93 0.44 17.63
CA GLY B 430 -42.83 1.25 16.86
C GLY B 430 -42.37 2.70 16.87
N ASP B 431 -43.31 3.62 17.07
CA ASP B 431 -42.96 5.02 17.20
C ASP B 431 -42.29 5.33 18.53
N ASP B 432 -42.37 4.42 19.49
CA ASP B 432 -41.69 4.62 20.77
C ASP B 432 -40.18 4.46 20.61
N ALA B 433 -39.75 3.48 19.81
CA ALA B 433 -38.33 3.27 19.56
C ALA B 433 -37.77 4.22 18.50
N LYS B 434 -38.64 4.93 17.79
CA LYS B 434 -38.17 5.86 16.76
C LYS B 434 -37.59 7.12 17.37
N LYS B 435 -38.05 7.52 18.55
CA LYS B 435 -37.56 8.75 19.16
C LYS B 435 -36.08 8.67 19.47
N TYR B 436 -35.62 7.53 19.96
CA TYR B 436 -34.20 7.31 20.21
C TYR B 436 -33.55 6.89 18.89
N THR B 437 -32.94 7.86 18.21
CA THR B 437 -32.37 7.60 16.88
C THR B 437 -31.08 6.80 17.04
N CYS B 438 -31.24 5.51 17.26
CA CYS B 438 -30.12 4.58 17.41
C CYS B 438 -29.84 3.96 16.04
N THR B 439 -28.77 4.42 15.39
CA THR B 439 -28.43 3.96 14.04
C THR B 439 -27.73 2.60 14.04
N VAL B 440 -27.39 2.07 15.21
CA VAL B 440 -26.79 0.75 15.31
C VAL B 440 -27.80 -0.17 15.97
N SER B 441 -27.55 -1.48 15.86
CA SER B 441 -28.44 -2.46 16.46
C SER B 441 -27.67 -3.76 16.66
N THR B 442 -28.25 -4.64 17.49
CA THR B 442 -27.66 -5.97 17.69
C THR B 442 -27.71 -6.80 16.42
N GLY B 443 -28.77 -6.67 15.64
CA GLY B 443 -28.94 -7.44 14.42
C GLY B 443 -29.87 -8.62 14.52
N PHE B 444 -30.39 -8.91 15.71
CA PHE B 444 -31.36 -9.98 15.88
C PHE B 444 -32.60 -9.45 16.60
N LYS B 445 -33.73 -10.06 16.30
CA LYS B 445 -35.00 -9.64 16.90
C LYS B 445 -35.05 -9.99 18.37
N PHE B 446 -35.58 -9.08 19.17
CA PHE B 446 -35.73 -9.32 20.60
C PHE B 446 -36.87 -10.30 20.84
N ASP B 447 -36.61 -11.30 21.69
CA ASP B 447 -37.59 -12.32 22.03
C ASP B 447 -37.93 -12.18 23.51
N ASP B 448 -39.17 -11.78 23.80
CA ASP B 448 -39.60 -11.63 25.18
C ASP B 448 -39.90 -12.96 25.86
N THR B 449 -40.12 -14.03 25.09
CA THR B 449 -40.37 -15.34 25.66
C THR B 449 -39.12 -15.99 26.22
N LYS B 450 -37.94 -15.58 25.78
CA LYS B 450 -36.68 -16.07 26.32
C LYS B 450 -36.04 -15.10 27.30
N PHE B 451 -36.45 -13.83 27.29
CA PHE B 451 -35.96 -12.83 28.24
C PHE B 451 -36.85 -12.82 29.48
N VAL B 452 -36.84 -13.93 30.22
CA VAL B 452 -37.77 -14.16 31.31
C VAL B 452 -37.07 -14.13 32.67
N GLU B 453 -36.22 -15.13 32.95
CA GLU B 453 -35.52 -15.37 34.23
C GLU B 453 -35.32 -16.86 34.45
N ASP B 454 -36.42 -17.62 34.48
CA ASP B 454 -36.32 -19.04 34.83
C ASP B 454 -35.53 -19.81 33.78
N SER B 455 -36.08 -19.89 32.56
CA SER B 455 -35.32 -20.19 31.34
C SER B 455 -34.30 -21.31 31.54
N PRO B 456 -34.73 -22.59 31.54
CA PRO B 456 -33.82 -23.69 31.91
C PRO B 456 -32.41 -23.61 31.34
N GLU B 457 -32.22 -22.82 30.28
CA GLU B 457 -30.87 -22.50 29.82
C GLU B 457 -30.15 -21.59 30.81
N MET B 458 -30.90 -20.81 31.60
CA MET B 458 -30.29 -19.91 32.57
C MET B 458 -29.61 -20.67 33.70
N GLU B 459 -30.13 -21.84 34.07
CA GLU B 459 -29.46 -22.66 35.07
C GLU B 459 -28.08 -23.07 34.55
N GLU B 460 -28.02 -23.54 33.31
CA GLU B 460 -26.74 -23.91 32.73
C GLU B 460 -25.81 -22.70 32.62
N LEU B 461 -26.36 -21.54 32.28
CA LEU B 461 -25.53 -20.33 32.20
C LEU B 461 -24.97 -19.95 33.56
N MET B 462 -25.79 -20.03 34.61
CA MET B 462 -25.29 -19.81 35.97
C MET B 462 -24.20 -20.81 36.32
N ASN B 463 -24.32 -22.05 35.86
CA ASN B 463 -23.26 -23.02 36.12
C ASN B 463 -21.97 -22.61 35.42
N ILE B 464 -22.06 -22.10 34.19
CA ILE B 464 -20.87 -21.71 33.45
C ILE B 464 -20.22 -20.47 34.09
N ILE B 465 -21.03 -19.46 34.42
CA ILE B 465 -20.48 -18.22 34.95
C ILE B 465 -19.90 -18.44 36.33
N ASN B 466 -20.57 -19.24 37.17
CA ASN B 466 -20.08 -19.49 38.52
C ASN B 466 -18.84 -20.36 38.54
N ASP B 467 -18.45 -20.95 37.41
CA ASP B 467 -17.19 -21.68 37.31
C ASP B 467 -16.05 -20.78 36.84
N ILE B 468 -16.30 -19.96 35.83
CA ILE B 468 -15.27 -19.05 35.34
C ILE B 468 -14.90 -18.03 36.40
N GLN B 469 -15.90 -17.49 37.09
CA GLN B 469 -15.70 -16.54 38.19
C GLN B 469 -16.44 -17.05 39.41
N PRO B 470 -15.79 -17.88 40.23
CA PRO B 470 -16.49 -18.48 41.37
C PRO B 470 -16.96 -17.44 42.37
N LEU B 471 -18.09 -17.76 43.02
CA LEU B 471 -18.68 -16.89 44.04
C LEU B 471 -18.11 -17.28 45.41
N THR B 472 -16.87 -16.87 45.64
CA THR B 472 -16.19 -17.10 46.90
C THR B 472 -15.78 -15.77 47.52
N ASP B 473 -15.29 -15.82 48.76
CA ASP B 473 -14.84 -14.62 49.44
C ASP B 473 -13.53 -14.09 48.87
N GLU B 474 -12.68 -14.97 48.34
CA GLU B 474 -11.43 -14.54 47.72
C GLU B 474 -11.67 -13.89 46.36
N ASN B 475 -12.58 -14.46 45.57
CA ASN B 475 -12.95 -13.90 44.27
C ASN B 475 -14.22 -13.05 44.43
N LYS B 476 -14.09 -12.00 45.23
CA LYS B 476 -15.21 -11.11 45.53
C LYS B 476 -15.10 -9.79 44.77
N LYS B 477 -14.00 -9.06 44.93
CA LYS B 477 -13.81 -7.83 44.18
C LYS B 477 -13.52 -8.09 42.72
N ASN B 478 -12.95 -9.25 42.39
CA ASN B 478 -12.71 -9.60 40.99
C ASN B 478 -14.00 -9.99 40.28
N ARG B 479 -14.89 -10.71 40.98
CA ARG B 479 -16.18 -11.05 40.39
C ARG B 479 -17.02 -9.79 40.15
N GLU B 480 -16.98 -8.84 41.09
CA GLU B 480 -17.72 -7.60 40.91
C GLU B 480 -17.18 -6.80 39.72
N LEU B 481 -15.85 -6.74 39.57
CA LEU B 481 -15.27 -6.05 38.42
C LEU B 481 -15.64 -6.77 37.13
N TYR B 482 -15.67 -8.10 37.15
CA TYR B 482 -16.08 -8.88 35.99
C TYR B 482 -17.51 -8.55 35.59
N GLU B 483 -18.40 -8.45 36.57
CA GLU B 483 -19.79 -8.10 36.26
C GLU B 483 -19.93 -6.66 35.79
N LYS B 484 -19.16 -5.75 36.37
CA LYS B 484 -19.22 -4.35 35.96
C LYS B 484 -18.73 -4.16 34.53
N THR B 485 -17.63 -4.82 34.16
CA THR B 485 -17.08 -4.63 32.82
C THR B 485 -18.01 -5.19 31.75
N LEU B 486 -18.58 -6.37 31.98
CA LEU B 486 -19.47 -6.96 30.99
C LEU B 486 -20.76 -6.17 30.85
N SER B 487 -21.24 -5.57 31.94
CA SER B 487 -22.48 -4.81 31.90
C SER B 487 -22.31 -3.51 31.11
N SER B 488 -21.14 -2.88 31.20
CA SER B 488 -20.90 -1.61 30.53
C SER B 488 -20.91 -1.73 29.01
N CYS B 489 -20.88 -2.95 28.48
CA CYS B 489 -21.00 -3.15 27.04
C CYS B 489 -22.40 -2.87 26.52
N LEU B 490 -23.38 -2.69 27.41
CA LEU B 490 -24.73 -2.31 27.02
C LEU B 490 -24.93 -0.80 26.99
N CYS B 491 -23.95 -0.03 27.46
CA CYS B 491 -24.08 1.42 27.57
C CYS B 491 -23.49 2.08 26.34
N GLY B 492 -24.26 2.98 25.73
CA GLY B 492 -23.80 3.69 24.55
C GLY B 492 -23.14 5.01 24.88
N ALA B 493 -22.22 5.00 25.84
CA ALA B 493 -21.49 6.19 26.26
C ALA B 493 -19.99 5.89 26.20
N THR B 494 -19.20 6.92 26.45
CA THR B 494 -17.74 6.77 26.41
C THR B 494 -17.24 6.20 27.73
N LYS B 495 -16.48 5.12 27.63
CA LYS B 495 -15.91 4.45 28.80
C LYS B 495 -14.47 4.91 28.99
N GLY B 496 -14.12 5.27 30.21
CA GLY B 496 -12.83 5.85 30.52
C GLY B 496 -11.73 4.89 30.93
N CYS B 497 -11.94 3.58 30.81
CA CYS B 497 -10.94 2.61 31.22
C CYS B 497 -10.80 1.53 30.16
N LEU B 498 -9.61 0.91 30.14
CA LEU B 498 -9.33 -0.26 29.32
C LEU B 498 -9.11 -1.45 30.24
N THR B 499 -9.87 -2.52 30.01
CA THR B 499 -9.84 -3.68 30.88
C THR B 499 -9.02 -4.79 30.26
N PHE B 500 -8.25 -5.49 31.10
CA PHE B 500 -7.43 -6.61 30.68
C PHE B 500 -7.98 -7.88 31.31
N PHE B 501 -8.38 -8.83 30.45
CA PHE B 501 -8.81 -10.15 30.90
C PHE B 501 -7.56 -11.02 30.99
N PHE B 502 -7.01 -11.15 32.19
CA PHE B 502 -5.74 -11.80 32.41
C PHE B 502 -5.95 -13.17 33.04
N GLY B 503 -5.34 -14.19 32.46
CA GLY B 503 -5.37 -15.53 33.03
C GLY B 503 -4.42 -16.42 32.25
N GLU B 504 -4.25 -17.63 32.78
CA GLU B 504 -3.45 -18.64 32.10
C GLU B 504 -4.31 -19.31 31.02
N THR B 505 -3.81 -20.37 30.42
CA THR B 505 -4.54 -21.04 29.35
C THR B 505 -5.73 -21.81 29.91
N ALA B 506 -6.77 -21.95 29.07
CA ALA B 506 -7.97 -22.73 29.40
C ALA B 506 -8.62 -22.23 30.68
N THR B 507 -8.78 -20.91 30.79
CA THR B 507 -9.37 -20.30 31.98
C THR B 507 -10.76 -19.72 31.74
N GLY B 508 -11.21 -19.62 30.50
CA GLY B 508 -12.54 -19.14 30.20
C GLY B 508 -12.65 -17.75 29.63
N LYS B 509 -11.54 -17.15 29.22
CA LYS B 509 -11.60 -15.80 28.64
C LYS B 509 -12.28 -15.81 27.28
N SER B 510 -11.94 -16.77 26.42
CA SER B 510 -12.57 -16.85 25.12
C SER B 510 -14.03 -17.28 25.23
N THR B 511 -14.36 -18.10 26.24
CA THR B 511 -15.76 -18.42 26.49
C THR B 511 -16.55 -17.18 26.87
N THR B 512 -15.95 -16.32 27.70
CA THR B 512 -16.59 -15.06 28.06
C THR B 512 -16.77 -14.16 26.85
N LYS B 513 -15.76 -14.10 25.98
CA LYS B 513 -15.88 -13.29 24.76
C LYS B 513 -16.98 -13.81 23.86
N ARG B 514 -17.06 -15.14 23.68
CA ARG B 514 -18.06 -15.72 22.79
C ARG B 514 -19.45 -15.61 23.37
N LEU B 515 -19.59 -15.65 24.69
CA LEU B 515 -20.89 -15.41 25.32
C LEU B 515 -21.34 -13.97 25.11
N LEU B 516 -20.41 -13.02 25.22
CA LEU B 516 -20.75 -11.61 25.03
C LEU B 516 -21.09 -11.31 23.58
N LYS B 517 -20.35 -11.92 22.64
CA LYS B 517 -20.66 -11.73 21.23
C LYS B 517 -22.03 -12.27 20.89
N SER B 518 -22.44 -13.36 21.53
CA SER B 518 -23.75 -13.95 21.27
C SER B 518 -24.88 -13.10 21.82
N ALA B 519 -24.61 -12.28 22.85
CA ALA B 519 -25.67 -11.54 23.52
C ALA B 519 -25.93 -10.17 22.92
N ILE B 520 -24.92 -9.50 22.37
CA ILE B 520 -25.08 -8.17 21.82
C ILE B 520 -24.92 -8.15 20.30
N GLY B 521 -24.50 -9.24 19.68
CA GLY B 521 -24.54 -9.33 18.23
C GLY B 521 -23.62 -8.34 17.53
N ASP B 522 -24.21 -7.52 16.67
CA ASP B 522 -23.44 -6.59 15.84
C ASP B 522 -22.87 -5.43 16.64
N LEU B 523 -23.33 -5.20 17.86
CA LEU B 523 -22.71 -4.19 18.72
C LEU B 523 -21.34 -4.64 19.22
N PHE B 524 -20.98 -5.90 18.99
CA PHE B 524 -19.67 -6.44 19.34
C PHE B 524 -18.81 -6.46 18.09
N VAL B 525 -17.59 -5.95 18.21
CA VAL B 525 -16.64 -5.97 17.10
C VAL B 525 -15.31 -6.48 17.62
N GLU B 526 -14.63 -7.26 16.78
CA GLU B 526 -13.29 -7.76 17.07
C GLU B 526 -12.30 -7.00 16.20
N THR B 527 -11.27 -6.43 16.82
CA THR B 527 -10.32 -5.59 16.12
C THR B 527 -8.92 -6.21 16.23
N GLY B 528 -7.97 -5.61 15.50
CA GLY B 528 -6.61 -6.09 15.46
C GLY B 528 -5.76 -5.55 16.59
N GLN B 529 -4.48 -5.85 16.52
CA GLN B 529 -3.52 -5.43 17.53
C GLN B 529 -2.87 -4.08 17.21
N THR B 530 -3.07 -3.57 15.99
CA THR B 530 -2.45 -2.29 15.63
C THR B 530 -2.97 -1.15 16.49
N ILE B 531 -4.26 -1.15 16.80
CA ILE B 531 -4.88 -0.05 17.55
C ILE B 531 -4.19 0.20 18.88
N LEU B 532 -3.31 -0.71 19.32
CA LEU B 532 -2.54 -0.53 20.53
C LEU B 532 -1.09 -0.14 20.25
N THR B 533 -0.43 -0.80 19.30
CA THR B 533 1.03 -0.72 19.17
C THR B 533 1.49 0.12 17.98
N ASP B 534 0.59 0.77 17.25
CA ASP B 534 1.01 1.63 16.16
C ASP B 534 0.19 2.91 16.16
N VAL B 535 0.59 3.86 15.31
CA VAL B 535 -0.16 5.11 15.19
C VAL B 535 -1.53 4.83 14.60
N LEU B 536 -2.51 5.65 15.00
CA LEU B 536 -3.88 5.44 14.54
C LEU B 536 -4.20 6.20 13.27
N ASP B 537 -3.43 7.24 12.95
CA ASP B 537 -3.69 8.10 11.79
C ASP B 537 -2.45 8.14 10.89
N LYS B 538 -2.37 7.16 9.99
CA LYS B 538 -1.31 7.12 8.98
C LYS B 538 -1.91 6.66 7.65
N GLY B 539 -3.07 7.20 7.31
CA GLY B 539 -3.80 6.80 6.14
C GLY B 539 -4.96 5.90 6.48
N PRO B 540 -5.32 5.00 5.58
CA PRO B 540 -6.44 4.08 5.83
C PRO B 540 -6.13 3.13 6.98
N ASN B 541 -6.94 3.18 8.02
CA ASN B 541 -6.84 2.27 9.16
C ASN B 541 -8.23 1.73 9.46
N PRO B 542 -8.70 0.74 8.70
CA PRO B 542 -10.02 0.17 8.97
C PRO B 542 -10.12 -0.50 10.33
N PHE B 543 -9.01 -0.90 10.93
CA PHE B 543 -9.04 -1.58 12.22
C PHE B 543 -9.46 -0.65 13.35
N ILE B 544 -9.46 0.66 13.13
CA ILE B 544 -9.93 1.61 14.14
C ILE B 544 -11.22 2.31 13.71
N ALA B 545 -11.46 2.45 12.40
CA ALA B 545 -12.68 3.09 11.93
C ALA B 545 -13.90 2.17 12.03
N ASN B 546 -13.68 0.87 12.22
CA ASN B 546 -14.78 -0.06 12.42
C ASN B 546 -15.35 -0.01 13.84
N MET B 547 -14.70 0.71 14.74
CA MET B 547 -15.15 0.85 16.11
C MET B 547 -16.11 2.01 16.30
N HIS B 548 -16.51 2.68 15.23
CA HIS B 548 -17.45 3.79 15.34
C HIS B 548 -18.81 3.28 15.78
N LEU B 549 -19.29 3.80 16.92
CA LEU B 549 -20.58 3.48 17.52
C LEU B 549 -20.66 2.05 18.04
N LYS B 550 -19.55 1.31 18.06
CA LYS B 550 -19.53 -0.03 18.63
C LYS B 550 -19.42 0.06 20.14
N ARG B 551 -20.17 -0.80 20.84
CA ARG B 551 -20.23 -0.77 22.29
C ARG B 551 -19.29 -1.76 22.96
N SER B 552 -18.59 -2.59 22.19
CA SER B 552 -17.67 -3.56 22.77
C SER B 552 -16.58 -3.87 21.75
N VAL B 553 -15.34 -3.62 22.13
CA VAL B 553 -14.17 -3.87 21.29
C VAL B 553 -13.26 -4.85 22.01
N PHE B 554 -12.86 -5.90 21.32
CA PHE B 554 -11.98 -6.93 21.87
C PHE B 554 -10.68 -7.00 21.09
N CYS B 555 -9.57 -7.02 21.81
CA CYS B 555 -8.26 -7.36 21.27
C CYS B 555 -7.79 -8.63 21.96
N SER B 556 -6.99 -9.43 21.26
CA SER B 556 -6.64 -10.76 21.75
C SER B 556 -5.14 -11.00 21.65
N GLU B 557 -4.60 -11.67 22.68
CA GLU B 557 -3.29 -12.33 22.64
C GLU B 557 -2.17 -11.36 22.29
N LEU B 558 -1.91 -10.44 23.22
CA LEU B 558 -0.68 -9.66 23.10
C LEU B 558 0.53 -10.57 23.23
N PRO B 559 1.49 -10.50 22.31
CA PRO B 559 2.56 -11.50 22.24
C PRO B 559 3.72 -11.24 23.20
N ASP B 560 3.44 -11.34 24.50
CA ASP B 560 4.45 -11.30 25.55
C ASP B 560 5.42 -10.14 25.36
N PHE B 561 4.86 -8.93 25.48
CA PHE B 561 5.60 -7.71 25.17
C PHE B 561 6.82 -7.53 26.07
N ALA B 562 6.89 -8.20 27.21
CA ALA B 562 8.06 -8.10 28.08
C ALA B 562 9.27 -8.82 27.51
N CYS B 563 9.08 -9.69 26.53
CA CYS B 563 10.19 -10.43 25.93
C CYS B 563 10.78 -9.63 24.76
N SER B 564 11.83 -10.19 24.15
CA SER B 564 12.52 -9.52 23.06
C SER B 564 11.74 -9.66 21.76
N GLY B 565 12.08 -8.81 20.80
CA GLY B 565 11.41 -8.81 19.51
C GLY B 565 9.94 -8.47 19.59
N SER B 566 9.57 -7.49 20.40
CA SER B 566 8.18 -7.11 20.57
C SER B 566 8.07 -5.59 20.59
N LYS B 567 6.88 -5.10 20.22
CA LYS B 567 6.56 -3.68 20.29
C LYS B 567 5.66 -3.45 21.50
N LYS B 568 6.08 -2.57 22.40
CA LYS B 568 5.37 -2.39 23.65
C LYS B 568 4.03 -1.70 23.41
N ILE B 569 3.26 -1.57 24.49
CA ILE B 569 1.85 -1.18 24.38
C ILE B 569 1.70 0.23 23.81
N ARG B 570 2.71 1.07 23.95
CA ARG B 570 2.67 2.43 23.41
C ARG B 570 1.50 3.19 24.06
N SER B 571 1.70 3.59 25.31
CA SER B 571 0.68 4.26 26.13
C SER B 571 0.07 5.49 25.46
N ASP B 572 0.64 5.90 24.32
CA ASP B 572 0.06 7.00 23.56
C ASP B 572 -1.36 6.65 23.12
N ASN B 573 -1.56 5.43 22.62
CA ASN B 573 -2.88 5.04 22.13
C ASN B 573 -3.85 4.78 23.27
N ILE B 574 -3.36 4.39 24.45
CA ILE B 574 -4.25 4.09 25.56
C ILE B 574 -5.07 5.31 25.94
N LYS B 575 -4.44 6.49 26.00
CA LYS B 575 -5.18 7.70 26.30
C LYS B 575 -6.07 8.11 25.14
N LYS B 576 -5.61 7.88 23.91
CA LYS B 576 -6.41 8.24 22.73
C LYS B 576 -7.68 7.40 22.64
N LEU B 577 -7.59 6.11 22.97
CA LEU B 577 -8.75 5.23 22.91
C LEU B 577 -9.79 5.56 23.98
N THR B 578 -9.42 6.32 25.01
CA THR B 578 -10.34 6.72 26.06
C THR B 578 -11.15 7.96 25.68
N GLU B 579 -10.63 8.79 24.79
CA GLU B 579 -11.30 10.03 24.42
C GLU B 579 -12.62 9.75 23.72
N PRO B 580 -13.60 10.65 23.84
CA PRO B 580 -14.89 10.43 23.16
C PRO B 580 -14.79 10.34 21.65
N CYS B 581 -13.76 10.91 21.05
CA CYS B 581 -13.55 10.86 19.60
C CYS B 581 -12.18 10.30 19.31
N VAL B 582 -12.12 9.35 18.38
CA VAL B 582 -10.87 8.71 17.97
C VAL B 582 -10.64 9.04 16.50
N ILE B 583 -9.46 9.56 16.19
CA ILE B 583 -9.12 9.99 14.84
C ILE B 583 -8.65 8.80 14.03
N GLY B 584 -9.30 8.57 12.90
CA GLY B 584 -8.98 7.44 12.03
C GLY B 584 -10.02 7.32 10.93
N ARG B 585 -9.59 6.95 9.73
CA ARG B 585 -10.48 6.99 8.59
C ARG B 585 -10.53 5.65 7.87
N PRO B 586 -11.66 5.32 7.26
CA PRO B 586 -11.74 4.11 6.44
C PRO B 586 -11.08 4.29 5.08
N CYS B 587 -11.20 3.29 4.22
CA CYS B 587 -10.69 3.39 2.85
C CYS B 587 -11.68 4.13 1.97
N PHE B 588 -11.14 4.98 1.09
CA PHE B 588 -11.94 5.74 0.12
C PHE B 588 -12.99 6.62 0.82
N SER B 589 -12.60 7.27 1.91
CA SER B 589 -13.48 8.19 2.60
C SER B 589 -12.65 9.18 3.41
N ASN B 590 -13.25 10.32 3.70
CA ASN B 590 -12.60 11.39 4.44
C ASN B 590 -13.15 11.57 5.86
N LYS B 591 -14.00 10.66 6.31
CA LYS B 591 -14.55 10.73 7.67
C LYS B 591 -13.48 10.33 8.67
N ILE B 592 -12.86 11.32 9.31
CA ILE B 592 -11.75 11.08 10.22
C ILE B 592 -12.18 11.06 11.68
N ASN B 593 -13.45 11.32 11.97
CA ASN B 593 -13.95 11.36 13.34
C ASN B 593 -14.90 10.19 13.57
N ASN B 594 -14.61 9.39 14.59
CA ASN B 594 -15.46 8.28 15.01
C ASN B 594 -15.84 8.47 16.47
N ARG B 595 -17.06 8.08 16.81
CA ARG B 595 -17.55 8.22 18.17
C ARG B 595 -17.25 6.94 18.95
N ASN B 596 -16.62 7.10 20.11
CA ASN B 596 -16.17 5.99 20.92
C ASN B 596 -17.21 5.69 22.00
N HIS B 597 -17.91 4.56 21.86
CA HIS B 597 -18.86 4.08 22.86
C HIS B 597 -18.46 2.72 23.40
N ALA B 598 -17.21 2.31 23.20
CA ALA B 598 -16.81 0.93 23.34
C ALA B 598 -16.13 0.66 24.68
N THR B 599 -16.46 -0.48 25.28
CA THR B 599 -15.68 -1.06 26.36
C THR B 599 -14.59 -1.91 25.71
N ILE B 600 -13.34 -1.50 25.90
CA ILE B 600 -12.22 -2.15 25.24
C ILE B 600 -11.62 -3.17 26.20
N ILE B 601 -11.64 -4.44 25.80
CA ILE B 601 -11.18 -5.55 26.62
C ILE B 601 -10.12 -6.32 25.83
N ILE B 602 -9.03 -6.67 26.49
CA ILE B 602 -7.92 -7.39 25.87
C ILE B 602 -7.71 -8.70 26.62
N ASP B 603 -7.74 -9.81 25.89
CA ASP B 603 -7.45 -11.12 26.47
C ASP B 603 -5.94 -11.32 26.54
N THR B 604 -5.45 -11.79 27.69
CA THR B 604 -4.02 -11.86 27.91
C THR B 604 -3.65 -13.17 28.59
N ASN B 605 -2.45 -13.64 28.30
CA ASN B 605 -1.78 -14.65 29.10
C ASN B 605 -0.61 -14.09 29.90
N TYR B 606 -0.18 -12.87 29.58
CA TYR B 606 0.88 -12.17 30.30
C TYR B 606 0.44 -10.75 30.58
N LYS B 607 0.96 -10.18 31.66
CA LYS B 607 0.65 -8.80 31.99
C LYS B 607 1.27 -7.87 30.95
N PRO B 608 0.57 -6.82 30.55
CA PRO B 608 1.12 -5.90 29.55
C PRO B 608 2.25 -5.05 30.12
N VAL B 609 3.14 -4.62 29.21
CA VAL B 609 4.20 -3.68 29.55
C VAL B 609 4.10 -2.48 28.61
N PHE B 610 4.27 -1.29 29.16
CA PHE B 610 4.07 -0.05 28.43
C PHE B 610 5.42 0.65 28.23
N ASP B 611 5.48 1.45 27.16
CA ASP B 611 6.72 2.16 26.86
C ASP B 611 7.06 3.19 27.94
N ARG B 612 6.05 3.91 28.42
CA ARG B 612 6.25 4.92 29.45
C ARG B 612 5.12 4.83 30.46
N ILE B 613 5.47 4.87 31.74
CA ILE B 613 4.51 4.79 32.84
C ILE B 613 4.24 6.20 33.35
N ASP B 614 2.98 6.61 33.31
CA ASP B 614 2.57 7.94 33.74
C ASP B 614 1.33 7.83 34.62
N ASN B 615 1.12 8.85 35.44
CA ASN B 615 -0.08 8.89 36.27
C ASN B 615 -1.35 8.96 35.42
N ALA B 616 -1.24 9.49 34.20
CA ALA B 616 -2.36 9.49 33.28
C ALA B 616 -2.63 8.11 32.69
N LEU B 617 -1.64 7.21 32.73
CA LEU B 617 -1.80 5.86 32.23
C LEU B 617 -2.38 4.93 33.30
N MET B 618 -1.95 5.08 34.55
CA MET B 618 -2.49 4.27 35.64
C MET B 618 -3.94 4.59 35.93
N ARG B 619 -4.47 5.68 35.37
CA ARG B 619 -5.85 6.07 35.56
C ARG B 619 -6.79 5.46 34.54
N ARG B 620 -6.29 4.62 33.63
CA ARG B 620 -7.08 4.10 32.53
C ARG B 620 -6.94 2.59 32.36
N ILE B 621 -6.44 1.87 33.37
CA ILE B 621 -6.15 0.45 33.24
C ILE B 621 -6.87 -0.31 34.35
N ALA B 622 -7.59 -1.37 33.98
CA ALA B 622 -8.20 -2.29 34.91
C ALA B 622 -7.90 -3.71 34.49
N VAL B 623 -7.85 -4.63 35.45
CA VAL B 623 -7.47 -6.02 35.21
C VAL B 623 -8.46 -6.95 35.88
N VAL B 624 -8.93 -7.95 35.14
CA VAL B 624 -9.77 -9.02 35.67
C VAL B 624 -8.98 -10.32 35.58
N ARG B 625 -8.98 -11.10 36.65
CA ARG B 625 -8.19 -12.31 36.76
C ARG B 625 -9.06 -13.54 36.55
N PHE B 626 -8.58 -14.46 35.71
CA PHE B 626 -9.24 -15.74 35.46
C PHE B 626 -8.37 -16.84 36.04
N ARG B 627 -8.93 -17.62 36.98
CA ARG B 627 -8.10 -18.58 37.71
C ARG B 627 -8.75 -19.95 37.86
N THR B 628 -9.69 -20.31 36.99
CA THR B 628 -10.29 -21.63 37.00
C THR B 628 -9.88 -22.36 35.73
N HIS B 629 -9.26 -23.52 35.88
CA HIS B 629 -8.76 -24.30 34.75
C HIS B 629 -9.76 -25.37 34.38
N PHE B 630 -10.09 -25.45 33.10
CA PHE B 630 -10.97 -26.48 32.55
C PHE B 630 -10.10 -27.41 31.72
N SER B 631 -9.82 -28.59 32.24
CA SER B 631 -8.83 -29.49 31.69
C SER B 631 -9.45 -30.84 31.32
N GLN B 632 -8.73 -31.57 30.49
CA GLN B 632 -9.07 -32.94 30.17
C GLN B 632 -8.70 -33.84 31.35
N PRO B 633 -9.36 -34.99 31.49
CA PRO B 633 -9.07 -35.88 32.63
C PRO B 633 -7.62 -36.33 32.69
N SER B 634 -6.96 -36.46 31.55
CA SER B 634 -5.57 -36.95 31.54
C SER B 634 -4.64 -35.96 32.23
N GLY B 635 -4.71 -34.69 31.84
CA GLY B 635 -3.78 -33.70 32.38
C GLY B 635 -4.32 -32.91 33.55
N ARG B 636 -5.20 -33.52 34.35
CA ARG B 636 -5.77 -32.82 35.49
C ARG B 636 -4.74 -32.67 36.63
N GLU B 637 -4.01 -33.74 36.93
CA GLU B 637 -3.08 -33.69 38.06
C GLU B 637 -1.96 -32.69 37.84
N ALA B 638 -1.54 -32.47 36.59
CA ALA B 638 -0.55 -31.45 36.30
C ALA B 638 -1.07 -30.04 36.48
N ALA B 639 -2.39 -29.87 36.58
CA ALA B 639 -2.99 -28.55 36.76
C ALA B 639 -3.35 -28.24 38.22
N GLU B 640 -3.54 -29.25 39.05
CA GLU B 640 -3.82 -29.01 40.46
C GLU B 640 -2.59 -28.59 41.24
N ASN B 641 -1.40 -28.75 40.67
CA ASN B 641 -0.16 -28.31 41.29
C ASN B 641 0.41 -27.05 40.66
N ASN B 642 -0.43 -26.29 39.95
CA ASN B 642 -0.01 -25.04 39.34
C ASN B 642 -0.53 -23.87 40.17
N ASP B 643 0.35 -22.93 40.48
CA ASP B 643 -0.03 -21.77 41.28
C ASP B 643 -0.90 -20.78 40.53
N ALA B 644 -1.02 -20.93 39.21
CA ALA B 644 -1.81 -20.01 38.39
C ALA B 644 -3.29 -20.37 38.33
N TYR B 645 -3.69 -21.45 39.01
CA TYR B 645 -5.08 -21.88 39.02
C TYR B 645 -5.55 -22.05 40.45
N ASP B 646 -6.78 -21.62 40.73
CA ASP B 646 -7.40 -21.83 42.02
C ASP B 646 -8.32 -23.04 42.05
N LYS B 647 -8.95 -23.37 40.93
CA LYS B 647 -9.82 -24.53 40.81
C LYS B 647 -9.57 -25.22 39.48
N VAL B 648 -9.79 -26.53 39.46
CA VAL B 648 -9.66 -27.35 38.27
C VAL B 648 -10.97 -28.08 38.04
N LYS B 649 -11.51 -27.98 36.83
CA LYS B 649 -12.79 -28.58 36.50
C LYS B 649 -12.70 -29.32 35.18
N LEU B 650 -13.60 -30.29 34.99
CA LEU B 650 -13.66 -31.03 33.75
C LEU B 650 -14.02 -30.13 32.58
N LEU B 651 -13.29 -30.26 31.48
CA LEU B 651 -13.62 -29.54 30.26
C LEU B 651 -14.89 -30.12 29.63
N ASP B 652 -15.77 -29.24 29.19
CA ASP B 652 -17.00 -29.64 28.50
C ASP B 652 -16.78 -29.45 27.01
N GLU B 653 -16.70 -30.56 26.28
CA GLU B 653 -16.35 -30.52 24.86
C GLU B 653 -17.48 -29.98 23.98
N GLY B 654 -18.73 -30.13 24.41
CA GLY B 654 -19.85 -29.61 23.67
C GLY B 654 -20.25 -28.18 24.01
N LEU B 655 -19.58 -27.56 24.98
CA LEU B 655 -19.94 -26.21 25.38
C LEU B 655 -19.63 -25.20 24.28
N ASP B 656 -18.51 -25.38 23.58
CA ASP B 656 -18.11 -24.42 22.54
C ASP B 656 -19.12 -24.36 21.42
N GLY B 657 -19.62 -25.52 20.97
CA GLY B 657 -20.61 -25.54 19.90
C GLY B 657 -21.98 -25.05 20.30
N LYS B 658 -22.32 -25.14 21.59
CA LYS B 658 -23.62 -24.64 22.04
C LYS B 658 -23.65 -23.12 22.07
N ILE B 659 -22.52 -22.49 22.40
CA ILE B 659 -22.45 -21.04 22.40
C ILE B 659 -22.54 -20.49 20.98
N GLN B 660 -21.87 -21.15 20.03
CA GLN B 660 -21.91 -20.72 18.63
C GLN B 660 -23.31 -20.76 18.04
N ASN B 661 -24.21 -21.55 18.62
CA ASN B 661 -25.58 -21.65 18.15
C ASN B 661 -26.52 -20.67 18.85
N ASN B 662 -25.98 -19.75 19.64
CA ASN B 662 -26.77 -18.74 20.36
C ASN B 662 -27.80 -19.39 21.27
N ARG B 663 -27.41 -20.49 21.91
CA ARG B 663 -28.29 -21.12 22.89
C ARG B 663 -28.49 -20.21 24.10
N TYR B 664 -27.42 -19.56 24.57
CA TYR B 664 -27.46 -18.68 25.74
C TYR B 664 -27.52 -17.21 25.34
N ARG B 665 -28.19 -16.90 24.23
CA ARG B 665 -28.20 -15.53 23.72
C ARG B 665 -29.00 -14.60 24.63
N PHE B 666 -30.14 -15.05 25.13
CA PHE B 666 -31.03 -14.19 25.91
C PHE B 666 -30.85 -14.35 27.41
N ALA B 667 -30.41 -15.51 27.89
CA ALA B 667 -30.11 -15.65 29.31
C ALA B 667 -28.95 -14.75 29.71
N PHE B 668 -27.89 -14.71 28.90
CA PHE B 668 -26.77 -13.82 29.19
C PHE B 668 -27.19 -12.36 29.06
N LEU B 669 -28.09 -12.05 28.12
CA LEU B 669 -28.59 -10.69 28.01
C LEU B 669 -29.38 -10.27 29.26
N TYR B 670 -30.19 -11.18 29.79
CA TYR B 670 -30.91 -10.90 31.03
C TYR B 670 -29.93 -10.69 32.18
N LEU B 671 -28.87 -11.52 32.24
CA LEU B 671 -27.82 -11.31 33.24
C LEU B 671 -27.20 -9.93 33.11
N LEU B 672 -26.87 -9.52 31.89
CA LEU B 672 -26.22 -8.24 31.67
C LEU B 672 -27.14 -7.10 32.07
N VAL B 673 -28.43 -7.21 31.76
CA VAL B 673 -29.37 -6.15 32.14
C VAL B 673 -29.49 -6.07 33.66
N LYS B 674 -29.56 -7.22 34.33
CA LYS B 674 -29.64 -7.22 35.79
C LYS B 674 -28.39 -6.61 36.42
N TRP B 675 -27.21 -6.99 35.93
CA TRP B 675 -25.98 -6.42 36.45
C TRP B 675 -25.88 -4.92 36.15
N TYR B 676 -26.37 -4.48 34.99
CA TYR B 676 -26.38 -3.06 34.67
C TYR B 676 -27.26 -2.29 35.64
N LYS B 677 -28.46 -2.83 35.94
CA LYS B 677 -29.30 -2.20 36.93
C LYS B 677 -28.65 -2.17 38.30
N LYS B 678 -27.89 -3.20 38.65
CA LYS B 678 -27.22 -3.24 39.95
C LYS B 678 -26.06 -2.25 40.05
N TYR B 679 -25.27 -2.08 39.00
CA TYR B 679 -24.02 -1.34 39.08
C TYR B 679 -24.04 0.04 38.41
N HIS B 680 -24.55 0.14 37.17
CA HIS B 680 -24.35 1.32 36.35
C HIS B 680 -25.56 2.25 36.32
N ILE B 681 -26.27 2.36 37.44
CA ILE B 681 -27.39 3.28 37.55
C ILE B 681 -27.22 4.09 38.84
N PRO B 682 -27.38 5.42 38.79
CA PRO B 682 -27.69 6.26 37.62
C PRO B 682 -26.48 6.78 36.88
N ILE B 683 -25.26 6.51 37.35
CA ILE B 683 -24.04 7.02 36.75
C ILE B 683 -23.19 5.85 36.28
N MET B 684 -22.79 5.87 35.02
CA MET B 684 -21.97 4.82 34.41
C MET B 684 -20.52 5.28 34.39
N LYS B 685 -19.67 4.56 35.10
CA LYS B 685 -18.25 4.89 35.13
C LYS B 685 -17.46 3.63 35.49
N LEU B 686 -16.32 3.45 34.83
CA LEU B 686 -15.42 2.34 35.08
C LEU B 686 -14.18 2.86 35.81
N TYR B 687 -13.82 2.20 36.90
CA TYR B 687 -12.71 2.66 37.73
C TYR B 687 -11.47 1.79 37.52
N PRO B 688 -10.28 2.35 37.60
CA PRO B 688 -9.06 1.59 37.36
C PRO B 688 -8.65 0.78 38.58
N THR B 689 -7.76 -0.19 38.33
CA THR B 689 -7.17 -1.02 39.38
C THR B 689 -5.66 -1.01 39.18
N PRO B 690 -4.98 0.07 39.61
CA PRO B 690 -3.53 0.16 39.41
C PRO B 690 -2.73 -0.89 40.17
N GLU B 691 -3.31 -1.50 41.19
CA GLU B 691 -2.57 -2.44 42.04
C GLU B 691 -2.41 -3.82 41.40
N GLU B 692 -2.92 -4.03 40.19
CA GLU B 692 -2.82 -5.33 39.52
C GLU B 692 -1.66 -5.41 38.55
N ILE B 693 -1.35 -4.32 37.85
CA ILE B 693 -0.25 -4.31 36.88
C ILE B 693 1.08 -4.25 37.64
N PRO B 694 1.99 -5.20 37.41
CA PRO B 694 3.31 -5.11 38.06
C PRO B 694 4.13 -3.92 37.61
N ASP B 695 3.87 -3.36 36.43
CA ASP B 695 4.64 -2.21 35.96
C ASP B 695 4.36 -0.96 36.79
N PHE B 696 3.23 -0.89 37.48
CA PHE B 696 2.86 0.29 38.25
C PHE B 696 3.31 0.21 39.70
N ALA B 697 3.99 -0.87 40.09
CA ALA B 697 4.39 -1.04 41.48
C ALA B 697 5.37 0.03 41.92
N PHE B 698 6.33 0.37 41.06
CA PHE B 698 7.30 1.40 41.39
C PHE B 698 6.62 2.74 41.64
N TYR B 699 5.72 3.14 40.75
CA TYR B 699 5.02 4.41 40.93
C TYR B 699 4.14 4.39 42.17
N LEU B 700 3.46 3.27 42.43
CA LEU B 700 2.63 3.18 43.62
C LEU B 700 3.46 3.29 44.89
N LYS B 701 4.64 2.68 44.90
CA LYS B 701 5.51 2.77 46.07
C LYS B 701 6.05 4.19 46.26
N ILE B 702 6.47 4.83 45.18
CA ILE B 702 6.97 6.20 45.29
C ILE B 702 5.86 7.15 45.75
N GLY B 703 4.62 6.90 45.33
CA GLY B 703 3.53 7.75 45.75
C GLY B 703 3.33 7.77 47.26
N THR B 704 3.66 6.68 47.94
CA THR B 704 3.58 6.61 49.39
C THR B 704 4.92 6.72 50.08
N LEU B 705 6.01 6.89 49.32
CA LEU B 705 7.34 6.99 49.92
C LEU B 705 7.79 8.42 50.15
N LEU B 706 7.33 9.39 49.36
CA LEU B 706 7.91 10.72 49.36
C LEU B 706 6.85 11.79 49.56
N VAL B 707 7.28 12.89 50.18
CA VAL B 707 6.53 14.14 50.23
C VAL B 707 7.28 15.15 49.36
N SER B 708 6.53 16.02 48.69
CA SER B 708 7.09 16.64 47.49
C SER B 708 8.02 17.82 47.76
N SER B 709 7.48 18.97 48.18
CA SER B 709 8.35 20.13 48.10
C SER B 709 8.64 20.90 49.39
N SER B 710 7.64 21.56 49.97
CA SER B 710 7.92 22.63 50.92
C SER B 710 6.62 23.08 51.58
N VAL B 711 6.70 24.23 52.26
CA VAL B 711 5.56 25.01 52.76
C VAL B 711 5.08 24.45 54.09
N LYS B 712 4.89 23.14 54.15
CA LYS B 712 4.52 22.47 55.39
C LYS B 712 5.73 21.98 56.17
N HIS B 713 6.94 22.27 55.69
CA HIS B 713 8.16 21.72 56.28
C HIS B 713 9.20 22.77 56.66
N ILE B 714 9.02 24.03 56.26
CA ILE B 714 9.99 25.07 56.62
C ILE B 714 10.14 25.23 58.12
N PRO B 715 9.07 25.33 58.93
CA PRO B 715 9.26 25.40 60.38
C PRO B 715 9.87 24.15 60.99
N LEU B 716 9.81 23.01 60.30
CA LEU B 716 10.35 21.76 60.81
C LEU B 716 11.82 21.56 60.49
N MET B 717 12.46 22.52 59.81
CA MET B 717 13.85 22.34 59.41
C MET B 717 14.82 22.33 60.59
N THR B 718 14.39 22.83 61.75
CA THR B 718 15.25 22.77 62.93
C THR B 718 15.53 21.33 63.33
N ASP B 719 14.52 20.48 63.27
CA ASP B 719 14.70 19.05 63.53
C ASP B 719 15.27 18.30 62.34
N LEU B 720 15.34 18.95 61.18
CA LEU B 720 15.84 18.31 59.96
C LEU B 720 17.33 18.57 59.72
N SER B 721 18.02 19.22 60.67
CA SER B 721 19.45 19.43 60.50
C SER B 721 20.20 18.11 60.42
N LYS B 722 19.82 17.15 61.25
CA LYS B 722 20.38 15.80 61.18
C LYS B 722 19.68 15.02 60.06
N LYS B 723 19.90 13.71 60.04
CA LYS B 723 19.27 12.80 59.08
C LYS B 723 19.66 13.09 57.63
N GLY B 724 20.79 13.77 57.43
CA GLY B 724 21.34 13.98 56.11
C GLY B 724 20.71 15.09 55.30
N TYR B 725 19.72 15.81 55.85
CA TYR B 725 19.06 16.87 55.11
C TYR B 725 19.92 18.14 55.15
N ILE B 726 20.09 18.77 53.99
CA ILE B 726 20.87 19.99 53.85
C ILE B 726 19.99 21.05 53.19
N LEU B 727 20.57 22.23 52.97
CA LEU B 727 19.86 23.36 52.40
C LEU B 727 20.55 23.80 51.11
N TYR B 728 19.75 24.00 50.06
CA TYR B 728 20.24 24.53 48.79
C TYR B 728 19.05 25.05 48.01
N ASP B 729 19.21 26.22 47.40
CA ASP B 729 18.16 26.92 46.65
C ASP B 729 16.99 27.34 47.54
N ASN B 730 17.13 27.18 48.85
CA ASN B 730 16.20 27.74 49.85
C ASN B 730 14.78 27.18 49.72
N VAL B 731 14.62 25.94 49.26
CA VAL B 731 13.32 25.29 49.38
C VAL B 731 13.47 24.00 50.17
N VAL B 732 14.08 22.99 49.53
CA VAL B 732 14.47 21.68 50.08
C VAL B 732 15.44 21.09 49.06
N THR B 733 16.43 20.34 49.53
CA THR B 733 17.37 19.71 48.62
C THR B 733 17.81 18.38 49.20
N LEU B 734 18.35 17.54 48.32
CA LEU B 734 18.96 16.27 48.71
C LEU B 734 20.03 15.92 47.67
N PRO B 735 21.25 15.66 48.09
CA PRO B 735 22.30 15.27 47.13
C PRO B 735 21.96 13.96 46.44
N LEU B 736 22.48 13.80 45.22
CA LEU B 736 22.21 12.60 44.45
C LEU B 736 22.72 11.36 45.17
N THR B 737 23.93 11.43 45.74
CA THR B 737 24.46 10.29 46.48
C THR B 737 23.61 9.98 47.70
N THR B 738 23.17 11.01 48.42
CA THR B 738 22.33 10.81 49.60
C THR B 738 21.03 10.11 49.23
N PHE B 739 20.37 10.58 48.17
CA PHE B 739 19.10 9.97 47.77
C PHE B 739 19.32 8.55 47.24
N GLN B 740 20.43 8.32 46.53
CA GLN B 740 20.73 6.97 46.05
C GLN B 740 20.91 6.01 47.22
N GLN B 741 21.69 6.41 48.23
CA GLN B 741 21.89 5.57 49.40
C GLN B 741 20.59 5.33 50.14
N LYS B 742 19.78 6.39 50.30
CA LYS B 742 18.52 6.24 51.02
C LYS B 742 17.55 5.32 50.28
N ILE B 743 17.45 5.46 48.95
CA ILE B 743 16.53 4.65 48.18
C ILE B 743 17.02 3.21 48.05
N SER B 744 18.32 2.98 48.20
CA SER B 744 18.82 1.60 48.23
C SER B 744 18.37 0.85 49.47
N LYS B 745 17.86 1.54 50.49
CA LYS B 745 17.46 0.92 51.75
C LYS B 745 15.99 0.53 51.79
N TYR B 746 15.21 0.84 50.75
CA TYR B 746 13.81 0.45 50.70
C TYR B 746 13.53 -0.67 49.71
N PHE B 747 14.25 -0.71 48.59
CA PHE B 747 14.11 -1.79 47.62
C PHE B 747 15.38 -1.85 46.79
N ASN B 748 15.82 -3.08 46.51
CA ASN B 748 17.09 -3.28 45.81
C ASN B 748 16.99 -2.84 44.36
N SER B 749 18.15 -2.69 43.73
CA SER B 749 18.25 -2.33 42.32
C SER B 749 18.27 -3.55 41.40
N ARG B 750 18.08 -4.75 41.95
CA ARG B 750 18.11 -5.95 41.13
C ARG B 750 17.00 -5.92 40.08
N LEU B 751 15.82 -5.42 40.45
CA LEU B 751 14.70 -5.31 39.54
C LEU B 751 14.30 -3.87 39.22
N PHE B 752 14.60 -2.92 40.10
CA PHE B 752 14.22 -1.53 39.91
C PHE B 752 15.41 -0.61 39.65
N GLY B 753 16.57 -1.18 39.34
CA GLY B 753 17.74 -0.34 39.06
C GLY B 753 17.50 0.61 37.90
N HIS B 754 16.97 0.08 36.79
CA HIS B 754 16.62 0.94 35.68
C HIS B 754 15.51 1.90 36.05
N ASP B 755 14.54 1.44 36.86
CA ASP B 755 13.46 2.32 37.31
C ASP B 755 13.99 3.44 38.19
N ILE B 756 14.90 3.12 39.10
CA ILE B 756 15.50 4.15 39.95
C ILE B 756 16.28 5.14 39.11
N GLU B 757 17.05 4.65 38.14
CA GLU B 757 17.82 5.54 37.28
C GLU B 757 16.90 6.44 36.46
N SER B 758 15.79 5.88 35.95
CA SER B 758 14.83 6.69 35.19
C SER B 758 14.20 7.76 36.06
N PHE B 759 13.83 7.41 37.29
CA PHE B 759 13.27 8.41 38.20
C PHE B 759 14.29 9.51 38.49
N ILE B 760 15.55 9.14 38.72
CA ILE B 760 16.60 10.11 38.99
C ILE B 760 16.76 11.05 37.80
N ASN B 761 16.82 10.49 36.60
CA ASN B 761 17.01 11.31 35.40
C ASN B 761 15.81 12.22 35.16
N ARG B 762 14.60 11.72 35.37
CA ARG B 762 13.41 12.53 35.11
C ARG B 762 13.23 13.63 36.14
N HIS B 763 13.68 13.40 37.37
CA HIS B 763 13.54 14.38 38.44
C HIS B 763 14.90 14.86 38.92
N LYS B 764 15.80 15.10 37.98
CA LYS B 764 17.14 15.59 38.31
C LYS B 764 17.18 17.12 38.34
N GLU B 772 23.30 19.06 41.05
CA GLU B 772 22.00 18.41 41.00
C GLU B 772 21.32 18.43 42.36
N TYR B 773 19.98 18.41 42.36
CA TYR B 773 19.21 18.41 43.59
C TYR B 773 17.90 17.69 43.35
N LEU B 774 17.28 17.23 44.44
CA LEU B 774 16.01 16.52 44.39
C LEU B 774 15.11 17.06 45.51
N GLN B 775 14.05 17.77 45.13
CA GLN B 775 13.09 18.27 46.09
C GLN B 775 12.12 17.14 46.44
N TYR B 776 12.47 16.37 47.47
CA TYR B 776 11.63 15.28 47.93
C TYR B 776 12.00 14.96 49.37
N ILE B 777 10.98 14.76 50.21
CA ILE B 777 11.17 14.53 51.64
C ILE B 777 10.50 13.22 52.02
N PHE B 778 11.21 12.40 52.80
CA PHE B 778 10.66 11.15 53.27
C PHE B 778 9.53 11.37 54.26
N ILE B 779 8.58 10.44 54.28
CA ILE B 779 7.43 10.56 55.16
C ILE B 779 7.84 10.40 56.62
N GLU B 780 8.78 9.49 56.89
CA GLU B 780 9.16 9.21 58.27
C GLU B 780 9.95 10.34 58.91
N ASP B 781 10.52 11.24 58.12
CA ASP B 781 11.32 12.34 58.65
C ASP B 781 10.48 13.57 58.97
N ILE B 782 9.18 13.53 58.73
CA ILE B 782 8.32 14.67 59.01
C ILE B 782 8.09 14.81 60.51
N ASN C 324 -45.31 -3.24 -12.93
CA ASN C 324 -46.49 -4.04 -12.59
C ASN C 324 -46.28 -5.51 -12.92
N LYS C 325 -46.15 -5.81 -14.22
CA LYS C 325 -45.85 -7.18 -14.62
C LYS C 325 -44.45 -7.59 -14.18
N LEU C 326 -43.46 -6.71 -14.36
CA LEU C 326 -42.11 -7.01 -13.90
C LEU C 326 -42.04 -7.05 -12.39
N PHE C 327 -42.82 -6.23 -11.70
CA PHE C 327 -42.89 -6.31 -10.25
C PHE C 327 -43.48 -7.65 -9.80
N ASN C 328 -44.49 -8.14 -10.51
CA ASN C 328 -45.06 -9.45 -10.21
C ASN C 328 -44.03 -10.55 -10.46
N ILE C 329 -43.24 -10.43 -11.53
CA ILE C 329 -42.19 -11.41 -11.80
C ILE C 329 -41.17 -11.42 -10.67
N ALA C 330 -40.75 -10.23 -10.24
CA ALA C 330 -39.79 -10.14 -9.15
C ALA C 330 -40.35 -10.71 -7.85
N GLN C 331 -41.63 -10.44 -7.58
CA GLN C 331 -42.25 -10.99 -6.38
C GLN C 331 -42.32 -12.50 -6.43
N ARG C 332 -42.68 -13.07 -7.59
CA ARG C 332 -42.69 -14.52 -7.73
C ARG C 332 -41.31 -15.11 -7.56
N ILE C 333 -40.28 -14.45 -8.09
CA ILE C 333 -38.91 -14.94 -7.91
C ILE C 333 -38.52 -14.89 -6.43
N LEU C 334 -38.88 -13.81 -5.74
CA LEU C 334 -38.53 -13.71 -4.33
C LEU C 334 -39.29 -14.71 -3.47
N ASP C 335 -40.49 -15.13 -3.90
CA ASP C 335 -41.25 -16.10 -3.13
C ASP C 335 -40.63 -17.49 -3.14
N THR C 336 -39.65 -17.75 -4.00
CA THR C 336 -38.98 -19.04 -4.05
C THR C 336 -37.72 -19.09 -3.18
N ASN C 337 -37.38 -17.99 -2.51
CA ASN C 337 -36.18 -17.92 -1.66
C ASN C 337 -34.93 -18.29 -2.43
N SER C 338 -34.85 -17.82 -3.68
CA SER C 338 -33.68 -18.09 -4.51
C SER C 338 -32.62 -17.00 -4.42
N VAL C 339 -32.95 -15.84 -3.87
CA VAL C 339 -32.00 -14.75 -3.65
C VAL C 339 -31.99 -14.45 -2.16
N LEU C 340 -30.79 -14.37 -1.59
CA LEU C 340 -30.63 -14.07 -0.17
C LEU C 340 -29.56 -13.01 0.02
N LEU C 341 -29.71 -12.24 1.09
CA LEU C 341 -28.77 -11.18 1.44
C LEU C 341 -27.99 -11.61 2.67
N THR C 342 -26.68 -11.39 2.63
CA THR C 342 -25.78 -11.82 3.70
C THR C 342 -25.24 -10.60 4.45
N GLU C 343 -24.79 -10.84 5.69
CA GLU C 343 -24.28 -9.75 6.51
C GLU C 343 -23.00 -9.14 5.96
N ARG C 344 -22.30 -9.85 5.07
CA ARG C 344 -21.12 -9.31 4.41
C ARG C 344 -21.47 -8.43 3.22
N GLY C 345 -22.76 -8.28 2.89
CA GLY C 345 -23.19 -7.44 1.81
C GLY C 345 -23.17 -8.12 0.45
N ASP C 346 -23.46 -9.42 0.45
CA ASP C 346 -23.44 -10.21 -0.78
C ASP C 346 -24.83 -10.77 -1.05
N HIS C 347 -25.14 -10.94 -2.33
CA HIS C 347 -26.41 -11.51 -2.78
C HIS C 347 -26.14 -12.90 -3.32
N ILE C 348 -26.34 -13.91 -2.48
CA ILE C 348 -26.18 -15.29 -2.90
C ILE C 348 -27.43 -15.75 -3.64
N VAL C 349 -27.22 -16.48 -4.74
CA VAL C 349 -28.31 -16.93 -5.58
C VAL C 349 -28.20 -18.43 -5.77
N TRP C 350 -29.33 -19.06 -6.09
CA TRP C 350 -29.46 -20.51 -6.14
C TRP C 350 -29.65 -20.93 -7.59
N ILE C 351 -28.54 -21.16 -8.28
CA ILE C 351 -28.54 -21.65 -9.66
C ILE C 351 -27.80 -22.98 -9.70
N ASN C 352 -28.37 -23.95 -10.42
CA ASN C 352 -27.73 -25.25 -10.65
C ASN C 352 -27.44 -25.97 -9.34
N ASN C 353 -28.39 -25.89 -8.40
CA ASN C 353 -28.32 -26.61 -7.13
C ASN C 353 -27.08 -26.21 -6.32
N SER C 354 -26.79 -24.91 -6.29
CA SER C 354 -25.65 -24.41 -5.52
C SER C 354 -25.84 -22.93 -5.25
N TRP C 355 -25.44 -22.51 -4.05
CA TRP C 355 -25.43 -21.09 -3.72
C TRP C 355 -24.16 -20.45 -4.26
N LYS C 356 -24.32 -19.37 -5.03
CA LYS C 356 -23.21 -18.72 -5.69
C LYS C 356 -23.26 -17.22 -5.49
N PHE C 357 -22.09 -16.60 -5.49
CA PHE C 357 -21.95 -15.15 -5.44
C PHE C 357 -20.59 -14.79 -6.03
N ASN C 358 -20.43 -13.51 -6.39
CA ASN C 358 -19.17 -13.07 -6.96
C ASN C 358 -18.61 -11.86 -6.23
N SER C 359 -19.49 -11.07 -5.62
CA SER C 359 -19.18 -9.90 -4.81
C SER C 359 -18.60 -8.75 -5.62
N GLU C 360 -18.38 -8.92 -6.92
CA GLU C 360 -17.97 -7.84 -7.80
C GLU C 360 -18.88 -7.65 -9.01
N GLU C 361 -19.53 -8.70 -9.49
CA GLU C 361 -20.61 -8.58 -10.47
C GLU C 361 -21.79 -9.40 -9.97
N PRO C 362 -22.96 -8.79 -9.80
CA PRO C 362 -24.12 -9.53 -9.29
C PRO C 362 -24.49 -10.68 -10.20
N LEU C 363 -24.93 -11.78 -9.59
CA LEU C 363 -25.40 -12.95 -10.32
C LEU C 363 -26.91 -13.03 -10.37
N ILE C 364 -27.61 -11.96 -9.95
CA ILE C 364 -29.07 -12.01 -9.88
C ILE C 364 -29.68 -12.12 -11.27
N THR C 365 -29.08 -11.45 -12.26
CA THR C 365 -29.62 -11.51 -13.61
C THR C 365 -29.48 -12.91 -14.21
N LYS C 366 -28.39 -13.61 -13.87
CA LYS C 366 -28.24 -15.00 -14.29
C LYS C 366 -29.36 -15.87 -13.72
N LEU C 367 -29.68 -15.66 -12.44
CA LEU C 367 -30.78 -16.41 -11.83
C LEU C 367 -32.11 -16.06 -12.48
N ILE C 368 -32.32 -14.77 -12.78
CA ILE C 368 -33.56 -14.36 -13.43
C ILE C 368 -33.71 -15.04 -14.78
N LEU C 369 -32.63 -15.10 -15.56
CA LEU C 369 -32.71 -15.77 -16.86
C LEU C 369 -32.88 -17.28 -16.71
N SER C 370 -32.24 -17.89 -15.72
CA SER C 370 -32.30 -19.34 -15.57
C SER C 370 -33.58 -19.83 -14.93
N ILE C 371 -34.38 -18.95 -14.32
CA ILE C 371 -35.59 -19.33 -13.61
C ILE C 371 -36.85 -19.12 -14.46
N ARG C 372 -36.70 -18.70 -15.71
CA ARG C 372 -37.85 -18.38 -16.54
C ARG C 372 -38.71 -19.59 -16.89
N HIS C 373 -38.21 -20.80 -16.69
CA HIS C 373 -39.00 -22.00 -16.97
C HIS C 373 -39.96 -22.36 -15.86
N GLN C 374 -39.79 -21.79 -14.67
CA GLN C 374 -40.70 -22.01 -13.54
C GLN C 374 -41.81 -20.98 -13.48
N LEU C 375 -41.88 -20.09 -14.46
CA LEU C 375 -42.83 -18.99 -14.50
C LEU C 375 -43.89 -19.25 -15.57
N PRO C 376 -45.06 -18.61 -15.44
CA PRO C 376 -46.09 -18.75 -16.48
C PRO C 376 -45.58 -18.34 -17.85
N LYS C 377 -46.27 -18.83 -18.88
CA LYS C 377 -45.84 -18.59 -20.25
C LYS C 377 -45.86 -17.11 -20.60
N GLU C 378 -46.75 -16.34 -19.99
CA GLU C 378 -46.82 -14.91 -20.25
C GLU C 378 -45.69 -14.14 -19.57
N TYR C 379 -44.97 -14.76 -18.65
CA TYR C 379 -43.86 -14.10 -17.97
C TYR C 379 -42.50 -14.53 -18.49
N SER C 380 -42.38 -15.73 -19.05
CA SER C 380 -41.08 -16.22 -19.50
C SER C 380 -40.54 -15.39 -20.67
N SER C 381 -41.41 -15.00 -21.60
CA SER C 381 -40.98 -14.21 -22.75
C SER C 381 -40.54 -12.81 -22.34
N GLU C 382 -41.01 -12.31 -21.19
CA GLU C 382 -40.60 -10.99 -20.73
C GLU C 382 -39.15 -10.96 -20.29
N LEU C 383 -38.57 -12.10 -19.93
CA LEU C 383 -37.24 -12.17 -19.35
C LEU C 383 -36.15 -12.39 -20.38
N LEU C 384 -36.48 -12.42 -21.67
CA LEU C 384 -35.48 -12.57 -22.71
C LEU C 384 -34.76 -11.26 -23.04
N CYS C 385 -35.28 -10.12 -22.60
CA CYS C 385 -34.68 -8.82 -22.81
C CYS C 385 -33.78 -8.45 -21.65
N PRO C 386 -32.52 -8.10 -21.90
CA PRO C 386 -31.62 -7.76 -20.78
C PRO C 386 -32.09 -6.59 -19.93
N ARG C 387 -32.71 -5.57 -20.55
CA ARG C 387 -33.19 -4.42 -19.80
C ARG C 387 -34.29 -4.78 -18.82
N LYS C 388 -35.24 -5.61 -19.23
CA LYS C 388 -36.30 -6.05 -18.31
C LYS C 388 -35.74 -6.93 -17.20
N ARG C 389 -34.71 -7.73 -17.49
CA ARG C 389 -34.03 -8.47 -16.44
C ARG C 389 -33.37 -7.55 -15.44
N LYS C 390 -32.77 -6.45 -15.92
CA LYS C 390 -32.20 -5.46 -15.00
C LYS C 390 -33.29 -4.80 -14.15
N THR C 391 -34.45 -4.52 -14.76
CA THR C 391 -35.56 -3.95 -14.00
C THR C 391 -36.02 -4.90 -12.90
N VAL C 392 -36.15 -6.19 -13.24
CA VAL C 392 -36.54 -7.19 -12.25
C VAL C 392 -35.49 -7.29 -11.15
N GLU C 393 -34.21 -7.19 -11.53
CA GLU C 393 -33.14 -7.22 -10.53
C GLU C 393 -33.22 -6.04 -9.59
N ALA C 394 -33.52 -4.85 -10.11
CA ALA C 394 -33.68 -3.68 -9.26
C ALA C 394 -34.84 -3.85 -8.30
N ASN C 395 -35.97 -4.38 -8.79
CA ASN C 395 -37.11 -4.66 -7.91
C ASN C 395 -36.71 -5.64 -6.81
N ILE C 396 -36.01 -6.70 -7.17
CA ILE C 396 -35.61 -7.72 -6.20
C ILE C 396 -34.70 -7.12 -5.15
N ARG C 397 -33.73 -6.30 -5.57
CA ARG C 397 -32.84 -5.67 -4.61
C ARG C 397 -33.58 -4.72 -3.69
N ASP C 398 -34.62 -4.05 -4.20
CA ASP C 398 -35.43 -3.21 -3.32
C ASP C 398 -36.25 -4.04 -2.33
N MET C 399 -36.66 -5.25 -2.71
CA MET C 399 -37.44 -6.08 -1.80
C MET C 399 -36.61 -6.75 -0.71
N LEU C 400 -35.29 -6.88 -0.90
CA LEU C 400 -34.45 -7.57 0.05
C LEU C 400 -33.96 -6.60 1.11
N VAL C 401 -34.33 -6.84 2.37
CA VAL C 401 -34.00 -5.94 3.47
C VAL C 401 -33.17 -6.65 4.51
N ASP C 402 -33.71 -7.72 5.09
CA ASP C 402 -33.04 -8.42 6.18
C ASP C 402 -31.98 -9.37 5.66
N SER C 403 -31.01 -9.66 6.52
CA SER C 403 -29.91 -10.56 6.19
C SER C 403 -30.15 -11.94 6.81
N VAL C 404 -29.39 -12.92 6.34
CA VAL C 404 -29.48 -14.29 6.82
C VAL C 404 -28.08 -14.81 7.11
N GLU C 405 -28.01 -15.82 7.97
CA GLU C 405 -26.74 -16.44 8.34
C GLU C 405 -26.46 -17.61 7.40
N THR C 406 -25.21 -17.71 6.96
CA THR C 406 -24.78 -18.74 6.03
C THR C 406 -23.73 -19.62 6.67
N ASP C 407 -23.65 -20.87 6.20
CA ASP C 407 -22.64 -21.84 6.63
C ASP C 407 -22.70 -22.06 8.14
N THR C 408 -23.89 -22.44 8.61
CA THR C 408 -24.12 -22.74 10.02
C THR C 408 -24.25 -24.23 10.29
N TYR C 409 -23.93 -25.08 9.32
CA TYR C 409 -23.98 -26.53 9.50
C TYR C 409 -22.59 -27.10 9.33
N PRO C 410 -21.95 -27.59 10.39
CA PRO C 410 -20.58 -28.10 10.27
C PRO C 410 -20.47 -29.48 9.63
N ASP C 411 -21.52 -30.30 9.67
CA ASP C 411 -21.45 -31.68 9.23
C ASP C 411 -22.00 -31.88 7.82
N LYS C 412 -21.95 -30.84 6.99
CA LYS C 412 -22.46 -30.89 5.63
C LYS C 412 -21.34 -30.54 4.65
N LEU C 413 -21.15 -31.39 3.65
CA LEU C 413 -20.15 -31.15 2.63
C LEU C 413 -20.82 -30.66 1.36
N PRO C 414 -20.63 -29.40 0.97
CA PRO C 414 -21.28 -28.88 -0.24
C PRO C 414 -20.50 -29.14 -1.52
N PHE C 415 -21.22 -29.61 -2.53
CA PHE C 415 -20.67 -29.83 -3.86
C PHE C 415 -21.29 -28.83 -4.84
N LYS C 416 -20.94 -28.97 -6.12
CA LYS C 416 -21.50 -28.10 -7.13
C LYS C 416 -22.95 -28.44 -7.46
N ASN C 417 -23.39 -29.66 -7.18
CA ASN C 417 -24.74 -30.09 -7.53
C ASN C 417 -25.51 -30.61 -6.33
N GLY C 418 -25.09 -30.30 -5.12
CA GLY C 418 -25.80 -30.73 -3.94
C GLY C 418 -24.92 -30.71 -2.71
N VAL C 419 -25.48 -31.25 -1.63
CA VAL C 419 -24.82 -31.28 -0.33
C VAL C 419 -24.78 -32.72 0.15
N LEU C 420 -23.62 -33.15 0.63
CA LEU C 420 -23.44 -34.49 1.19
C LEU C 420 -23.50 -34.42 2.70
N ASP C 421 -24.37 -35.24 3.29
CA ASP C 421 -24.51 -35.32 4.74
C ASP C 421 -23.47 -36.29 5.29
N LEU C 422 -22.51 -35.77 6.06
CA LEU C 422 -21.43 -36.60 6.56
C LEU C 422 -21.88 -37.53 7.68
N VAL C 423 -23.02 -37.24 8.33
CA VAL C 423 -23.46 -38.07 9.44
C VAL C 423 -23.88 -39.45 8.95
N ASP C 424 -24.66 -39.52 7.87
CA ASP C 424 -25.20 -40.77 7.38
C ASP C 424 -24.80 -41.09 5.95
N GLY C 425 -24.13 -40.18 5.25
CA GLY C 425 -23.64 -40.46 3.91
C GLY C 425 -24.62 -40.20 2.79
N MET C 426 -25.82 -39.71 3.08
CA MET C 426 -26.77 -39.43 2.02
C MET C 426 -26.39 -38.15 1.28
N PHE C 427 -26.87 -38.06 0.03
CA PHE C 427 -26.64 -36.91 -0.82
C PHE C 427 -27.97 -36.26 -1.14
N TYR C 428 -28.04 -34.94 -0.97
CA TYR C 428 -29.26 -34.17 -1.22
C TYR C 428 -29.04 -33.22 -2.37
N SER C 429 -30.00 -33.16 -3.29
CA SER C 429 -29.96 -32.22 -4.40
C SER C 429 -31.34 -31.61 -4.56
N GLY C 430 -31.37 -30.31 -4.83
CA GLY C 430 -32.63 -29.61 -5.01
C GLY C 430 -33.01 -28.76 -3.82
N ASP C 431 -34.30 -28.78 -3.45
CA ASP C 431 -34.76 -28.01 -2.31
C ASP C 431 -34.25 -28.57 -0.98
N ASP C 432 -33.88 -29.85 -0.95
CA ASP C 432 -33.32 -30.43 0.27
C ASP C 432 -31.96 -29.81 0.60
N ALA C 433 -31.14 -29.57 -0.41
CA ALA C 433 -29.83 -28.97 -0.20
C ALA C 433 -29.91 -27.46 0.02
N LYS C 434 -31.04 -26.83 -0.33
CA LYS C 434 -31.15 -25.38 -0.18
C LYS C 434 -31.26 -24.98 1.29
N LYS C 435 -31.74 -25.89 2.15
CA LYS C 435 -31.89 -25.57 3.57
C LYS C 435 -30.55 -25.19 4.19
N TYR C 436 -29.53 -25.99 3.94
CA TYR C 436 -28.18 -25.68 4.42
C TYR C 436 -27.57 -24.67 3.47
N THR C 437 -27.56 -23.40 3.89
CA THR C 437 -27.09 -22.31 3.04
C THR C 437 -25.57 -22.29 3.07
N CYS C 438 -24.98 -23.17 2.26
CA CYS C 438 -23.53 -23.28 2.12
C CYS C 438 -23.08 -22.40 0.96
N THR C 439 -22.32 -21.36 1.27
CA THR C 439 -21.84 -20.42 0.27
C THR C 439 -20.51 -20.84 -0.35
N VAL C 440 -19.99 -22.01 0.02
CA VAL C 440 -18.77 -22.55 -0.54
C VAL C 440 -19.08 -23.92 -1.11
N SER C 441 -18.16 -24.44 -1.93
CA SER C 441 -18.33 -25.76 -2.52
C SER C 441 -16.98 -26.28 -2.95
N THR C 442 -16.94 -27.60 -3.19
CA THR C 442 -15.72 -28.22 -3.72
C THR C 442 -15.42 -27.73 -5.12
N GLY C 443 -16.43 -27.30 -5.86
CA GLY C 443 -16.25 -26.82 -7.21
C GLY C 443 -16.45 -27.85 -8.29
N PHE C 444 -16.85 -29.07 -7.95
CA PHE C 444 -17.10 -30.11 -8.93
C PHE C 444 -18.36 -30.88 -8.54
N LYS C 445 -18.96 -31.53 -9.52
CA LYS C 445 -20.21 -32.25 -9.30
C LYS C 445 -19.94 -33.61 -8.67
N PHE C 446 -20.88 -34.05 -7.84
CA PHE C 446 -20.75 -35.29 -7.09
C PHE C 446 -21.31 -36.44 -7.90
N ASP C 447 -20.45 -37.43 -8.19
CA ASP C 447 -20.86 -38.62 -8.92
C ASP C 447 -20.99 -39.78 -7.93
N ASP C 448 -22.17 -40.40 -7.92
CA ASP C 448 -22.44 -41.51 -7.02
C ASP C 448 -22.01 -42.86 -7.57
N THR C 449 -21.66 -42.94 -8.84
CA THR C 449 -21.17 -44.19 -9.41
C THR C 449 -19.72 -44.48 -9.02
N LYS C 450 -18.98 -43.45 -8.61
CA LYS C 450 -17.62 -43.61 -8.13
C LYS C 450 -17.52 -43.56 -6.62
N PHE C 451 -18.59 -43.18 -5.93
CA PHE C 451 -18.66 -43.14 -4.48
C PHE C 451 -19.27 -44.43 -3.94
N VAL C 452 -18.64 -45.57 -4.26
CA VAL C 452 -19.28 -46.85 -3.99
C VAL C 452 -18.66 -47.55 -2.77
N GLU C 453 -17.40 -47.99 -2.89
CA GLU C 453 -16.66 -48.72 -1.86
C GLU C 453 -15.47 -49.46 -2.44
N ASP C 454 -15.71 -50.46 -3.29
CA ASP C 454 -14.68 -51.42 -3.66
C ASP C 454 -13.72 -50.89 -4.72
N SER C 455 -14.23 -50.66 -5.94
CA SER C 455 -13.58 -49.95 -7.04
C SER C 455 -12.23 -50.51 -7.46
N PRO C 456 -11.85 -50.50 -8.74
CA PRO C 456 -10.52 -50.89 -9.10
C PRO C 456 -9.58 -49.81 -8.56
N GLU C 457 -9.99 -48.54 -8.54
CA GLU C 457 -9.05 -47.52 -8.12
C GLU C 457 -8.95 -47.38 -6.60
N MET C 458 -10.00 -47.77 -5.86
CA MET C 458 -9.89 -47.74 -4.41
C MET C 458 -8.90 -48.78 -3.90
N GLU C 459 -8.75 -49.89 -4.62
CA GLU C 459 -7.74 -50.88 -4.25
C GLU C 459 -6.34 -50.29 -4.34
N GLU C 460 -6.06 -49.50 -5.38
CA GLU C 460 -4.76 -48.85 -5.49
C GLU C 460 -4.63 -47.71 -4.48
N LEU C 461 -5.72 -47.03 -4.17
CA LEU C 461 -5.66 -45.97 -3.18
C LEU C 461 -5.33 -46.52 -1.79
N MET C 462 -5.96 -47.63 -1.41
CA MET C 462 -5.59 -48.29 -0.15
C MET C 462 -4.42 -49.24 -0.36
N ASN C 463 -3.46 -48.79 -1.16
CA ASN C 463 -2.08 -49.24 -1.16
C ASN C 463 -1.11 -48.08 -1.30
N ILE C 464 -1.54 -46.98 -1.91
CA ILE C 464 -0.81 -45.72 -1.83
C ILE C 464 -0.86 -45.15 -0.43
N ILE C 465 -1.99 -45.34 0.27
CA ILE C 465 -2.10 -44.86 1.64
C ILE C 465 -1.46 -45.84 2.62
N ASN C 466 -1.59 -47.15 2.34
CA ASN C 466 -1.12 -48.17 3.27
C ASN C 466 0.41 -48.28 3.32
N ASP C 467 1.13 -47.63 2.41
CA ASP C 467 2.58 -47.60 2.49
C ASP C 467 3.14 -46.24 2.82
N ILE C 468 2.38 -45.17 2.62
CA ILE C 468 2.74 -43.87 3.19
C ILE C 468 2.63 -43.92 4.71
N GLN C 469 1.53 -44.49 5.21
CA GLN C 469 1.30 -44.66 6.64
C GLN C 469 0.98 -46.13 6.88
N PRO C 470 2.01 -46.96 7.09
CA PRO C 470 1.78 -48.41 7.20
C PRO C 470 0.93 -48.77 8.40
N LEU C 471 0.19 -49.88 8.27
CA LEU C 471 -0.62 -50.43 9.36
C LEU C 471 0.23 -51.41 10.15
N THR C 472 0.88 -50.90 11.19
CA THR C 472 1.74 -51.69 12.06
C THR C 472 1.43 -51.35 13.51
N ASP C 473 2.10 -52.07 14.42
CA ASP C 473 1.95 -51.76 15.84
C ASP C 473 2.67 -50.46 16.20
N GLU C 474 3.87 -50.25 15.65
CA GLU C 474 4.60 -49.02 15.92
C GLU C 474 3.90 -47.81 15.32
N ASN C 475 3.45 -47.93 14.07
CA ASN C 475 2.72 -46.84 13.41
C ASN C 475 1.22 -47.10 13.52
N LYS C 476 0.73 -46.97 14.75
CA LYS C 476 -0.69 -47.12 15.04
C LYS C 476 -1.34 -45.82 15.48
N LYS C 477 -0.83 -45.21 16.54
CA LYS C 477 -1.32 -43.89 16.94
C LYS C 477 -1.01 -42.83 15.90
N ASN C 478 0.15 -42.92 15.24
CA ASN C 478 0.47 -41.99 14.16
C ASN C 478 -0.52 -42.14 13.01
N ARG C 479 -0.85 -43.38 12.64
CA ARG C 479 -1.83 -43.60 11.58
C ARG C 479 -3.20 -43.07 11.98
N GLU C 480 -3.60 -43.28 13.24
CA GLU C 480 -4.88 -42.76 13.70
C GLU C 480 -4.91 -41.24 13.66
N LEU C 481 -3.83 -40.58 14.10
CA LEU C 481 -3.78 -39.12 14.07
C LEU C 481 -3.80 -38.60 12.64
N TYR C 482 -3.10 -39.30 11.74
CA TYR C 482 -3.11 -38.93 10.33
C TYR C 482 -4.53 -39.00 9.75
N GLU C 483 -5.25 -40.09 10.07
CA GLU C 483 -6.62 -40.24 9.61
C GLU C 483 -7.52 -39.16 10.18
N LYS C 484 -7.38 -38.85 11.48
CA LYS C 484 -8.20 -37.82 12.10
C LYS C 484 -7.95 -36.46 11.47
N THR C 485 -6.68 -36.11 11.26
CA THR C 485 -6.35 -34.82 10.68
C THR C 485 -6.88 -34.70 9.27
N LEU C 486 -6.78 -35.77 8.48
CA LEU C 486 -7.34 -35.72 7.14
C LEU C 486 -8.86 -35.62 7.16
N SER C 487 -9.50 -36.31 8.11
CA SER C 487 -10.96 -36.29 8.20
C SER C 487 -11.49 -34.92 8.60
N SER C 488 -10.77 -34.23 9.49
CA SER C 488 -11.26 -32.95 9.98
C SER C 488 -11.37 -31.89 8.88
N CYS C 489 -10.75 -32.12 7.73
CA CYS C 489 -10.84 -31.19 6.61
C CYS C 489 -12.21 -31.23 5.93
N LEU C 490 -13.06 -32.20 6.26
CA LEU C 490 -14.38 -32.30 5.68
C LEU C 490 -15.44 -31.52 6.44
N CYS C 491 -15.14 -31.05 7.65
CA CYS C 491 -16.12 -30.42 8.51
C CYS C 491 -15.87 -28.92 8.57
N GLY C 492 -16.92 -28.13 8.37
CA GLY C 492 -16.80 -26.70 8.47
C GLY C 492 -17.04 -26.22 9.89
N ALA C 493 -15.95 -26.07 10.64
CA ALA C 493 -16.01 -25.64 12.03
C ALA C 493 -14.60 -25.23 12.43
N THR C 494 -14.51 -24.51 13.55
CA THR C 494 -13.23 -24.05 14.04
C THR C 494 -12.44 -25.21 14.62
N LYS C 495 -11.17 -25.31 14.23
CA LYS C 495 -10.28 -26.36 14.70
C LYS C 495 -9.29 -25.78 15.70
N GLY C 496 -9.12 -26.49 16.82
CA GLY C 496 -8.31 -26.00 17.93
C GLY C 496 -6.85 -26.36 17.91
N CYS C 497 -6.36 -27.01 16.86
CA CYS C 497 -4.96 -27.41 16.80
C CYS C 497 -4.41 -27.18 15.40
N LEU C 498 -3.11 -26.88 15.36
CA LEU C 498 -2.35 -26.81 14.11
C LEU C 498 -1.50 -28.07 13.99
N THR C 499 -1.60 -28.74 12.86
CA THR C 499 -0.92 -30.02 12.66
C THR C 499 0.30 -29.85 11.78
N PHE C 500 1.39 -30.50 12.17
CA PHE C 500 2.63 -30.52 11.41
C PHE C 500 2.80 -31.88 10.76
N PHE C 501 2.96 -31.88 9.43
CA PHE C 501 3.27 -33.09 8.68
C PHE C 501 4.79 -33.15 8.57
N PHE C 502 5.43 -33.77 9.56
CA PHE C 502 6.88 -33.80 9.64
C PHE C 502 7.43 -35.09 9.03
N GLY C 503 8.41 -34.95 8.16
CA GLY C 503 9.06 -36.10 7.56
C GLY C 503 10.29 -35.64 6.80
N GLU C 504 10.97 -36.62 6.22
CA GLU C 504 12.15 -36.33 5.42
C GLU C 504 11.73 -36.18 3.97
N THR C 505 12.71 -36.15 3.06
CA THR C 505 12.41 -35.97 1.65
C THR C 505 11.83 -37.24 1.05
N ALA C 506 10.90 -37.05 0.11
CA ALA C 506 10.26 -38.15 -0.61
C ALA C 506 9.59 -39.15 0.35
N THR C 507 8.82 -38.61 1.29
CA THR C 507 8.11 -39.44 2.26
C THR C 507 6.61 -39.46 2.04
N GLY C 508 6.09 -38.69 1.08
CA GLY C 508 4.69 -38.71 0.75
C GLY C 508 3.86 -37.56 1.27
N LYS C 509 4.48 -36.54 1.86
CA LYS C 509 3.71 -35.40 2.36
C LYS C 509 3.01 -34.66 1.21
N SER C 510 3.74 -34.39 0.14
CA SER C 510 3.13 -33.71 -1.01
C SER C 510 2.12 -34.61 -1.71
N THR C 511 2.35 -35.93 -1.70
CA THR C 511 1.36 -36.84 -2.27
C THR C 511 0.05 -36.77 -1.50
N THR C 512 0.12 -36.76 -0.16
CA THR C 512 -1.09 -36.61 0.65
C THR C 512 -1.74 -35.26 0.43
N LYS C 513 -0.93 -34.20 0.31
CA LYS C 513 -1.46 -32.88 -0.01
C LYS C 513 -2.24 -32.89 -1.32
N ARG C 514 -1.65 -33.48 -2.37
CA ARG C 514 -2.29 -33.49 -3.68
C ARG C 514 -3.53 -34.38 -3.69
N LEU C 515 -3.51 -35.48 -2.93
CA LEU C 515 -4.70 -36.30 -2.80
C LEU C 515 -5.83 -35.53 -2.12
N LEU C 516 -5.51 -34.79 -1.05
CA LEU C 516 -6.53 -34.01 -0.37
C LEU C 516 -7.07 -32.89 -1.25
N LYS C 517 -6.20 -32.25 -2.02
CA LYS C 517 -6.64 -31.18 -2.91
C LYS C 517 -7.59 -31.70 -3.97
N SER C 518 -7.34 -32.91 -4.47
CA SER C 518 -8.22 -33.50 -5.49
C SER C 518 -9.57 -33.86 -4.90
N ALA C 519 -9.62 -34.29 -3.64
CA ALA C 519 -10.86 -34.77 -3.06
C ALA C 519 -11.81 -33.62 -2.73
N ILE C 520 -11.30 -32.53 -2.18
CA ILE C 520 -12.14 -31.43 -1.72
C ILE C 520 -12.07 -30.20 -2.61
N GLY C 521 -11.16 -30.16 -3.57
CA GLY C 521 -11.22 -29.14 -4.62
C GLY C 521 -11.11 -27.72 -4.07
N ASP C 522 -12.11 -26.90 -4.39
CA ASP C 522 -12.10 -25.48 -4.07
C ASP C 522 -12.21 -25.21 -2.58
N LEU C 523 -12.55 -26.21 -1.77
CA LEU C 523 -12.52 -26.07 -0.32
C LEU C 523 -11.10 -26.14 0.24
N PHE C 524 -10.11 -26.26 -0.63
CA PHE C 524 -8.71 -26.40 -0.25
C PHE C 524 -7.96 -25.17 -0.75
N VAL C 525 -7.14 -24.58 0.12
CA VAL C 525 -6.40 -23.37 -0.21
C VAL C 525 -4.97 -23.51 0.31
N GLU C 526 -4.01 -22.99 -0.45
CA GLU C 526 -2.63 -22.88 -0.02
C GLU C 526 -2.31 -21.42 0.28
N THR C 527 -1.62 -21.19 1.39
CA THR C 527 -1.18 -19.87 1.79
C THR C 527 0.34 -19.86 1.95
N GLY C 528 0.88 -18.69 2.27
CA GLY C 528 2.30 -18.53 2.46
C GLY C 528 2.72 -18.65 3.92
N GLN C 529 4.01 -18.42 4.14
CA GLN C 529 4.57 -18.45 5.49
C GLN C 529 4.30 -17.18 6.28
N THR C 530 3.80 -16.12 5.63
CA THR C 530 3.58 -14.86 6.32
C THR C 530 2.52 -15.00 7.41
N ILE C 531 1.60 -15.96 7.26
CA ILE C 531 0.58 -16.18 8.28
C ILE C 531 1.15 -16.85 9.52
N LEU C 532 2.42 -17.27 9.49
CA LEU C 532 3.07 -17.94 10.61
C LEU C 532 4.16 -17.10 11.26
N THR C 533 4.91 -16.32 10.47
CA THR C 533 6.07 -15.59 10.98
C THR C 533 5.94 -14.08 10.81
N ASP C 534 4.73 -13.55 10.63
CA ASP C 534 4.56 -12.13 10.41
C ASP C 534 3.25 -11.66 11.05
N VAL C 535 3.16 -10.35 11.26
CA VAL C 535 1.97 -9.76 11.87
C VAL C 535 0.79 -9.91 10.91
N LEU C 536 -0.31 -10.44 11.42
CA LEU C 536 -1.46 -10.72 10.56
C LEU C 536 -2.23 -9.46 10.16
N ASP C 537 -2.10 -8.38 10.92
CA ASP C 537 -2.82 -7.13 10.65
C ASP C 537 -1.82 -5.98 10.65
N LYS C 538 -1.14 -5.78 9.54
CA LYS C 538 -0.26 -4.64 9.34
C LYS C 538 -0.47 -4.05 7.95
N GLY C 539 -1.73 -3.97 7.53
CA GLY C 539 -2.07 -3.56 6.20
C GLY C 539 -2.84 -4.64 5.47
N PRO C 540 -2.84 -4.61 4.14
CA PRO C 540 -3.55 -5.64 3.38
C PRO C 540 -2.84 -6.98 3.49
N ASN C 541 -3.60 -8.00 3.86
CA ASN C 541 -3.09 -9.37 4.00
C ASN C 541 -3.99 -10.32 3.24
N PRO C 542 -3.83 -10.41 1.92
CA PRO C 542 -4.64 -11.35 1.14
C PRO C 542 -4.40 -12.80 1.52
N PHE C 543 -3.26 -13.12 2.12
CA PHE C 543 -2.99 -14.50 2.50
C PHE C 543 -3.86 -14.96 3.66
N ILE C 544 -4.29 -14.05 4.52
CA ILE C 544 -5.15 -14.40 5.64
C ILE C 544 -6.63 -14.19 5.32
N ALA C 545 -6.95 -13.37 4.31
CA ALA C 545 -8.32 -13.14 3.91
C ALA C 545 -8.83 -14.17 2.90
N ASN C 546 -7.94 -14.97 2.32
CA ASN C 546 -8.35 -16.02 1.39
C ASN C 546 -8.73 -17.31 2.11
N MET C 547 -8.47 -17.42 3.40
CA MET C 547 -8.86 -18.57 4.20
C MET C 547 -10.25 -18.44 4.80
N HIS C 548 -11.07 -17.54 4.25
CA HIS C 548 -12.42 -17.35 4.75
C HIS C 548 -13.30 -18.51 4.31
N LEU C 549 -13.82 -19.26 5.28
CA LEU C 549 -14.72 -20.40 5.10
C LEU C 549 -14.04 -21.60 4.45
N LYS C 550 -12.73 -21.54 4.19
CA LYS C 550 -12.03 -22.71 3.69
C LYS C 550 -11.89 -23.76 4.78
N ARG C 551 -11.95 -25.02 4.37
CA ARG C 551 -11.94 -26.14 5.30
C ARG C 551 -10.58 -26.80 5.43
N SER C 552 -9.56 -26.32 4.72
CA SER C 552 -8.22 -26.88 4.83
C SER C 552 -7.23 -25.84 4.33
N VAL C 553 -6.17 -25.60 5.11
CA VAL C 553 -5.12 -24.67 4.76
C VAL C 553 -3.79 -25.41 4.83
N PHE C 554 -2.98 -25.27 3.79
CA PHE C 554 -1.67 -25.89 3.73
C PHE C 554 -0.59 -24.82 3.57
N CYS C 555 0.50 -24.99 4.31
CA CYS C 555 1.69 -24.15 4.19
C CYS C 555 2.87 -25.10 4.06
N SER C 556 3.47 -25.16 2.87
CA SER C 556 4.48 -26.17 2.59
C SER C 556 5.88 -25.64 2.84
N GLU C 557 6.78 -26.56 3.23
CA GLU C 557 8.22 -26.33 3.30
C GLU C 557 8.56 -25.19 4.26
N LEU C 558 8.21 -25.36 5.53
CA LEU C 558 8.56 -24.34 6.53
C LEU C 558 10.09 -24.33 6.57
N PRO C 559 10.74 -23.16 6.57
CA PRO C 559 12.17 -23.10 6.49
C PRO C 559 12.87 -23.73 7.68
N ASP C 560 14.17 -23.95 7.60
CA ASP C 560 14.84 -24.43 8.82
C ASP C 560 14.77 -23.25 9.74
N PHE C 561 13.86 -23.25 10.74
CA PHE C 561 13.83 -22.04 11.55
C PHE C 561 14.85 -22.06 12.69
N ALA C 562 15.62 -23.13 12.85
CA ALA C 562 16.73 -23.16 13.78
C ALA C 562 18.06 -22.81 13.13
N CYS C 563 18.05 -22.46 11.85
CA CYS C 563 19.27 -22.11 11.13
C CYS C 563 19.57 -20.63 11.31
N SER C 564 20.51 -20.11 10.52
CA SER C 564 20.88 -18.71 10.57
C SER C 564 20.09 -17.92 9.54
N GLY C 565 19.78 -16.67 9.89
CA GLY C 565 19.02 -15.82 9.00
C GLY C 565 17.57 -16.15 8.88
N SER C 566 17.03 -16.94 9.80
CA SER C 566 15.63 -17.36 9.78
C SER C 566 14.93 -16.86 11.03
N LYS C 567 13.61 -16.66 10.91
CA LYS C 567 12.80 -16.14 11.99
C LYS C 567 12.06 -17.27 12.68
N LYS C 568 11.96 -17.18 14.01
CA LYS C 568 11.09 -18.08 14.75
C LYS C 568 9.66 -17.92 14.26
N ILE C 569 8.81 -18.90 14.57
CA ILE C 569 7.49 -18.84 13.93
C ILE C 569 6.64 -17.78 14.61
N ARG C 570 6.12 -18.10 15.79
CA ARG C 570 5.40 -17.16 16.65
C ARG C 570 4.76 -17.92 17.80
N SER C 571 4.14 -17.20 18.72
CA SER C 571 3.10 -17.76 19.57
C SER C 571 1.76 -17.08 19.37
N ASP C 572 1.77 -15.77 19.15
CA ASP C 572 0.54 -15.03 18.87
C ASP C 572 -0.12 -15.52 17.59
N ASN C 573 0.66 -15.75 16.54
CA ASN C 573 0.09 -16.19 15.27
C ASN C 573 -0.56 -17.56 15.43
N ILE C 574 0.07 -18.47 16.17
CA ILE C 574 -0.53 -19.77 16.42
C ILE C 574 -1.83 -19.61 17.22
N LYS C 575 -1.81 -18.73 18.23
CA LYS C 575 -3.02 -18.50 19.01
C LYS C 575 -4.09 -17.79 18.17
N LYS C 576 -3.67 -16.84 17.32
CA LYS C 576 -4.64 -16.08 16.53
C LYS C 576 -5.22 -16.90 15.38
N LEU C 577 -4.55 -17.96 14.95
CA LEU C 577 -5.05 -18.81 13.87
C LEU C 577 -6.00 -19.89 14.38
N THR C 578 -6.25 -19.95 15.68
CA THR C 578 -7.12 -20.95 16.29
C THR C 578 -8.51 -20.40 16.61
N GLU C 579 -8.64 -19.09 16.83
CA GLU C 579 -9.91 -18.50 17.20
C GLU C 579 -10.91 -18.59 16.05
N PRO C 580 -12.21 -18.58 16.36
CA PRO C 580 -13.22 -18.72 15.31
C PRO C 580 -13.16 -17.65 14.23
N CYS C 581 -12.74 -16.43 14.57
CA CYS C 581 -12.63 -15.35 13.61
C CYS C 581 -11.22 -14.80 13.60
N VAL C 582 -10.61 -14.74 12.42
CA VAL C 582 -9.26 -14.23 12.25
C VAL C 582 -9.34 -12.84 11.65
N ILE C 583 -8.64 -11.88 12.24
CA ILE C 583 -8.73 -10.48 11.85
C ILE C 583 -7.71 -10.20 10.77
N GLY C 584 -8.18 -9.73 9.61
CA GLY C 584 -7.33 -9.43 8.48
C GLY C 584 -8.17 -9.02 7.28
N ARG C 585 -7.63 -8.14 6.44
CA ARG C 585 -8.41 -7.60 5.34
C ARG C 585 -7.67 -7.77 4.02
N PRO C 586 -8.41 -7.87 2.91
CA PRO C 586 -7.76 -7.94 1.60
C PRO C 586 -7.30 -6.57 1.13
N CYS C 587 -6.81 -6.50 -0.09
CA CYS C 587 -6.48 -5.21 -0.70
C CYS C 587 -7.76 -4.50 -1.12
N PHE C 588 -7.79 -3.18 -0.87
CA PHE C 588 -8.90 -2.32 -1.28
C PHE C 588 -10.23 -2.79 -0.69
N SER C 589 -10.21 -3.18 0.58
CA SER C 589 -11.43 -3.65 1.25
C SER C 589 -11.42 -3.21 2.70
N ASN C 590 -12.61 -3.08 3.28
CA ASN C 590 -12.79 -2.73 4.67
C ASN C 590 -13.28 -3.88 5.53
N LYS C 591 -13.51 -5.05 4.94
CA LYS C 591 -13.92 -6.23 5.70
C LYS C 591 -12.70 -6.82 6.39
N ILE C 592 -12.74 -6.87 7.73
CA ILE C 592 -11.60 -7.32 8.52
C ILE C 592 -11.92 -8.57 9.33
N ASN C 593 -13.07 -9.21 9.07
CA ASN C 593 -13.49 -10.38 9.82
C ASN C 593 -13.58 -11.57 8.87
N ASN C 594 -12.88 -12.65 9.21
CA ASN C 594 -12.89 -13.87 8.42
C ASN C 594 -13.22 -15.05 9.32
N ARG C 595 -14.15 -15.90 8.86
CA ARG C 595 -14.55 -17.06 9.63
C ARG C 595 -13.55 -18.20 9.42
N ASN C 596 -13.02 -18.71 10.52
CA ASN C 596 -12.01 -19.77 10.49
C ASN C 596 -12.69 -21.13 10.54
N HIS C 597 -12.57 -21.90 9.45
CA HIS C 597 -13.14 -23.24 9.37
C HIS C 597 -12.12 -24.28 8.95
N ALA C 598 -10.83 -23.94 8.98
CA ALA C 598 -9.81 -24.70 8.26
C ALA C 598 -8.95 -25.52 9.21
N THR C 599 -8.57 -26.71 8.75
CA THR C 599 -7.51 -27.49 9.38
C THR C 599 -6.19 -27.01 8.78
N ILE C 600 -5.37 -26.37 9.61
CA ILE C 600 -4.11 -25.81 9.14
C ILE C 600 -3.02 -26.86 9.28
N ILE C 601 -2.42 -27.25 8.17
CA ILE C 601 -1.39 -28.29 8.12
C ILE C 601 -0.13 -27.69 7.51
N ILE C 602 1.01 -27.92 8.16
CA ILE C 602 2.31 -27.47 7.67
C ILE C 602 3.17 -28.71 7.47
N ASP C 603 3.57 -28.97 6.23
CA ASP C 603 4.40 -30.11 5.90
C ASP C 603 5.86 -29.67 5.86
N THR C 604 6.68 -30.26 6.71
CA THR C 604 8.02 -29.77 6.99
C THR C 604 9.03 -30.89 6.89
N ASN C 605 10.29 -30.50 6.66
CA ASN C 605 11.42 -31.40 6.82
C ASN C 605 12.17 -31.18 8.11
N TYR C 606 11.86 -30.12 8.85
CA TYR C 606 12.52 -29.79 10.10
C TYR C 606 11.49 -29.50 11.17
N LYS C 607 11.86 -29.79 12.42
CA LYS C 607 10.95 -29.55 13.53
C LYS C 607 10.75 -28.05 13.74
N PRO C 608 9.51 -27.61 13.99
CA PRO C 608 9.26 -26.18 14.17
C PRO C 608 9.92 -25.65 15.43
N VAL C 609 10.33 -24.38 15.36
CA VAL C 609 10.94 -23.69 16.49
C VAL C 609 10.17 -22.39 16.70
N PHE C 610 9.73 -22.17 17.94
CA PHE C 610 8.88 -21.03 18.28
C PHE C 610 9.67 -20.03 19.12
N ASP C 611 9.29 -18.75 18.98
CA ASP C 611 10.00 -17.69 19.70
C ASP C 611 9.78 -17.80 21.21
N ARG C 612 8.56 -18.11 21.64
CA ARG C 612 8.24 -18.23 23.05
C ARG C 612 7.37 -19.47 23.26
N ILE C 613 7.68 -20.22 24.32
CA ILE C 613 7.01 -21.48 24.62
C ILE C 613 6.20 -21.31 25.90
N ASP C 614 4.94 -21.72 25.87
CA ASP C 614 4.08 -21.71 27.04
C ASP C 614 3.03 -22.81 26.88
N ASN C 615 2.27 -23.04 27.96
CA ASN C 615 1.23 -24.06 27.93
C ASN C 615 0.15 -23.75 26.90
N ALA C 616 -0.14 -22.47 26.66
CA ALA C 616 -1.11 -22.11 25.63
C ALA C 616 -0.66 -22.56 24.26
N LEU C 617 0.64 -22.46 23.97
CA LEU C 617 1.16 -22.96 22.70
C LEU C 617 1.13 -24.48 22.65
N MET C 618 1.56 -25.14 23.73
CA MET C 618 1.55 -26.60 23.76
C MET C 618 0.16 -27.19 23.71
N ARG C 619 -0.87 -26.40 23.97
CA ARG C 619 -2.25 -26.84 23.88
C ARG C 619 -2.80 -26.80 22.45
N ARG C 620 -1.98 -26.47 21.45
CA ARG C 620 -2.51 -26.17 20.13
C ARG C 620 -1.70 -26.78 18.99
N ILE C 621 -0.87 -27.78 19.25
CA ILE C 621 0.06 -28.30 18.23
C ILE C 621 0.05 -29.82 18.24
N ALA C 622 -0.10 -30.41 17.06
CA ALA C 622 -0.01 -31.85 16.86
C ALA C 622 0.96 -32.15 15.73
N VAL C 623 1.55 -33.33 15.75
CA VAL C 623 2.60 -33.71 14.80
C VAL C 623 2.30 -35.10 14.24
N VAL C 624 2.35 -35.22 12.92
CA VAL C 624 2.24 -36.51 12.23
C VAL C 624 3.56 -36.81 11.57
N ARG C 625 4.02 -38.06 11.68
CA ARG C 625 5.33 -38.47 11.18
C ARG C 625 5.18 -39.25 9.88
N PHE C 626 6.09 -38.98 8.94
CA PHE C 626 6.18 -39.68 7.67
C PHE C 626 7.55 -40.34 7.60
N ARG C 627 7.59 -41.67 7.62
CA ARG C 627 8.85 -42.40 7.76
C ARG C 627 8.98 -43.51 6.72
N THR C 628 8.47 -43.28 5.51
CA THR C 628 8.62 -44.23 4.42
C THR C 628 9.21 -43.52 3.22
N HIS C 629 10.30 -44.06 2.68
CA HIS C 629 11.02 -43.44 1.58
C HIS C 629 10.63 -44.10 0.25
N PHE C 630 10.30 -43.28 -0.73
CA PHE C 630 9.99 -43.73 -2.09
C PHE C 630 11.12 -43.24 -2.98
N SER C 631 12.10 -44.10 -3.20
CA SER C 631 13.34 -43.72 -3.86
C SER C 631 13.51 -44.45 -5.19
N GLN C 632 14.41 -43.92 -6.01
CA GLN C 632 14.81 -44.58 -7.24
C GLN C 632 15.58 -45.86 -6.91
N PRO C 633 15.59 -46.83 -7.82
CA PRO C 633 16.33 -48.07 -7.56
C PRO C 633 17.81 -47.84 -7.31
N SER C 634 18.40 -46.82 -7.94
CA SER C 634 19.83 -46.56 -7.75
C SER C 634 20.16 -46.19 -6.32
N GLY C 635 19.34 -45.34 -5.70
CA GLY C 635 19.59 -44.85 -4.36
C GLY C 635 18.95 -45.62 -3.24
N ARG C 636 18.46 -46.84 -3.50
CA ARG C 636 17.77 -47.60 -2.47
C ARG C 636 18.71 -47.97 -1.33
N GLU C 637 19.95 -48.33 -1.65
CA GLU C 637 20.89 -48.76 -0.62
C GLU C 637 21.20 -47.64 0.36
N ALA C 638 21.41 -46.42 -0.14
CA ALA C 638 21.73 -45.31 0.74
C ALA C 638 20.56 -44.90 1.62
N ALA C 639 19.33 -45.28 1.25
CA ALA C 639 18.16 -44.97 2.04
C ALA C 639 17.94 -45.98 3.16
N GLU C 640 18.22 -47.26 2.89
CA GLU C 640 18.08 -48.28 3.93
C GLU C 640 19.10 -48.11 5.04
N ASN C 641 20.19 -47.38 4.77
CA ASN C 641 21.18 -47.07 5.80
C ASN C 641 20.94 -45.71 6.44
N ASN C 642 19.70 -45.23 6.41
CA ASN C 642 19.31 -43.98 7.05
C ASN C 642 18.34 -44.27 8.18
N ASP C 643 18.59 -43.65 9.33
CA ASP C 643 17.80 -43.90 10.54
C ASP C 643 16.47 -43.16 10.52
N ALA C 644 16.22 -42.32 9.53
CA ALA C 644 15.00 -41.55 9.44
C ALA C 644 13.89 -42.26 8.66
N TYR C 645 14.17 -43.43 8.09
CA TYR C 645 13.19 -44.17 7.31
C TYR C 645 12.98 -45.54 7.92
N ASP C 646 11.72 -45.89 8.15
CA ASP C 646 11.35 -47.23 8.61
C ASP C 646 10.98 -48.15 7.46
N LYS C 647 10.94 -47.65 6.24
CA LYS C 647 10.55 -48.44 5.08
C LYS C 647 11.05 -47.73 3.83
N VAL C 648 11.51 -48.51 2.85
CA VAL C 648 11.97 -47.98 1.57
C VAL C 648 11.23 -48.72 0.47
N LYS C 649 10.68 -47.96 -0.48
CA LYS C 649 9.97 -48.56 -1.60
C LYS C 649 10.42 -47.96 -2.93
N LEU C 650 9.74 -48.32 -4.01
CA LEU C 650 10.07 -47.85 -5.34
C LEU C 650 9.19 -46.65 -5.70
N LEU C 651 9.81 -45.63 -6.28
CA LEU C 651 9.07 -44.45 -6.73
C LEU C 651 8.21 -44.80 -7.93
N ASP C 652 6.94 -44.41 -7.88
CA ASP C 652 6.02 -44.61 -8.99
C ASP C 652 5.98 -43.33 -9.81
N GLU C 653 6.59 -43.35 -11.00
CA GLU C 653 6.70 -42.16 -11.81
C GLU C 653 5.38 -41.78 -12.47
N GLY C 654 4.42 -42.70 -12.53
CA GLY C 654 3.13 -42.39 -13.13
C GLY C 654 2.06 -42.06 -12.11
N LEU C 655 2.47 -41.82 -10.87
CA LEU C 655 1.52 -41.53 -9.81
C LEU C 655 1.19 -40.04 -9.71
N ASP C 656 2.19 -39.17 -9.90
CA ASP C 656 1.94 -37.73 -9.82
C ASP C 656 0.96 -37.28 -10.89
N GLY C 657 1.12 -37.80 -12.12
CA GLY C 657 0.18 -37.44 -13.18
C GLY C 657 -1.20 -37.99 -12.95
N LYS C 658 -1.29 -39.22 -12.45
CA LYS C 658 -2.61 -39.83 -12.22
C LYS C 658 -3.34 -39.13 -11.08
N ILE C 659 -2.62 -38.74 -10.02
CA ILE C 659 -3.23 -37.99 -8.93
C ILE C 659 -3.73 -36.64 -9.44
N GLN C 660 -2.90 -35.96 -10.23
CA GLN C 660 -3.27 -34.66 -10.78
C GLN C 660 -4.42 -34.75 -11.78
N ASN C 661 -4.73 -35.94 -12.28
CA ASN C 661 -5.84 -36.15 -13.20
C ASN C 661 -7.13 -36.52 -12.49
N ASN C 662 -7.17 -36.41 -11.16
CA ASN C 662 -8.37 -36.69 -10.36
C ASN C 662 -8.81 -38.14 -10.52
N ARG C 663 -7.84 -39.05 -10.60
CA ARG C 663 -8.16 -40.47 -10.71
C ARG C 663 -8.72 -41.02 -9.40
N TYR C 664 -8.24 -40.50 -8.26
CA TYR C 664 -8.67 -40.95 -6.94
C TYR C 664 -9.50 -39.90 -6.21
N ARG C 665 -10.24 -39.09 -6.97
CA ARG C 665 -10.99 -37.98 -6.37
C ARG C 665 -12.11 -38.50 -5.46
N PHE C 666 -12.78 -39.58 -5.85
CA PHE C 666 -13.91 -40.09 -5.09
C PHE C 666 -13.56 -41.25 -4.18
N ALA C 667 -12.51 -42.02 -4.49
CA ALA C 667 -12.03 -43.03 -3.55
C ALA C 667 -11.49 -42.38 -2.28
N PHE C 668 -10.70 -41.30 -2.43
CA PHE C 668 -10.21 -40.60 -1.27
C PHE C 668 -11.33 -39.89 -0.53
N LEU C 669 -12.33 -39.39 -1.26
CA LEU C 669 -13.50 -38.81 -0.62
C LEU C 669 -14.24 -39.85 0.22
N TYR C 670 -14.40 -41.06 -0.31
CA TYR C 670 -15.05 -42.12 0.45
C TYR C 670 -14.25 -42.50 1.68
N LEU C 671 -12.92 -42.58 1.54
CA LEU C 671 -12.08 -42.86 2.70
C LEU C 671 -12.22 -41.78 3.76
N LEU C 672 -12.23 -40.52 3.34
CA LEU C 672 -12.37 -39.41 4.29
C LEU C 672 -13.71 -39.47 4.99
N VAL C 673 -14.78 -39.77 4.27
CA VAL C 673 -16.10 -39.86 4.89
C VAL C 673 -16.15 -41.02 5.88
N LYS C 674 -15.56 -42.16 5.52
CA LYS C 674 -15.52 -43.30 6.44
C LYS C 674 -14.76 -42.96 7.71
N TRP C 675 -13.58 -42.34 7.56
CA TRP C 675 -12.80 -41.96 8.73
C TRP C 675 -13.52 -40.92 9.57
N TYR C 676 -14.23 -40.00 8.92
CA TYR C 676 -15.01 -39.00 9.64
C TYR C 676 -16.09 -39.68 10.47
N LYS C 677 -16.82 -40.62 9.88
CA LYS C 677 -17.83 -41.36 10.63
C LYS C 677 -17.20 -42.10 11.81
N LYS C 678 -15.99 -42.62 11.62
CA LYS C 678 -15.34 -43.34 12.70
C LYS C 678 -14.91 -42.42 13.84
N TYR C 679 -14.40 -41.23 13.52
CA TYR C 679 -13.69 -40.42 14.50
C TYR C 679 -14.46 -39.21 15.01
N HIS C 680 -15.14 -38.46 14.14
CA HIS C 680 -15.64 -37.13 14.47
C HIS C 680 -17.15 -37.10 14.64
N ILE C 681 -17.72 -38.15 15.23
CA ILE C 681 -19.15 -38.19 15.55
C ILE C 681 -19.30 -38.64 16.99
N PRO C 682 -20.09 -37.93 17.81
CA PRO C 682 -20.86 -36.71 17.51
C PRO C 682 -20.10 -35.42 17.77
N ILE C 683 -18.90 -35.48 18.34
CA ILE C 683 -18.12 -34.30 18.69
C ILE C 683 -16.85 -34.30 17.85
N MET C 684 -16.60 -33.20 17.15
CA MET C 684 -15.41 -33.04 16.33
C MET C 684 -14.41 -32.17 17.08
N LYS C 685 -13.25 -32.73 17.40
CA LYS C 685 -12.22 -32.00 18.11
C LYS C 685 -10.87 -32.63 17.82
N LEU C 686 -9.85 -31.78 17.62
CA LEU C 686 -8.49 -32.23 17.40
C LEU C 686 -7.68 -32.00 18.68
N TYR C 687 -6.92 -33.01 19.09
CA TYR C 687 -6.16 -32.95 20.32
C TYR C 687 -4.67 -32.80 20.03
N PRO C 688 -3.93 -32.11 20.90
CA PRO C 688 -2.52 -31.88 20.65
C PRO C 688 -1.65 -33.05 21.11
N THR C 689 -0.44 -33.11 20.53
CA THR C 689 0.55 -34.12 20.85
C THR C 689 1.84 -33.42 21.24
N PRO C 690 1.93 -32.90 22.46
CA PRO C 690 3.13 -32.15 22.86
C PRO C 690 4.41 -32.96 22.83
N GLU C 691 4.34 -34.27 23.08
CA GLU C 691 5.56 -35.07 23.24
C GLU C 691 6.13 -35.51 21.90
N GLU C 692 6.22 -34.58 20.96
CA GLU C 692 6.93 -34.79 19.70
C GLU C 692 7.89 -33.68 19.38
N ILE C 693 7.56 -32.44 19.72
CA ILE C 693 8.41 -31.29 19.44
C ILE C 693 9.53 -31.25 20.47
N PRO C 694 10.80 -31.27 20.04
CA PRO C 694 11.91 -31.17 21.00
C PRO C 694 11.94 -29.87 21.78
N ASP C 695 11.29 -28.82 21.30
CA ASP C 695 11.27 -27.54 22.02
C ASP C 695 10.45 -27.64 23.30
N PHE C 696 9.40 -28.47 23.32
CA PHE C 696 8.52 -28.60 24.47
C PHE C 696 9.05 -29.56 25.51
N ALA C 697 10.20 -30.21 25.25
CA ALA C 697 10.67 -31.29 26.12
C ALA C 697 11.01 -30.76 27.51
N PHE C 698 11.73 -29.63 27.58
CA PHE C 698 12.13 -29.09 28.86
C PHE C 698 10.90 -28.68 29.67
N TYR C 699 9.93 -28.01 29.03
CA TYR C 699 8.75 -27.56 29.76
C TYR C 699 7.93 -28.75 30.25
N LEU C 700 7.78 -29.79 29.42
CA LEU C 700 7.05 -30.97 29.87
C LEU C 700 7.74 -31.64 31.05
N LYS C 701 9.07 -31.80 30.96
CA LYS C 701 9.80 -32.45 32.04
C LYS C 701 9.74 -31.64 33.33
N ILE C 702 9.86 -30.31 33.23
CA ILE C 702 9.82 -29.49 34.43
C ILE C 702 8.41 -29.42 34.99
N GLY C 703 7.38 -29.58 34.15
CA GLY C 703 6.03 -29.70 34.66
C GLY C 703 5.83 -31.00 35.43
N THR C 704 6.41 -32.09 34.92
CA THR C 704 6.34 -33.37 35.61
C THR C 704 7.33 -33.48 36.77
N LEU C 705 8.22 -32.50 36.94
CA LEU C 705 9.26 -32.56 37.95
C LEU C 705 9.04 -31.61 39.12
N LEU C 706 8.35 -30.50 38.92
CA LEU C 706 8.18 -29.47 39.94
C LEU C 706 6.71 -29.21 40.17
N VAL C 707 6.37 -28.92 41.42
CA VAL C 707 5.01 -28.54 41.81
C VAL C 707 5.08 -27.23 42.57
N SER C 708 4.06 -26.40 42.39
CA SER C 708 4.03 -25.09 43.02
C SER C 708 3.85 -25.22 44.53
N SER C 709 4.59 -24.40 45.28
CA SER C 709 4.46 -24.39 46.73
C SER C 709 3.10 -23.83 47.13
N SER C 710 2.48 -24.48 48.11
CA SER C 710 1.18 -24.06 48.61
C SER C 710 1.19 -24.16 50.14
N VAL C 711 0.03 -23.94 50.75
CA VAL C 711 -0.10 -24.05 52.19
C VAL C 711 -0.14 -25.49 52.67
N LYS C 712 -0.32 -26.45 51.76
CA LYS C 712 -0.36 -27.86 52.13
C LYS C 712 1.03 -28.44 52.39
N HIS C 713 2.10 -27.73 52.01
CA HIS C 713 3.45 -28.20 52.26
C HIS C 713 3.99 -27.75 53.60
N ILE C 714 3.28 -26.87 54.32
CA ILE C 714 3.71 -26.46 55.65
C ILE C 714 3.77 -27.64 56.63
N PRO C 715 2.75 -28.52 56.70
CA PRO C 715 2.87 -29.67 57.61
C PRO C 715 3.99 -30.63 57.24
N LEU C 716 4.50 -30.59 56.00
CA LEU C 716 5.57 -31.47 55.56
C LEU C 716 6.94 -30.82 55.64
N MET C 717 7.08 -29.72 56.41
CA MET C 717 8.36 -29.04 56.50
C MET C 717 9.44 -29.89 57.16
N THR C 718 9.05 -30.84 58.01
CA THR C 718 10.04 -31.66 58.70
C THR C 718 11.00 -32.32 57.72
N ASP C 719 10.47 -32.85 56.62
CA ASP C 719 11.32 -33.36 55.55
C ASP C 719 11.90 -32.25 54.70
N LEU C 720 11.14 -31.17 54.48
CA LEU C 720 11.57 -30.11 53.59
C LEU C 720 12.62 -29.19 54.21
N SER C 721 12.55 -28.98 55.53
CA SER C 721 13.43 -28.01 56.17
C SER C 721 14.90 -28.39 56.00
N LYS C 722 15.22 -29.68 56.15
CA LYS C 722 16.60 -30.12 55.98
C LYS C 722 17.07 -29.97 54.53
N LYS C 723 16.15 -30.01 53.58
CA LYS C 723 16.50 -29.96 52.16
C LYS C 723 16.47 -28.54 51.61
N GLY C 724 17.16 -27.63 52.28
CA GLY C 724 17.36 -26.28 51.78
C GLY C 724 16.10 -25.45 51.58
N TYR C 725 15.01 -25.83 52.20
CA TYR C 725 13.73 -25.11 52.09
C TYR C 725 13.53 -24.25 53.32
N ILE C 726 13.18 -22.99 53.11
CA ILE C 726 12.97 -22.03 54.18
C ILE C 726 11.55 -21.47 54.06
N LEU C 727 10.85 -21.39 55.18
CA LEU C 727 9.45 -20.97 55.21
C LEU C 727 9.41 -19.44 55.30
N TYR C 728 8.96 -18.80 54.23
CA TYR C 728 8.85 -17.35 54.17
C TYR C 728 7.44 -16.96 53.77
N ASP C 729 6.81 -16.08 54.56
CA ASP C 729 5.46 -15.58 54.28
C ASP C 729 4.46 -16.73 54.15
N ASN C 730 4.56 -17.71 55.04
CA ASN C 730 3.66 -18.86 55.08
C ASN C 730 3.68 -19.65 53.77
N VAL C 731 4.80 -19.59 53.04
CA VAL C 731 5.00 -20.34 51.81
C VAL C 731 6.41 -20.91 51.82
N VAL C 732 6.54 -22.20 51.53
CA VAL C 732 7.86 -22.81 51.45
C VAL C 732 8.56 -22.28 50.21
N THR C 733 9.74 -21.70 50.39
CA THR C 733 10.50 -21.06 49.33
C THR C 733 11.75 -21.87 49.00
N LEU C 734 12.56 -21.32 48.10
CA LEU C 734 13.79 -21.97 47.67
C LEU C 734 14.80 -20.93 47.21
N PRO C 735 15.97 -20.85 47.85
CA PRO C 735 17.01 -19.92 47.37
C PRO C 735 17.42 -20.23 45.95
N LEU C 736 17.76 -19.17 45.20
CA LEU C 736 18.04 -19.32 43.79
C LEU C 736 19.26 -20.22 43.55
N THR C 737 20.31 -20.05 44.36
CA THR C 737 21.49 -20.90 44.22
C THR C 737 21.15 -22.37 44.47
N THR C 738 20.36 -22.64 45.50
CA THR C 738 19.92 -24.00 45.77
C THR C 738 19.06 -24.53 44.63
N PHE C 739 18.21 -23.68 44.06
CA PHE C 739 17.39 -24.10 42.92
C PHE C 739 18.27 -24.48 41.74
N GLN C 740 19.30 -23.69 41.44
CA GLN C 740 20.20 -24.02 40.33
C GLN C 740 20.94 -25.31 40.61
N GLN C 741 21.39 -25.49 41.87
CA GLN C 741 22.08 -26.73 42.23
C GLN C 741 21.18 -27.94 42.06
N LYS C 742 19.90 -27.82 42.44
CA LYS C 742 18.98 -28.94 42.31
C LYS C 742 18.62 -29.21 40.85
N ILE C 743 18.44 -28.16 40.07
CA ILE C 743 18.04 -28.34 38.68
C ILE C 743 19.21 -28.78 37.80
N SER C 744 20.45 -28.57 38.23
CA SER C 744 21.59 -29.09 37.49
C SER C 744 21.69 -30.62 37.57
N LYS C 745 20.93 -31.24 38.46
CA LYS C 745 20.93 -32.70 38.60
C LYS C 745 19.90 -33.38 37.71
N TYR C 746 18.97 -32.62 37.12
CA TYR C 746 17.99 -33.17 36.20
C TYR C 746 18.10 -32.60 34.80
N PHE C 747 19.00 -31.66 34.57
CA PHE C 747 19.16 -31.04 33.26
C PHE C 747 20.62 -30.66 33.06
N ASN C 748 21.00 -30.48 31.80
CA ASN C 748 22.34 -30.08 31.43
C ASN C 748 22.31 -28.64 30.91
N SER C 749 23.12 -27.77 31.51
CA SER C 749 23.12 -26.37 31.12
C SER C 749 23.64 -26.18 29.69
N ARG C 750 24.49 -27.09 29.21
CA ARG C 750 24.99 -26.98 27.85
C ARG C 750 23.91 -27.25 26.80
N LEU C 751 22.76 -27.77 27.22
CA LEU C 751 21.65 -28.05 26.32
C LEU C 751 20.42 -27.20 26.60
N PHE C 752 20.04 -27.06 27.87
CA PHE C 752 18.82 -26.35 28.25
C PHE C 752 19.11 -25.11 29.09
N GLY C 753 20.32 -24.58 29.05
CA GLY C 753 20.67 -23.44 29.89
C GLY C 753 19.77 -22.24 29.64
N HIS C 754 19.48 -21.96 28.37
CA HIS C 754 18.57 -20.87 28.06
C HIS C 754 17.18 -21.11 28.64
N ASP C 755 16.70 -22.36 28.56
CA ASP C 755 15.38 -22.67 29.12
C ASP C 755 15.35 -22.49 30.62
N ILE C 756 16.40 -22.93 31.32
CA ILE C 756 16.47 -22.73 32.77
C ILE C 756 16.49 -21.24 33.10
N GLU C 757 17.29 -20.47 32.35
CA GLU C 757 17.35 -19.04 32.59
C GLU C 757 16.00 -18.37 32.37
N SER C 758 15.30 -18.75 31.29
CA SER C 758 13.99 -18.18 31.02
C SER C 758 12.99 -18.54 32.11
N PHE C 759 13.00 -19.80 32.56
CA PHE C 759 12.10 -20.22 33.63
C PHE C 759 12.37 -19.43 34.91
N ILE C 760 13.65 -19.28 35.27
CA ILE C 760 13.99 -18.55 36.48
C ILE C 760 13.57 -17.09 36.37
N ASN C 761 13.87 -16.45 35.24
CA ASN C 761 13.55 -15.04 35.08
C ASN C 761 12.06 -14.79 34.94
N ARG C 762 11.28 -15.80 34.54
CA ARG C 762 9.85 -15.63 34.41
C ARG C 762 9.08 -16.01 35.67
N HIS C 763 9.66 -16.82 36.55
CA HIS C 763 8.97 -17.23 37.77
C HIS C 763 9.62 -16.69 39.04
N LYS C 764 10.61 -15.82 38.91
CA LYS C 764 11.33 -15.32 40.08
C LYS C 764 10.43 -14.42 40.94
N LYS C 765 10.59 -14.53 42.25
CA LYS C 765 9.87 -13.70 43.21
C LYS C 765 10.83 -13.22 44.29
N PHE C 766 10.49 -12.09 44.89
CA PHE C 766 11.31 -11.52 45.96
C PHE C 766 10.48 -11.23 47.20
N GLU C 772 15.26 -13.02 46.56
CA GLU C 772 15.06 -13.80 45.35
C GLU C 772 14.90 -15.27 45.68
N TYR C 773 13.70 -15.81 45.44
CA TYR C 773 13.39 -17.20 45.72
C TYR C 773 12.44 -17.72 44.65
N LEU C 774 12.07 -19.00 44.78
CA LEU C 774 11.13 -19.64 43.87
C LEU C 774 10.16 -20.49 44.67
N GLN C 775 8.88 -20.33 44.42
CA GLN C 775 7.84 -21.05 45.15
C GLN C 775 7.56 -22.42 44.53
N TYR C 776 8.61 -23.22 44.36
CA TYR C 776 8.47 -24.58 43.83
C TYR C 776 9.26 -25.54 44.69
N ILE C 777 8.73 -26.75 44.84
CA ILE C 777 9.39 -27.83 45.56
C ILE C 777 9.48 -29.03 44.64
N PHE C 778 10.60 -29.76 44.73
CA PHE C 778 10.81 -30.93 43.89
C PHE C 778 10.04 -32.12 44.46
N ILE C 779 9.39 -32.86 43.56
CA ILE C 779 8.59 -34.02 43.98
C ILE C 779 9.46 -35.10 44.62
N GLU C 780 10.75 -35.12 44.30
CA GLU C 780 11.65 -36.06 44.95
C GLU C 780 11.74 -35.80 46.45
N ASP C 781 11.82 -34.52 46.84
CA ASP C 781 11.92 -34.18 48.25
C ASP C 781 10.64 -34.54 49.01
N ILE C 782 9.48 -34.27 48.42
CA ILE C 782 8.21 -34.55 49.08
C ILE C 782 7.93 -36.05 49.06
N ASN D 324 -35.77 -11.28 -28.10
CA ASN D 324 -36.17 -12.56 -28.67
C ASN D 324 -35.22 -12.97 -29.80
N LYS D 325 -35.16 -12.16 -30.85
CA LYS D 325 -34.26 -12.44 -31.97
C LYS D 325 -32.80 -12.38 -31.51
N LEU D 326 -32.45 -11.34 -30.75
CA LEU D 326 -31.10 -11.24 -30.21
C LEU D 326 -30.82 -12.35 -29.19
N PHE D 327 -31.83 -12.78 -28.44
CA PHE D 327 -31.65 -13.94 -27.58
C PHE D 327 -31.38 -15.21 -28.38
N ASN D 328 -32.06 -15.37 -29.51
CA ASN D 328 -31.77 -16.50 -30.39
C ASN D 328 -30.35 -16.43 -30.93
N ILE D 329 -29.90 -15.22 -31.29
CA ILE D 329 -28.52 -15.06 -31.76
C ILE D 329 -27.54 -15.46 -30.67
N ALA D 330 -27.78 -15.01 -29.44
CA ALA D 330 -26.89 -15.37 -28.33
C ALA D 330 -26.90 -16.87 -28.07
N GLN D 331 -28.09 -17.49 -28.13
CA GLN D 331 -28.18 -18.93 -27.93
C GLN D 331 -27.40 -19.69 -29.00
N ARG D 332 -27.52 -19.28 -30.26
CA ARG D 332 -26.81 -19.98 -31.32
C ARG D 332 -25.32 -19.71 -31.28
N ILE D 333 -24.91 -18.55 -30.76
CA ILE D 333 -23.48 -18.31 -30.55
C ILE D 333 -22.95 -19.21 -29.45
N LEU D 334 -23.71 -19.36 -28.36
CA LEU D 334 -23.28 -20.26 -27.29
C LEU D 334 -23.33 -21.72 -27.70
N ASP D 335 -24.12 -22.06 -28.71
CA ASP D 335 -24.14 -23.44 -29.19
C ASP D 335 -22.84 -23.83 -29.89
N THR D 336 -22.01 -22.86 -30.27
CA THR D 336 -20.73 -23.14 -30.91
C THR D 336 -19.57 -23.25 -29.92
N ASN D 337 -19.82 -22.95 -28.64
CA ASN D 337 -18.79 -23.02 -27.59
C ASN D 337 -17.59 -22.14 -27.93
N SER D 338 -17.86 -20.97 -28.48
CA SER D 338 -16.80 -20.04 -28.84
C SER D 338 -16.43 -19.09 -27.71
N VAL D 339 -17.20 -19.07 -26.63
CA VAL D 339 -16.90 -18.23 -25.47
C VAL D 339 -17.15 -19.06 -24.22
N LEU D 340 -16.18 -19.03 -23.29
CA LEU D 340 -16.25 -19.84 -22.08
C LEU D 340 -15.87 -18.98 -20.89
N LEU D 341 -16.30 -19.42 -19.71
CA LEU D 341 -15.97 -18.76 -18.45
C LEU D 341 -14.94 -19.59 -17.71
N THR D 342 -13.87 -18.94 -17.26
CA THR D 342 -12.77 -19.62 -16.59
C THR D 342 -12.89 -19.50 -15.08
N GLU D 343 -12.00 -20.19 -14.38
CA GLU D 343 -12.04 -20.22 -12.92
C GLU D 343 -11.73 -18.85 -12.34
N ARG D 344 -10.80 -18.11 -12.94
CA ARG D 344 -10.44 -16.78 -12.48
C ARG D 344 -11.47 -15.73 -12.87
N GLY D 345 -12.63 -16.13 -13.40
CA GLY D 345 -13.66 -15.18 -13.77
C GLY D 345 -13.45 -14.50 -15.10
N ASP D 346 -12.54 -15.00 -15.93
CA ASP D 346 -12.26 -14.43 -17.23
C ASP D 346 -13.10 -15.12 -18.30
N HIS D 347 -13.42 -14.37 -19.36
CA HIS D 347 -14.18 -14.88 -20.49
C HIS D 347 -13.21 -15.05 -21.66
N ILE D 348 -12.95 -16.30 -22.02
CA ILE D 348 -12.07 -16.62 -23.14
C ILE D 348 -12.91 -16.79 -24.40
N VAL D 349 -12.44 -16.20 -25.50
CA VAL D 349 -13.15 -16.25 -26.76
C VAL D 349 -12.27 -16.95 -27.79
N TRP D 350 -12.91 -17.55 -28.79
CA TRP D 350 -12.24 -18.30 -29.84
C TRP D 350 -12.25 -17.46 -31.10
N ILE D 351 -11.19 -16.67 -31.28
CA ILE D 351 -11.04 -15.77 -32.41
C ILE D 351 -9.75 -16.10 -33.14
N ASN D 352 -9.83 -16.28 -34.46
CA ASN D 352 -8.67 -16.53 -35.30
C ASN D 352 -7.91 -17.77 -34.85
N ASN D 353 -8.65 -18.84 -34.53
CA ASN D 353 -8.07 -20.12 -34.13
C ASN D 353 -7.15 -19.97 -32.92
N SER D 354 -7.61 -19.23 -31.91
CA SER D 354 -6.84 -19.04 -30.69
C SER D 354 -7.79 -18.64 -29.57
N TRP D 355 -7.52 -19.13 -28.37
CA TRP D 355 -8.34 -18.82 -27.19
C TRP D 355 -7.81 -17.53 -26.58
N LYS D 356 -8.32 -16.40 -27.04
CA LYS D 356 -7.91 -15.10 -26.55
C LYS D 356 -8.80 -14.66 -25.38
N PHE D 357 -8.25 -13.78 -24.55
CA PHE D 357 -9.01 -13.19 -23.46
C PHE D 357 -8.29 -11.92 -22.98
N ASN D 358 -9.08 -10.94 -22.57
CA ASN D 358 -8.54 -9.70 -22.01
C ASN D 358 -9.38 -9.32 -20.80
N SER D 359 -8.73 -9.17 -19.65
CA SER D 359 -9.46 -8.83 -18.43
C SER D 359 -10.13 -7.47 -18.56
N GLU D 360 -9.44 -6.49 -19.13
CA GLU D 360 -10.01 -5.18 -19.41
C GLU D 360 -10.51 -5.15 -20.85
N GLU D 361 -11.72 -4.66 -21.05
CA GLU D 361 -12.36 -4.63 -22.36
C GLU D 361 -12.47 -6.05 -22.92
N PRO D 362 -13.38 -6.87 -22.40
CA PRO D 362 -13.52 -8.25 -22.92
C PRO D 362 -13.82 -8.26 -24.41
N LEU D 363 -13.43 -9.37 -25.04
CA LEU D 363 -13.48 -9.51 -26.48
C LEU D 363 -14.72 -10.23 -26.98
N ILE D 364 -15.81 -10.22 -26.20
CA ILE D 364 -17.01 -10.93 -26.60
C ILE D 364 -17.65 -10.26 -27.81
N THR D 365 -17.65 -8.92 -27.85
CA THR D 365 -18.23 -8.22 -28.99
C THR D 365 -17.42 -8.43 -30.26
N LYS D 366 -16.09 -8.55 -30.14
CA LYS D 366 -15.28 -8.91 -31.29
C LYS D 366 -15.68 -10.28 -31.83
N LEU D 367 -15.92 -11.24 -30.94
CA LEU D 367 -16.38 -12.56 -31.36
C LEU D 367 -17.75 -12.48 -32.02
N ILE D 368 -18.66 -11.67 -31.46
CA ILE D 368 -20.00 -11.54 -32.04
C ILE D 368 -19.92 -10.97 -33.45
N LEU D 369 -19.09 -9.95 -33.64
CA LEU D 369 -18.93 -9.38 -34.98
C LEU D 369 -18.28 -10.36 -35.95
N SER D 370 -17.26 -11.10 -35.48
CA SER D 370 -16.53 -11.99 -36.38
C SER D 370 -17.35 -13.23 -36.75
N ILE D 371 -18.10 -13.77 -35.79
CA ILE D 371 -18.81 -15.03 -35.98
C ILE D 371 -20.09 -14.81 -36.79
N ARG D 372 -20.33 -13.56 -37.20
CA ARG D 372 -21.60 -13.22 -37.84
C ARG D 372 -21.78 -13.91 -39.20
N HIS D 373 -20.70 -14.41 -39.79
CA HIS D 373 -20.83 -15.05 -41.10
C HIS D 373 -21.43 -16.44 -41.03
N GLN D 374 -21.15 -17.19 -39.97
CA GLN D 374 -21.75 -18.51 -39.80
C GLN D 374 -23.25 -18.44 -39.56
N LEU D 375 -23.75 -17.30 -39.10
CA LEU D 375 -25.17 -17.11 -38.86
C LEU D 375 -25.91 -16.89 -40.18
N PRO D 376 -27.22 -17.12 -40.21
CA PRO D 376 -27.99 -16.86 -41.43
C PRO D 376 -27.97 -15.39 -41.80
N LYS D 377 -28.47 -15.11 -43.01
CA LYS D 377 -28.44 -13.74 -43.52
C LYS D 377 -29.36 -12.82 -42.72
N GLU D 378 -30.51 -13.33 -42.28
CA GLU D 378 -31.41 -12.50 -41.48
C GLU D 378 -30.84 -12.20 -40.10
N TYR D 379 -29.97 -13.06 -39.58
CA TYR D 379 -29.36 -12.83 -38.28
C TYR D 379 -28.06 -12.05 -38.36
N SER D 380 -27.46 -11.95 -39.54
CA SER D 380 -26.20 -11.22 -39.70
C SER D 380 -26.42 -9.72 -39.87
N SER D 381 -27.61 -9.31 -40.30
CA SER D 381 -27.86 -7.87 -40.49
C SER D 381 -27.96 -7.14 -39.16
N GLU D 382 -28.42 -7.82 -38.11
CA GLU D 382 -28.59 -7.19 -36.81
C GLU D 382 -27.29 -7.12 -36.02
N LEU D 383 -26.22 -7.76 -36.48
CA LEU D 383 -24.97 -7.79 -35.75
C LEU D 383 -24.01 -6.67 -36.16
N LEU D 384 -24.42 -5.80 -37.08
CA LEU D 384 -23.60 -4.68 -37.48
C LEU D 384 -23.78 -3.46 -36.59
N CYS D 385 -24.81 -3.44 -35.75
CA CYS D 385 -25.04 -2.35 -34.82
C CYS D 385 -24.34 -2.63 -33.49
N PRO D 386 -23.55 -1.69 -32.97
CA PRO D 386 -22.89 -1.93 -31.68
C PRO D 386 -23.85 -2.15 -30.53
N ARG D 387 -25.02 -1.49 -30.55
CA ARG D 387 -25.98 -1.67 -29.46
C ARG D 387 -26.51 -3.10 -29.42
N LYS D 388 -26.86 -3.65 -30.60
CA LYS D 388 -27.36 -5.01 -30.63
C LYS D 388 -26.27 -6.01 -30.26
N ARG D 389 -25.03 -5.73 -30.63
CA ARG D 389 -23.92 -6.57 -30.21
C ARG D 389 -23.75 -6.54 -28.70
N LYS D 390 -23.93 -5.38 -28.08
CA LYS D 390 -23.86 -5.28 -26.63
C LYS D 390 -25.02 -6.04 -25.97
N THR D 391 -26.21 -5.99 -26.58
CA THR D 391 -27.34 -6.75 -26.04
C THR D 391 -27.06 -8.25 -26.11
N VAL D 392 -26.54 -8.73 -27.24
CA VAL D 392 -26.17 -10.14 -27.37
C VAL D 392 -25.09 -10.50 -26.37
N GLU D 393 -24.16 -9.58 -26.12
CA GLU D 393 -23.11 -9.81 -25.13
C GLU D 393 -23.70 -9.96 -23.73
N ALA D 394 -24.68 -9.12 -23.38
CA ALA D 394 -25.33 -9.24 -22.09
C ALA D 394 -26.05 -10.58 -21.96
N ASN D 395 -26.75 -11.00 -23.02
CA ASN D 395 -27.42 -12.30 -22.98
C ASN D 395 -26.40 -13.44 -22.81
N ILE D 396 -25.29 -13.37 -23.54
CA ILE D 396 -24.26 -14.41 -23.45
C ILE D 396 -23.67 -14.46 -22.05
N ARG D 397 -23.37 -13.29 -21.47
CA ARG D 397 -22.85 -13.25 -20.11
C ARG D 397 -23.84 -13.82 -19.11
N ASP D 398 -25.13 -13.61 -19.34
CA ASP D 398 -26.13 -14.18 -18.45
C ASP D 398 -26.30 -15.68 -18.62
N MET D 399 -26.04 -16.21 -19.82
CA MET D 399 -26.21 -17.63 -20.09
C MET D 399 -24.96 -18.46 -19.77
N LEU D 400 -23.89 -17.83 -19.29
CA LEU D 400 -22.67 -18.54 -18.90
C LEU D 400 -22.61 -18.57 -17.38
N VAL D 401 -22.85 -19.74 -16.80
CA VAL D 401 -22.97 -19.90 -15.35
C VAL D 401 -21.79 -20.67 -14.79
N ASP D 402 -21.45 -21.81 -15.38
CA ASP D 402 -20.41 -22.68 -14.86
C ASP D 402 -19.04 -22.35 -15.46
N SER D 403 -18.00 -22.87 -14.81
CA SER D 403 -16.62 -22.64 -15.22
C SER D 403 -16.03 -23.90 -15.84
N VAL D 404 -14.90 -23.73 -16.51
CA VAL D 404 -14.21 -24.81 -17.20
C VAL D 404 -12.75 -24.81 -16.79
N GLU D 405 -12.07 -25.92 -17.08
CA GLU D 405 -10.65 -26.08 -16.79
C GLU D 405 -9.85 -25.80 -18.05
N THR D 406 -8.79 -25.00 -17.91
CA THR D 406 -7.95 -24.60 -19.03
C THR D 406 -6.53 -25.13 -18.85
N ASP D 407 -5.86 -25.37 -19.98
CA ASP D 407 -4.47 -25.83 -20.01
C ASP D 407 -4.31 -27.14 -19.24
N THR D 408 -5.15 -28.11 -19.57
CA THR D 408 -5.10 -29.43 -18.94
C THR D 408 -4.35 -30.45 -19.77
N TYR D 409 -3.80 -30.06 -20.92
CA TYR D 409 -3.09 -30.98 -21.80
C TYR D 409 -1.61 -30.65 -21.81
N PRO D 410 -0.75 -31.52 -21.27
CA PRO D 410 0.68 -31.18 -21.16
C PRO D 410 1.45 -31.33 -22.47
N ASP D 411 1.07 -32.31 -23.29
CA ASP D 411 1.81 -32.65 -24.50
C ASP D 411 1.30 -31.92 -25.73
N LYS D 412 0.73 -30.73 -25.55
CA LYS D 412 0.23 -29.93 -26.66
C LYS D 412 0.97 -28.59 -26.67
N LEU D 413 1.50 -28.22 -27.83
CA LEU D 413 2.18 -26.95 -27.98
C LEU D 413 1.29 -25.99 -28.75
N PRO D 414 0.80 -24.92 -28.12
CA PRO D 414 -0.14 -24.02 -28.80
C PRO D 414 0.55 -22.90 -29.58
N PHE D 415 0.05 -22.66 -30.77
CA PHE D 415 0.53 -21.58 -31.64
C PHE D 415 -0.57 -20.54 -31.81
N LYS D 416 -0.25 -19.49 -32.56
CA LYS D 416 -1.22 -18.44 -32.82
C LYS D 416 -2.28 -18.85 -33.82
N ASN D 417 -2.11 -19.99 -34.51
CA ASN D 417 -3.07 -20.45 -35.50
C ASN D 417 -3.41 -21.93 -35.33
N GLY D 418 -3.05 -22.55 -34.21
CA GLY D 418 -3.35 -23.94 -34.01
C GLY D 418 -2.56 -24.51 -32.85
N VAL D 419 -2.74 -25.81 -32.66
CA VAL D 419 -2.09 -26.55 -31.58
C VAL D 419 -1.34 -27.73 -32.20
N LEU D 420 -0.06 -27.85 -31.86
CA LEU D 420 0.79 -28.91 -32.37
C LEU D 420 0.84 -30.05 -31.36
N ASP D 421 0.54 -31.26 -31.84
CA ASP D 421 0.61 -32.45 -30.99
C ASP D 421 2.05 -32.95 -30.94
N LEU D 422 2.64 -32.93 -29.74
CA LEU D 422 4.04 -33.31 -29.61
C LEU D 422 4.27 -34.79 -29.86
N VAL D 423 3.27 -35.62 -29.58
CA VAL D 423 3.44 -37.07 -29.72
C VAL D 423 3.54 -37.45 -31.19
N ASP D 424 2.47 -37.22 -31.95
CA ASP D 424 2.46 -37.60 -33.36
C ASP D 424 3.25 -36.62 -34.22
N GLY D 425 3.21 -35.34 -33.88
CA GLY D 425 3.81 -34.31 -34.70
C GLY D 425 2.85 -33.60 -35.63
N MET D 426 1.57 -33.97 -35.61
CA MET D 426 0.58 -33.36 -36.48
C MET D 426 0.15 -32.00 -35.94
N PHE D 427 -0.41 -31.19 -36.83
CA PHE D 427 -0.85 -29.84 -36.52
C PHE D 427 -2.36 -29.74 -36.73
N TYR D 428 -3.06 -29.24 -35.72
CA TYR D 428 -4.50 -29.02 -35.78
C TYR D 428 -4.79 -27.53 -35.74
N SER D 429 -5.72 -27.09 -36.59
CA SER D 429 -6.01 -25.66 -36.69
C SER D 429 -7.50 -25.33 -36.73
N GLY D 430 -8.40 -26.31 -36.72
CA GLY D 430 -9.81 -26.03 -36.79
C GLY D 430 -10.53 -26.26 -35.48
N ASP D 431 -11.63 -27.01 -35.52
CA ASP D 431 -12.32 -27.37 -34.29
C ASP D 431 -11.52 -28.38 -33.48
N ASP D 432 -10.63 -29.12 -34.14
CA ASP D 432 -9.77 -30.07 -33.43
C ASP D 432 -8.77 -29.36 -32.53
N ALA D 433 -8.41 -28.11 -32.85
CA ALA D 433 -7.54 -27.34 -31.97
C ALA D 433 -8.32 -26.67 -30.84
N LYS D 434 -9.65 -26.61 -30.94
CA LYS D 434 -10.46 -25.99 -29.90
C LYS D 434 -10.65 -26.90 -28.69
N LYS D 435 -10.46 -28.21 -28.86
CA LYS D 435 -10.66 -29.14 -27.75
C LYS D 435 -9.69 -28.85 -26.61
N TYR D 436 -8.43 -28.56 -26.94
CA TYR D 436 -7.42 -28.23 -25.95
C TYR D 436 -7.52 -26.74 -25.66
N THR D 437 -8.16 -26.40 -24.54
CA THR D 437 -8.38 -25.01 -24.16
C THR D 437 -7.08 -24.42 -23.62
N CYS D 438 -6.17 -24.12 -24.55
CA CYS D 438 -4.87 -23.57 -24.20
C CYS D 438 -4.96 -22.04 -24.19
N THR D 439 -4.96 -21.46 -22.99
CA THR D 439 -5.08 -20.02 -22.85
C THR D 439 -3.78 -19.28 -23.13
N VAL D 440 -2.66 -19.97 -23.25
CA VAL D 440 -1.38 -19.36 -23.59
C VAL D 440 -1.02 -19.77 -25.01
N SER D 441 -0.20 -18.93 -25.65
CA SER D 441 0.19 -19.18 -27.03
C SER D 441 1.67 -18.84 -27.19
N THR D 442 2.28 -19.42 -28.22
CA THR D 442 3.67 -19.15 -28.52
C THR D 442 3.88 -17.75 -29.07
N GLY D 443 2.81 -17.10 -29.56
CA GLY D 443 2.88 -15.74 -30.04
C GLY D 443 3.04 -15.58 -31.53
N PHE D 444 3.41 -16.65 -32.25
CA PHE D 444 3.60 -16.59 -33.69
C PHE D 444 2.88 -17.75 -34.35
N LYS D 445 2.83 -17.71 -35.68
CA LYS D 445 2.12 -18.71 -36.46
C LYS D 445 3.05 -19.86 -36.83
N PHE D 446 2.45 -21.02 -37.07
CA PHE D 446 3.20 -22.23 -37.41
C PHE D 446 3.20 -22.40 -38.92
N ASP D 447 4.39 -22.64 -39.48
CA ASP D 447 4.56 -22.82 -40.92
C ASP D 447 4.97 -24.26 -41.20
N ASP D 448 4.19 -24.94 -42.05
CA ASP D 448 4.50 -26.32 -42.39
C ASP D 448 5.67 -26.42 -43.36
N THR D 449 5.88 -25.40 -44.20
CA THR D 449 6.93 -25.46 -45.21
C THR D 449 8.33 -25.42 -44.60
N LYS D 450 8.49 -24.84 -43.42
CA LYS D 450 9.79 -24.77 -42.77
C LYS D 450 9.94 -25.76 -41.62
N PHE D 451 8.87 -26.45 -41.23
CA PHE D 451 8.93 -27.48 -40.20
C PHE D 451 9.03 -28.86 -40.86
N VAL D 452 10.15 -29.08 -41.55
CA VAL D 452 10.30 -30.31 -42.31
C VAL D 452 11.39 -31.20 -41.72
N GLU D 453 12.64 -30.73 -41.81
CA GLU D 453 13.88 -31.42 -41.42
C GLU D 453 15.02 -30.98 -42.32
N ASP D 454 14.71 -30.76 -43.60
CA ASP D 454 15.72 -30.46 -44.60
C ASP D 454 16.04 -28.96 -44.62
N SER D 455 16.71 -28.52 -45.69
CA SER D 455 17.11 -27.14 -46.00
C SER D 455 18.39 -26.79 -45.23
N PRO D 456 19.22 -25.90 -45.78
CA PRO D 456 20.47 -25.54 -45.11
C PRO D 456 20.28 -24.98 -43.69
N GLU D 457 19.05 -24.54 -43.39
CA GLU D 457 18.75 -24.09 -42.03
C GLU D 457 19.11 -25.17 -41.02
N MET D 458 18.67 -26.39 -41.27
CA MET D 458 18.94 -27.49 -40.35
C MET D 458 20.43 -27.79 -40.27
N GLU D 459 21.14 -27.70 -41.40
CA GLU D 459 22.57 -27.97 -41.38
C GLU D 459 23.33 -26.96 -40.54
N GLU D 460 23.01 -25.67 -40.72
CA GLU D 460 23.66 -24.63 -39.92
C GLU D 460 23.31 -24.80 -38.44
N LEU D 461 22.04 -25.06 -38.14
CA LEU D 461 21.64 -25.23 -36.75
C LEU D 461 22.32 -26.46 -36.13
N MET D 462 22.44 -27.53 -36.90
CA MET D 462 23.13 -28.72 -36.40
C MET D 462 24.59 -28.44 -36.14
N ASN D 463 25.24 -27.66 -37.00
CA ASN D 463 26.62 -27.27 -36.73
C ASN D 463 26.73 -26.46 -35.44
N ILE D 464 25.80 -25.52 -35.24
CA ILE D 464 25.82 -24.70 -34.02
C ILE D 464 25.62 -25.58 -32.80
N ILE D 465 24.69 -26.52 -32.86
CA ILE D 465 24.41 -27.37 -31.70
C ILE D 465 25.57 -28.32 -31.44
N ASN D 466 26.16 -28.87 -32.50
CA ASN D 466 27.21 -29.86 -32.34
C ASN D 466 28.56 -29.25 -31.99
N ASP D 467 28.75 -27.95 -32.20
CA ASP D 467 29.96 -27.33 -31.68
C ASP D 467 29.73 -26.58 -30.37
N ILE D 468 28.48 -26.25 -30.03
CA ILE D 468 28.17 -25.81 -28.68
C ILE D 468 28.24 -26.99 -27.72
N GLN D 469 27.66 -28.13 -28.11
CA GLN D 469 27.62 -29.34 -27.29
C GLN D 469 28.17 -30.49 -28.12
N PRO D 470 29.46 -30.77 -28.03
CA PRO D 470 30.09 -31.78 -28.90
C PRO D 470 29.51 -33.17 -28.70
N LEU D 471 29.98 -34.09 -29.53
CA LEU D 471 29.43 -35.44 -29.62
C LEU D 471 30.45 -36.50 -29.21
N THR D 472 31.45 -36.13 -28.42
CA THR D 472 32.47 -37.09 -28.00
C THR D 472 31.89 -38.05 -26.96
N ASP D 473 32.69 -39.05 -26.59
CA ASP D 473 32.24 -40.07 -25.66
C ASP D 473 32.24 -39.61 -24.22
N GLU D 474 32.96 -38.55 -23.88
CA GLU D 474 32.90 -37.98 -22.54
C GLU D 474 31.81 -36.92 -22.39
N ASN D 475 31.24 -36.45 -23.50
CA ASN D 475 30.14 -35.51 -23.48
C ASN D 475 28.79 -36.18 -23.70
N LYS D 476 28.76 -37.52 -23.70
CA LYS D 476 27.53 -38.23 -24.05
C LYS D 476 26.42 -37.95 -23.06
N LYS D 477 26.69 -38.14 -21.77
CA LYS D 477 25.66 -37.92 -20.75
C LYS D 477 25.30 -36.45 -20.64
N ASN D 478 26.30 -35.56 -20.72
CA ASN D 478 26.03 -34.13 -20.64
C ASN D 478 25.17 -33.67 -21.80
N ARG D 479 25.46 -34.15 -23.01
CA ARG D 479 24.65 -33.77 -24.17
C ARG D 479 23.25 -34.36 -24.08
N GLU D 480 23.13 -35.59 -23.58
CA GLU D 480 21.81 -36.18 -23.40
C GLU D 480 20.96 -35.34 -22.43
N LEU D 481 21.56 -34.94 -21.32
CA LEU D 481 20.84 -34.12 -20.34
C LEU D 481 20.51 -32.75 -20.90
N TYR D 482 21.41 -32.19 -21.71
CA TYR D 482 21.16 -30.91 -22.38
C TYR D 482 19.94 -31.01 -23.30
N GLU D 483 19.91 -32.05 -24.13
CA GLU D 483 18.77 -32.25 -25.03
C GLU D 483 17.48 -32.47 -24.24
N LYS D 484 17.55 -33.25 -23.17
CA LYS D 484 16.36 -33.52 -22.36
C LYS D 484 15.83 -32.23 -21.73
N THR D 485 16.72 -31.42 -21.18
CA THR D 485 16.30 -30.16 -20.56
C THR D 485 15.69 -29.22 -21.59
N LEU D 486 16.29 -29.12 -22.77
CA LEU D 486 15.72 -28.26 -23.80
C LEU D 486 14.36 -28.78 -24.26
N SER D 487 14.20 -30.10 -24.34
CA SER D 487 12.93 -30.69 -24.75
C SER D 487 11.83 -30.43 -23.73
N SER D 488 12.17 -30.42 -22.44
CA SER D 488 11.16 -30.23 -21.40
C SER D 488 10.38 -28.93 -21.58
N CYS D 489 10.96 -27.92 -22.23
CA CYS D 489 10.31 -26.63 -22.38
C CYS D 489 9.09 -26.68 -23.30
N LEU D 490 8.90 -27.77 -24.04
CA LEU D 490 7.71 -27.92 -24.87
C LEU D 490 6.53 -28.50 -24.11
N CYS D 491 6.75 -29.04 -22.92
CA CYS D 491 5.73 -29.72 -22.14
C CYS D 491 5.20 -28.78 -21.06
N GLY D 492 3.89 -28.58 -21.05
CA GLY D 492 3.29 -27.79 -19.99
C GLY D 492 2.90 -28.68 -18.82
N ALA D 493 3.79 -28.75 -17.83
CA ALA D 493 3.59 -29.64 -16.70
C ALA D 493 4.59 -29.24 -15.61
N THR D 494 4.32 -29.72 -14.40
CA THR D 494 5.20 -29.44 -13.28
C THR D 494 6.45 -30.30 -13.36
N LYS D 495 7.62 -29.67 -13.21
CA LYS D 495 8.90 -30.35 -13.30
C LYS D 495 9.66 -30.18 -11.99
N GLY D 496 10.24 -31.27 -11.52
CA GLY D 496 10.83 -31.31 -10.19
C GLY D 496 12.33 -31.10 -10.13
N CYS D 497 12.89 -30.41 -11.11
CA CYS D 497 14.32 -30.14 -11.12
C CYS D 497 14.59 -28.75 -11.69
N LEU D 498 15.58 -28.08 -11.11
CA LEU D 498 16.09 -26.81 -11.63
C LEU D 498 17.45 -27.07 -12.25
N THR D 499 17.64 -26.61 -13.48
CA THR D 499 18.84 -26.90 -14.25
C THR D 499 19.78 -25.71 -14.24
N PHE D 500 21.07 -25.99 -14.10
CA PHE D 500 22.11 -24.97 -14.09
C PHE D 500 22.98 -25.14 -15.33
N PHE D 501 22.95 -24.13 -16.20
CA PHE D 501 23.82 -24.10 -17.37
C PHE D 501 25.16 -23.50 -16.93
N PHE D 502 26.10 -24.37 -16.58
CA PHE D 502 27.37 -23.95 -16.02
C PHE D 502 28.43 -23.93 -17.12
N GLY D 503 29.07 -22.78 -17.30
CA GLY D 503 30.15 -22.64 -18.26
C GLY D 503 30.82 -21.30 -18.09
N GLU D 504 31.95 -21.13 -18.77
CA GLU D 504 32.74 -19.91 -18.67
C GLU D 504 32.12 -18.83 -19.56
N THR D 505 32.87 -17.74 -19.75
CA THR D 505 32.40 -16.64 -20.58
C THR D 505 32.52 -17.02 -22.06
N ALA D 506 31.50 -16.66 -22.83
CA ALA D 506 31.45 -16.91 -24.27
C ALA D 506 31.60 -18.40 -24.58
N THR D 507 30.62 -19.18 -24.10
CA THR D 507 30.65 -20.62 -24.26
C THR D 507 29.38 -21.20 -24.88
N GLY D 508 28.37 -20.38 -25.16
CA GLY D 508 27.17 -20.85 -25.84
C GLY D 508 25.90 -20.80 -25.01
N LYS D 509 25.94 -20.35 -23.75
CA LYS D 509 24.75 -20.35 -22.92
C LYS D 509 23.72 -19.36 -23.45
N SER D 510 24.13 -18.13 -23.72
CA SER D 510 23.19 -17.12 -24.19
C SER D 510 22.65 -17.42 -25.57
N THR D 511 23.47 -18.02 -26.44
CA THR D 511 22.97 -18.39 -27.76
C THR D 511 21.93 -19.50 -27.67
N THR D 512 22.14 -20.48 -26.79
CA THR D 512 21.13 -21.49 -26.56
C THR D 512 19.85 -20.86 -26.01
N LYS D 513 19.99 -19.91 -25.09
CA LYS D 513 18.83 -19.22 -24.55
C LYS D 513 18.05 -18.48 -25.63
N ARG D 514 18.77 -17.80 -26.53
CA ARG D 514 18.10 -17.04 -27.58
C ARG D 514 17.48 -17.95 -28.63
N LEU D 515 18.13 -19.08 -28.92
CA LEU D 515 17.54 -20.07 -29.81
C LEU D 515 16.24 -20.60 -29.23
N LEU D 516 16.24 -20.92 -27.94
CA LEU D 516 15.01 -21.39 -27.30
C LEU D 516 13.93 -20.31 -27.31
N LYS D 517 14.32 -19.06 -27.07
CA LYS D 517 13.36 -17.96 -27.08
C LYS D 517 12.74 -17.80 -28.46
N SER D 518 13.54 -17.91 -29.51
CA SER D 518 13.00 -17.84 -30.86
C SER D 518 12.08 -19.03 -31.14
N ALA D 519 12.45 -20.21 -30.67
CA ALA D 519 11.67 -21.41 -30.96
C ALA D 519 10.31 -21.38 -30.29
N ILE D 520 10.25 -21.01 -29.02
CA ILE D 520 9.00 -21.08 -28.27
C ILE D 520 8.32 -19.72 -28.08
N GLY D 521 9.02 -18.62 -28.35
CA GLY D 521 8.36 -17.33 -28.39
C GLY D 521 7.84 -16.88 -27.04
N ASP D 522 6.54 -16.55 -26.99
CA ASP D 522 5.94 -15.97 -25.79
C ASP D 522 5.87 -16.93 -24.63
N LEU D 523 6.07 -18.24 -24.85
CA LEU D 523 6.14 -19.20 -23.76
C LEU D 523 7.48 -19.15 -23.03
N PHE D 524 8.30 -18.15 -23.32
CA PHE D 524 9.60 -17.96 -22.72
C PHE D 524 9.55 -16.70 -21.85
N VAL D 525 10.19 -16.75 -20.69
CA VAL D 525 10.15 -15.65 -19.72
C VAL D 525 11.55 -15.43 -19.16
N GLU D 526 11.96 -14.17 -19.08
CA GLU D 526 13.19 -13.76 -18.42
C GLU D 526 12.85 -13.17 -17.06
N THR D 527 13.53 -13.66 -16.03
CA THR D 527 13.26 -13.22 -14.67
C THR D 527 14.56 -12.82 -13.99
N GLY D 528 14.44 -11.98 -12.97
CA GLY D 528 15.57 -11.55 -12.19
C GLY D 528 15.92 -12.56 -11.10
N GLN D 529 16.91 -12.20 -10.29
CA GLN D 529 17.38 -13.06 -9.22
C GLN D 529 16.53 -12.97 -7.96
N THR D 530 15.54 -12.07 -7.92
CA THR D 530 14.71 -11.95 -6.74
C THR D 530 13.81 -13.16 -6.53
N ILE D 531 13.58 -13.95 -7.58
CA ILE D 531 12.83 -15.21 -7.44
C ILE D 531 13.69 -16.32 -6.84
N LEU D 532 14.99 -16.08 -6.70
CA LEU D 532 15.93 -17.09 -6.22
C LEU D 532 16.52 -16.74 -4.86
N THR D 533 17.10 -15.56 -4.72
CA THR D 533 17.78 -15.16 -3.50
C THR D 533 16.90 -14.40 -2.52
N ASP D 534 15.65 -14.12 -2.87
CA ASP D 534 14.75 -13.35 -2.02
C ASP D 534 13.52 -14.19 -1.65
N VAL D 535 12.57 -13.55 -1.00
CA VAL D 535 11.35 -14.20 -0.52
C VAL D 535 10.27 -14.09 -1.59
N LEU D 536 9.52 -15.17 -1.79
CA LEU D 536 8.45 -15.17 -2.78
C LEU D 536 7.23 -14.42 -2.26
N ASP D 537 6.68 -14.85 -1.13
CA ASP D 537 5.56 -14.16 -0.50
C ASP D 537 6.08 -12.98 0.30
N LYS D 538 5.24 -12.43 1.18
CA LYS D 538 5.56 -11.26 2.00
C LYS D 538 5.88 -10.05 1.12
N GLY D 539 4.84 -9.62 0.40
CA GLY D 539 4.93 -8.45 -0.44
C GLY D 539 4.56 -8.74 -1.87
N PRO D 540 4.35 -7.68 -2.66
CA PRO D 540 4.08 -7.87 -4.09
C PRO D 540 5.28 -8.46 -4.80
N ASN D 541 5.04 -9.52 -5.57
CA ASN D 541 6.07 -10.19 -6.35
C ASN D 541 5.57 -10.38 -7.77
N PRO D 542 5.61 -9.32 -8.58
CA PRO D 542 5.25 -9.47 -10.00
C PRO D 542 6.18 -10.38 -10.77
N PHE D 543 7.41 -10.60 -10.26
CA PHE D 543 8.34 -11.52 -10.91
C PHE D 543 7.85 -12.96 -10.88
N ILE D 544 7.05 -13.33 -9.88
CA ILE D 544 6.54 -14.69 -9.78
C ILE D 544 5.14 -14.84 -10.34
N ALA D 545 4.40 -13.74 -10.51
CA ALA D 545 3.08 -13.79 -11.11
C ALA D 545 3.12 -13.82 -12.64
N ASN D 546 4.26 -13.50 -13.24
CA ASN D 546 4.44 -13.56 -14.68
C ASN D 546 4.83 -14.96 -15.15
N MET D 547 5.06 -15.89 -14.23
CA MET D 547 5.41 -17.27 -14.55
C MET D 547 4.19 -18.16 -14.72
N HIS D 548 2.99 -17.59 -14.69
CA HIS D 548 1.78 -18.38 -14.78
C HIS D 548 1.68 -19.01 -16.17
N LEU D 549 1.68 -20.34 -16.21
CA LEU D 549 1.50 -21.16 -17.41
C LEU D 549 2.65 -21.02 -18.41
N LYS D 550 3.70 -20.28 -18.07
CA LYS D 550 4.88 -20.20 -18.93
C LYS D 550 5.67 -21.49 -18.83
N ARG D 551 6.16 -21.96 -19.97
CA ARG D 551 6.83 -23.26 -20.05
C ARG D 551 8.34 -23.18 -19.95
N SER D 552 8.92 -21.98 -19.87
CA SER D 552 10.36 -21.85 -19.73
C SER D 552 10.68 -20.54 -19.04
N VAL D 553 11.53 -20.62 -18.01
CA VAL D 553 11.95 -19.47 -17.23
C VAL D 553 13.47 -19.49 -17.13
N PHE D 554 14.10 -18.37 -17.45
CA PHE D 554 15.55 -18.24 -17.41
C PHE D 554 15.96 -17.21 -16.37
N CYS D 555 16.90 -17.60 -15.51
CA CYS D 555 17.57 -16.68 -14.59
C CYS D 555 19.01 -16.52 -15.08
N SER D 556 19.42 -15.28 -15.30
CA SER D 556 20.65 -15.00 -16.03
C SER D 556 21.74 -14.47 -15.10
N GLU D 557 22.93 -15.06 -15.21
CA GLU D 557 24.18 -14.51 -14.66
C GLU D 557 24.09 -14.31 -13.14
N LEU D 558 24.05 -15.44 -12.44
CA LEU D 558 24.19 -15.41 -11.00
C LEU D 558 25.53 -14.78 -10.62
N PRO D 559 25.57 -13.94 -9.59
CA PRO D 559 26.85 -13.33 -9.20
C PRO D 559 27.77 -14.32 -8.51
N ASP D 560 28.98 -13.89 -8.18
CA ASP D 560 29.96 -14.77 -7.53
C ASP D 560 29.57 -14.91 -6.07
N PHE D 561 28.99 -16.06 -5.73
CA PHE D 561 28.56 -16.33 -4.36
C PHE D 561 29.71 -16.68 -3.43
N ALA D 562 30.90 -16.93 -3.97
CA ALA D 562 32.09 -17.19 -3.17
C ALA D 562 32.81 -15.92 -2.77
N CYS D 563 32.11 -14.79 -2.75
CA CYS D 563 32.66 -13.49 -2.38
C CYS D 563 31.93 -12.97 -1.14
N SER D 564 32.24 -11.73 -0.77
CA SER D 564 31.67 -11.10 0.40
C SER D 564 30.50 -10.21 0.00
N GLY D 565 29.46 -10.22 0.83
CA GLY D 565 28.29 -9.38 0.59
C GLY D 565 27.32 -9.90 -0.43
N SER D 566 27.48 -11.14 -0.88
CA SER D 566 26.59 -11.73 -1.88
C SER D 566 25.60 -12.66 -1.20
N LYS D 567 24.31 -12.42 -1.43
CA LYS D 567 23.28 -13.28 -0.87
C LYS D 567 23.35 -14.66 -1.50
N LYS D 568 23.12 -15.69 -0.68
CA LYS D 568 23.22 -17.07 -1.16
C LYS D 568 21.93 -17.48 -1.86
N ILE D 569 21.91 -18.72 -2.35
CA ILE D 569 20.83 -19.17 -3.23
C ILE D 569 19.51 -19.29 -2.46
N ARG D 570 19.56 -19.58 -1.16
CA ARG D 570 18.36 -19.74 -0.34
C ARG D 570 17.48 -20.87 -0.87
N SER D 571 18.02 -22.09 -0.69
CA SER D 571 17.38 -23.31 -1.18
C SER D 571 15.90 -23.41 -0.83
N ASP D 572 15.44 -22.68 0.17
CA ASP D 572 14.01 -22.65 0.48
C ASP D 572 13.20 -22.18 -0.71
N ASN D 573 13.74 -21.24 -1.49
CA ASN D 573 13.09 -20.83 -2.73
C ASN D 573 13.12 -21.94 -3.77
N ILE D 574 14.21 -22.71 -3.83
CA ILE D 574 14.29 -23.81 -4.78
C ILE D 574 13.21 -24.84 -4.50
N LYS D 575 13.00 -25.16 -3.22
CA LYS D 575 11.96 -26.12 -2.87
C LYS D 575 10.56 -25.60 -3.18
N LYS D 576 10.38 -24.28 -3.26
CA LYS D 576 9.08 -23.71 -3.57
C LYS D 576 8.84 -23.54 -5.06
N LEU D 577 9.90 -23.36 -5.85
CA LEU D 577 9.78 -23.23 -7.29
C LEU D 577 9.47 -24.56 -7.98
N THR D 578 9.47 -25.66 -7.23
CA THR D 578 9.19 -26.99 -7.78
C THR D 578 7.72 -27.38 -7.65
N GLU D 579 7.01 -26.82 -6.68
CA GLU D 579 5.63 -27.22 -6.43
C GLU D 579 4.75 -26.88 -7.63
N PRO D 580 3.70 -27.66 -7.89
CA PRO D 580 2.82 -27.38 -9.03
C PRO D 580 2.18 -26.00 -8.97
N CYS D 581 1.86 -25.51 -7.78
CA CYS D 581 1.28 -24.18 -7.61
C CYS D 581 2.26 -23.33 -6.82
N VAL D 582 2.62 -22.18 -7.38
CA VAL D 582 3.55 -21.25 -6.74
C VAL D 582 2.73 -20.16 -6.07
N ILE D 583 3.01 -19.92 -4.79
CA ILE D 583 2.24 -18.96 -3.99
C ILE D 583 2.91 -17.60 -4.09
N GLY D 584 2.13 -16.61 -4.53
CA GLY D 584 2.63 -15.25 -4.67
C GLY D 584 1.61 -14.34 -5.31
N ARG D 585 1.51 -13.11 -4.82
CA ARG D 585 0.51 -12.19 -5.34
C ARG D 585 1.15 -11.11 -6.19
N PRO D 586 0.46 -10.65 -7.23
CA PRO D 586 0.96 -9.53 -8.03
C PRO D 586 0.75 -8.21 -7.29
N CYS D 587 1.10 -7.12 -7.95
CA CYS D 587 0.85 -5.80 -7.41
C CYS D 587 -0.62 -5.43 -7.57
N PHE D 588 -1.21 -4.90 -6.50
CA PHE D 588 -2.59 -4.41 -6.50
C PHE D 588 -3.58 -5.52 -6.79
N SER D 589 -3.27 -6.75 -6.38
CA SER D 589 -4.10 -7.90 -6.69
C SER D 589 -4.26 -8.78 -5.46
N ASN D 590 -5.29 -9.61 -5.48
CA ASN D 590 -5.57 -10.55 -4.39
C ASN D 590 -5.30 -12.00 -4.75
N LYS D 591 -5.15 -12.33 -6.03
CA LYS D 591 -4.85 -13.70 -6.43
C LYS D 591 -3.47 -14.11 -5.93
N ILE D 592 -3.38 -15.30 -5.36
CA ILE D 592 -2.13 -15.77 -4.77
C ILE D 592 -1.78 -17.15 -5.33
N ASN D 593 -2.49 -17.58 -6.37
CA ASN D 593 -2.33 -18.91 -6.95
C ASN D 593 -1.76 -18.76 -8.36
N ASN D 594 -0.63 -19.41 -8.62
CA ASN D 594 -0.01 -19.42 -9.92
C ASN D 594 0.30 -20.86 -10.32
N ARG D 595 0.07 -21.19 -11.59
CA ARG D 595 0.30 -22.53 -12.10
C ARG D 595 1.71 -22.63 -12.66
N ASN D 596 2.51 -23.52 -12.08
CA ASN D 596 3.91 -23.67 -12.45
C ASN D 596 4.04 -24.73 -13.53
N HIS D 597 4.43 -24.31 -14.73
CA HIS D 597 4.67 -25.21 -15.85
C HIS D 597 6.07 -25.05 -16.43
N ALA D 598 6.93 -24.28 -15.79
CA ALA D 598 8.16 -23.81 -16.40
C ALA D 598 9.32 -24.75 -16.14
N THR D 599 10.27 -24.75 -17.07
CA THR D 599 11.58 -25.36 -16.89
C THR D 599 12.53 -24.23 -16.49
N ILE D 600 12.91 -24.21 -15.22
CA ILE D 600 13.73 -23.12 -14.69
C ILE D 600 15.19 -23.46 -14.95
N ILE D 601 15.83 -22.69 -15.81
CA ILE D 601 17.24 -22.87 -16.16
C ILE D 601 17.99 -21.62 -15.78
N ILE D 602 19.12 -21.79 -15.09
CA ILE D 602 19.97 -20.68 -14.66
C ILE D 602 21.35 -20.89 -15.27
N ASP D 603 21.75 -19.96 -16.14
CA ASP D 603 23.07 -20.02 -16.76
C ASP D 603 24.05 -19.20 -15.92
N THR D 604 25.10 -19.86 -15.42
CA THR D 604 26.04 -19.25 -14.51
C THR D 604 27.46 -19.46 -14.99
N ASN D 605 28.36 -18.58 -14.55
CA ASN D 605 29.79 -18.73 -14.77
C ASN D 605 30.52 -19.19 -13.52
N TYR D 606 29.85 -19.24 -12.37
CA TYR D 606 30.46 -19.62 -11.11
C TYR D 606 29.63 -20.71 -10.45
N LYS D 607 30.27 -21.46 -9.57
CA LYS D 607 29.60 -22.56 -8.89
C LYS D 607 28.50 -22.01 -7.98
N PRO D 608 27.31 -22.60 -8.00
CA PRO D 608 26.25 -22.14 -7.08
C PRO D 608 26.62 -22.44 -5.64
N VAL D 609 26.15 -21.57 -4.74
CA VAL D 609 26.37 -21.71 -3.31
C VAL D 609 25.04 -21.50 -2.61
N PHE D 610 24.60 -22.51 -1.85
CA PHE D 610 23.33 -22.49 -1.15
C PHE D 610 23.54 -22.22 0.33
N ASP D 611 22.52 -21.63 0.96
CA ASP D 611 22.63 -21.31 2.39
C ASP D 611 22.78 -22.58 3.22
N ARG D 612 22.01 -23.62 2.91
CA ARG D 612 22.16 -24.91 3.56
C ARG D 612 21.86 -26.01 2.55
N ILE D 613 22.44 -27.17 2.79
CA ILE D 613 22.32 -28.32 1.88
C ILE D 613 21.72 -29.48 2.66
N ASP D 614 20.68 -30.09 2.09
CA ASP D 614 20.04 -31.27 2.65
C ASP D 614 19.72 -32.23 1.51
N ASN D 615 19.12 -33.36 1.86
CA ASN D 615 18.74 -34.34 0.85
C ASN D 615 17.56 -33.86 0.01
N ALA D 616 16.76 -32.93 0.53
CA ALA D 616 15.66 -32.36 -0.25
C ALA D 616 16.14 -31.39 -1.31
N LEU D 617 17.34 -30.82 -1.15
CA LEU D 617 17.89 -29.92 -2.16
C LEU D 617 18.64 -30.69 -3.23
N MET D 618 19.38 -31.73 -2.84
CA MET D 618 20.10 -32.54 -3.80
C MET D 618 19.18 -33.35 -4.70
N ARG D 619 17.89 -33.40 -4.38
CA ARG D 619 16.89 -34.09 -5.19
C ARG D 619 16.28 -33.19 -6.26
N ARG D 620 16.77 -31.95 -6.39
CA ARG D 620 16.10 -30.97 -7.25
C ARG D 620 17.06 -30.12 -8.07
N ILE D 621 18.30 -30.57 -8.28
CA ILE D 621 19.31 -29.78 -8.97
C ILE D 621 19.94 -30.62 -10.07
N ALA D 622 20.11 -30.01 -11.25
CA ALA D 622 20.82 -30.62 -12.36
C ALA D 622 21.74 -29.58 -12.98
N VAL D 623 22.87 -30.04 -13.54
CA VAL D 623 23.90 -29.17 -14.07
C VAL D 623 24.27 -29.61 -15.48
N VAL D 624 24.32 -28.66 -16.41
CA VAL D 624 24.81 -28.88 -17.76
C VAL D 624 26.09 -28.09 -17.95
N ARG D 625 27.12 -28.75 -18.45
CA ARG D 625 28.45 -28.16 -18.59
C ARG D 625 28.65 -27.70 -20.03
N PHE D 626 29.02 -26.44 -20.21
CA PHE D 626 29.30 -25.87 -21.53
C PHE D 626 30.81 -25.72 -21.68
N ARG D 627 31.46 -26.81 -22.07
CA ARG D 627 32.92 -26.86 -22.15
C ARG D 627 33.40 -26.64 -23.58
N THR D 628 33.19 -25.43 -24.07
CA THR D 628 33.63 -25.06 -25.41
C THR D 628 33.63 -23.54 -25.54
N HIS D 629 34.71 -22.99 -26.09
CA HIS D 629 34.88 -21.55 -26.21
C HIS D 629 34.78 -21.09 -27.65
N PHE D 630 34.10 -19.96 -27.86
CA PHE D 630 34.03 -19.30 -29.15
C PHE D 630 34.75 -17.96 -29.03
N SER D 631 35.91 -17.85 -29.66
CA SER D 631 36.80 -16.71 -29.45
C SER D 631 37.03 -15.97 -30.76
N GLN D 632 37.39 -14.69 -30.61
CA GLN D 632 37.77 -13.86 -31.74
C GLN D 632 39.08 -14.35 -32.34
N PRO D 633 39.36 -14.00 -33.60
CA PRO D 633 40.60 -14.50 -34.24
C PRO D 633 41.86 -14.10 -33.51
N SER D 634 41.85 -12.98 -32.78
CA SER D 634 43.04 -12.55 -32.06
C SER D 634 43.47 -13.58 -31.01
N GLY D 635 42.52 -14.07 -30.23
CA GLY D 635 42.84 -15.05 -29.21
C GLY D 635 42.45 -16.46 -29.58
N ARG D 636 43.42 -17.26 -30.02
CA ARG D 636 43.22 -18.67 -30.30
C ARG D 636 44.09 -19.55 -29.43
N GLU D 637 45.39 -19.27 -29.36
CA GLU D 637 46.27 -19.93 -28.41
C GLU D 637 46.27 -19.24 -27.05
N ALA D 638 45.70 -18.05 -26.95
CA ALA D 638 45.57 -17.35 -25.68
C ALA D 638 44.38 -17.85 -24.86
N ALA D 639 43.49 -18.63 -25.46
CA ALA D 639 42.34 -19.21 -24.75
C ALA D 639 42.50 -20.70 -24.49
N GLU D 640 43.29 -21.40 -25.30
CA GLU D 640 43.50 -22.83 -25.08
C GLU D 640 44.35 -23.09 -23.84
N ASN D 641 45.07 -22.09 -23.34
CA ASN D 641 45.87 -22.22 -22.13
C ASN D 641 44.97 -22.11 -20.88
N ASN D 642 43.97 -22.98 -20.85
CA ASN D 642 42.97 -22.95 -19.78
C ASN D 642 42.27 -24.30 -19.74
N ASP D 643 42.27 -24.93 -18.56
CA ASP D 643 41.56 -26.19 -18.39
C ASP D 643 40.04 -25.99 -18.40
N ALA D 644 39.57 -24.75 -18.34
CA ALA D 644 38.14 -24.46 -18.38
C ALA D 644 37.56 -24.50 -19.78
N TYR D 645 38.40 -24.68 -20.80
CA TYR D 645 37.97 -24.75 -22.20
C TYR D 645 38.55 -26.02 -22.81
N ASP D 646 37.71 -27.03 -23.00
CA ASP D 646 38.14 -28.28 -23.59
C ASP D 646 38.10 -28.27 -25.11
N LYS D 647 37.65 -27.17 -25.71
CA LYS D 647 37.53 -27.07 -27.17
C LYS D 647 37.34 -25.61 -27.53
N VAL D 648 38.11 -25.15 -28.52
CA VAL D 648 38.13 -23.73 -28.91
C VAL D 648 37.74 -23.61 -30.38
N LYS D 649 36.75 -22.76 -30.65
CA LYS D 649 36.34 -22.42 -32.01
C LYS D 649 36.55 -20.94 -32.33
N LEU D 650 36.08 -20.53 -33.50
CA LEU D 650 36.15 -19.16 -33.96
C LEU D 650 34.79 -18.50 -33.79
N LEU D 651 34.80 -17.27 -33.26
CA LEU D 651 33.55 -16.57 -32.99
C LEU D 651 32.90 -16.12 -34.29
N ASP D 652 32.05 -16.97 -34.86
CA ASP D 652 31.36 -16.63 -36.10
C ASP D 652 30.34 -15.53 -35.85
N GLU D 653 30.55 -14.36 -36.45
CA GLU D 653 29.64 -13.25 -36.30
C GLU D 653 28.40 -13.47 -37.15
N GLY D 654 27.37 -12.65 -36.88
CA GLY D 654 26.13 -12.70 -37.60
C GLY D 654 25.05 -13.54 -36.94
N LEU D 655 25.42 -14.45 -36.03
CA LEU D 655 24.41 -15.21 -35.30
C LEU D 655 23.54 -14.28 -34.46
N ASP D 656 24.16 -13.34 -33.76
CA ASP D 656 23.43 -12.31 -33.02
C ASP D 656 22.89 -11.31 -34.04
N GLY D 657 21.72 -11.65 -34.59
CA GLY D 657 21.11 -10.87 -35.65
C GLY D 657 20.43 -11.76 -36.67
N LYS D 658 20.94 -12.98 -36.82
CA LYS D 658 20.22 -14.02 -37.55
C LYS D 658 19.23 -14.74 -36.66
N ILE D 659 19.65 -15.10 -35.44
CA ILE D 659 18.72 -15.67 -34.47
C ILE D 659 17.66 -14.65 -34.08
N GLN D 660 18.05 -13.39 -33.90
CA GLN D 660 17.09 -12.34 -33.59
C GLN D 660 16.10 -12.13 -34.73
N ASN D 661 16.50 -12.48 -35.96
CA ASN D 661 15.59 -12.43 -37.10
C ASN D 661 14.80 -13.72 -37.27
N ASN D 662 14.92 -14.64 -36.31
CA ASN D 662 14.14 -15.89 -36.28
C ASN D 662 14.44 -16.77 -37.48
N ARG D 663 15.67 -16.72 -37.98
CA ARG D 663 16.08 -17.60 -39.07
C ARG D 663 16.02 -19.06 -38.63
N TYR D 664 16.54 -19.36 -37.44
CA TYR D 664 16.44 -20.70 -36.86
C TYR D 664 15.29 -20.74 -35.87
N ARG D 665 14.07 -20.66 -36.41
CA ARG D 665 12.87 -20.72 -35.60
C ARG D 665 12.11 -22.04 -35.72
N PHE D 666 12.15 -22.68 -36.87
CA PHE D 666 11.48 -23.95 -37.07
C PHE D 666 12.42 -25.14 -37.12
N ALA D 667 13.67 -24.94 -37.51
CA ALA D 667 14.64 -26.03 -37.39
C ALA D 667 14.87 -26.41 -35.94
N PHE D 668 15.02 -25.42 -35.06
CA PHE D 668 15.16 -25.72 -33.64
C PHE D 668 13.87 -26.30 -33.07
N LEU D 669 12.71 -25.85 -33.55
CA LEU D 669 11.45 -26.43 -33.12
C LEU D 669 11.35 -27.91 -33.51
N TYR D 670 11.77 -28.23 -34.73
CA TYR D 670 11.77 -29.63 -35.17
C TYR D 670 12.74 -30.46 -34.33
N LEU D 671 13.92 -29.91 -34.02
CA LEU D 671 14.86 -30.62 -33.16
C LEU D 671 14.26 -30.87 -31.78
N LEU D 672 13.62 -29.85 -31.20
CA LEU D 672 13.01 -30.00 -29.89
C LEU D 672 11.91 -31.05 -29.91
N VAL D 673 11.09 -31.06 -30.96
CA VAL D 673 10.01 -32.04 -31.04
C VAL D 673 10.56 -33.46 -31.17
N LYS D 674 11.59 -33.65 -32.01
CA LYS D 674 12.15 -34.99 -32.15
C LYS D 674 12.83 -35.44 -30.86
N TRP D 675 13.53 -34.54 -30.16
CA TRP D 675 14.14 -34.90 -28.89
C TRP D 675 13.06 -35.24 -27.85
N TYR D 676 11.96 -34.49 -27.85
CA TYR D 676 10.84 -34.78 -26.95
C TYR D 676 10.27 -36.16 -27.23
N LYS D 677 10.08 -36.50 -28.51
CA LYS D 677 9.59 -37.83 -28.84
C LYS D 677 10.57 -38.91 -28.41
N LYS D 678 11.87 -38.63 -28.48
CA LYS D 678 12.85 -39.61 -28.03
C LYS D 678 12.87 -39.77 -26.52
N TYR D 679 12.69 -38.69 -25.76
CA TYR D 679 12.98 -38.66 -24.34
C TYR D 679 11.74 -38.64 -23.45
N HIS D 680 10.76 -37.78 -23.74
CA HIS D 680 9.68 -37.49 -22.80
C HIS D 680 8.38 -38.21 -23.14
N ILE D 681 8.48 -39.40 -23.72
CA ILE D 681 7.30 -40.25 -23.94
C ILE D 681 7.60 -41.61 -23.32
N PRO D 682 6.68 -42.20 -22.56
CA PRO D 682 5.32 -41.73 -22.24
C PRO D 682 5.25 -40.76 -21.06
N ILE D 683 6.25 -40.72 -20.18
CA ILE D 683 6.21 -39.90 -18.97
C ILE D 683 7.33 -38.88 -19.05
N MET D 684 6.97 -37.61 -18.87
CA MET D 684 7.93 -36.52 -18.79
C MET D 684 8.40 -36.37 -17.35
N LYS D 685 9.70 -36.44 -17.13
CA LYS D 685 10.25 -36.34 -15.78
C LYS D 685 11.72 -35.98 -15.87
N LEU D 686 12.12 -34.92 -15.16
CA LEU D 686 13.50 -34.51 -15.09
C LEU D 686 14.17 -35.09 -13.86
N TYR D 687 15.43 -35.48 -14.00
CA TYR D 687 16.13 -36.15 -12.92
C TYR D 687 17.31 -35.31 -12.42
N PRO D 688 17.62 -35.39 -11.14
CA PRO D 688 18.75 -34.61 -10.60
C PRO D 688 20.08 -35.26 -10.88
N THR D 689 21.13 -34.45 -10.83
CA THR D 689 22.51 -34.89 -10.98
C THR D 689 23.31 -34.34 -9.81
N PRO D 690 23.17 -34.96 -8.62
CA PRO D 690 23.85 -34.42 -7.43
C PRO D 690 25.37 -34.40 -7.54
N GLU D 691 25.96 -35.38 -8.22
CA GLU D 691 27.42 -35.48 -8.26
C GLU D 691 28.02 -34.58 -9.34
N GLU D 692 27.60 -33.32 -9.36
CA GLU D 692 28.19 -32.31 -10.23
C GLU D 692 28.47 -30.99 -9.53
N ILE D 693 27.81 -30.69 -8.42
CA ILE D 693 28.05 -29.49 -7.64
C ILE D 693 29.09 -29.82 -6.57
N PRO D 694 30.19 -29.06 -6.47
CA PRO D 694 31.19 -29.36 -5.44
C PRO D 694 30.67 -29.20 -4.03
N ASP D 695 29.61 -28.43 -3.82
CA ASP D 695 29.06 -28.27 -2.48
C ASP D 695 28.47 -29.58 -1.95
N PHE D 696 27.87 -30.38 -2.82
CA PHE D 696 27.19 -31.59 -2.39
C PHE D 696 28.13 -32.77 -2.16
N ALA D 697 29.40 -32.65 -2.57
CA ALA D 697 30.31 -33.78 -2.52
C ALA D 697 30.54 -34.26 -1.08
N PHE D 698 30.66 -33.32 -0.15
CA PHE D 698 30.78 -33.70 1.26
C PHE D 698 29.59 -34.51 1.72
N TYR D 699 28.38 -34.08 1.35
CA TYR D 699 27.18 -34.79 1.79
C TYR D 699 27.08 -36.17 1.15
N LEU D 700 27.44 -36.31 -0.12
CA LEU D 700 27.44 -37.65 -0.73
C LEU D 700 28.47 -38.55 -0.05
N LYS D 701 29.66 -38.02 0.25
CA LYS D 701 30.67 -38.83 0.93
C LYS D 701 30.19 -39.23 2.33
N ILE D 702 29.52 -38.31 3.03
CA ILE D 702 28.96 -38.64 4.35
C ILE D 702 27.92 -39.74 4.23
N GLY D 703 27.04 -39.63 3.23
CA GLY D 703 26.04 -40.67 3.02
C GLY D 703 26.65 -42.02 2.70
N THR D 704 27.77 -42.03 1.97
CA THR D 704 28.46 -43.28 1.66
C THR D 704 29.46 -43.71 2.73
N LEU D 705 29.59 -42.93 3.81
CA LEU D 705 30.60 -43.19 4.83
C LEU D 705 30.05 -43.71 6.14
N LEU D 706 28.76 -43.51 6.43
CA LEU D 706 28.18 -43.83 7.73
C LEU D 706 26.95 -44.72 7.57
N VAL D 707 26.66 -45.47 8.63
CA VAL D 707 25.50 -46.35 8.69
C VAL D 707 24.62 -45.87 9.85
N SER D 708 23.31 -46.08 9.70
CA SER D 708 22.34 -45.26 10.40
C SER D 708 22.37 -45.33 11.92
N SER D 709 21.85 -46.40 12.52
CA SER D 709 21.85 -46.44 13.98
C SER D 709 22.41 -47.71 14.61
N SER D 710 21.76 -48.83 14.34
CA SER D 710 21.87 -49.99 15.23
C SER D 710 21.22 -51.20 14.55
N VAL D 711 20.95 -52.24 15.34
CA VAL D 711 20.22 -53.46 14.96
C VAL D 711 21.14 -54.40 14.20
N LYS D 712 21.81 -53.88 13.17
CA LYS D 712 22.81 -54.66 12.45
C LYS D 712 24.17 -54.64 13.13
N HIS D 713 24.28 -54.01 14.31
CA HIS D 713 25.56 -53.83 14.97
C HIS D 713 25.60 -54.39 16.38
N ILE D 714 24.44 -54.66 16.99
CA ILE D 714 24.38 -55.20 18.35
C ILE D 714 25.09 -56.54 18.44
N PRO D 715 24.85 -57.50 17.54
CA PRO D 715 25.66 -58.74 17.59
C PRO D 715 27.14 -58.52 17.34
N LEU D 716 27.50 -57.55 16.50
CA LEU D 716 28.89 -57.30 16.14
C LEU D 716 29.55 -56.26 17.04
N MET D 717 28.87 -55.84 18.11
CA MET D 717 29.43 -54.85 19.01
C MET D 717 30.69 -55.37 19.69
N THR D 718 30.74 -56.67 20.00
CA THR D 718 31.87 -57.22 20.76
C THR D 718 33.19 -57.01 20.02
N ASP D 719 33.20 -57.26 18.71
CA ASP D 719 34.42 -57.06 17.94
C ASP D 719 34.81 -55.58 17.88
N LEU D 720 33.83 -54.70 17.72
CA LEU D 720 34.07 -53.27 17.61
C LEU D 720 34.02 -52.55 18.96
N SER D 721 33.84 -53.27 20.07
CA SER D 721 33.79 -52.64 21.38
C SER D 721 35.13 -51.99 21.72
N LYS D 722 36.23 -52.64 21.36
CA LYS D 722 37.57 -52.13 21.63
C LYS D 722 38.01 -51.07 20.62
N LYS D 723 37.20 -50.79 19.61
CA LYS D 723 37.54 -49.80 18.59
C LYS D 723 37.06 -48.40 18.93
N GLY D 724 36.34 -48.22 20.03
CA GLY D 724 35.87 -46.91 20.43
C GLY D 724 34.37 -46.78 20.53
N TYR D 725 33.66 -47.91 20.38
CA TYR D 725 32.21 -47.92 20.42
C TYR D 725 31.73 -48.21 21.83
N ILE D 726 30.73 -47.46 22.28
CA ILE D 726 30.13 -47.62 23.60
C ILE D 726 28.66 -47.96 23.42
N LEU D 727 28.22 -49.07 24.02
CA LEU D 727 26.83 -49.46 23.95
C LEU D 727 26.04 -48.78 25.06
N TYR D 728 24.97 -48.08 24.69
CA TYR D 728 24.17 -47.32 25.64
C TYR D 728 22.76 -47.18 25.10
N ASP D 729 21.77 -47.40 25.98
CA ASP D 729 20.35 -47.29 25.62
C ASP D 729 20.00 -48.17 24.43
N ASN D 730 20.57 -49.39 24.42
CA ASN D 730 20.32 -50.39 23.39
C ASN D 730 20.74 -49.94 22.00
N VAL D 731 21.60 -48.92 21.91
CA VAL D 731 22.12 -48.43 20.64
C VAL D 731 23.62 -48.21 20.78
N VAL D 732 24.35 -48.45 19.69
CA VAL D 732 25.78 -48.21 19.66
C VAL D 732 26.02 -46.78 19.19
N THR D 733 27.11 -46.18 19.65
CA THR D 733 27.40 -44.79 19.34
C THR D 733 28.89 -44.55 19.45
N LEU D 734 29.32 -43.38 18.97
CA LEU D 734 30.70 -42.95 19.02
C LEU D 734 30.81 -41.60 19.70
N PRO D 735 31.87 -41.37 20.48
CA PRO D 735 32.05 -40.05 21.10
C PRO D 735 32.27 -38.98 20.05
N LEU D 736 31.79 -37.77 20.36
CA LEU D 736 31.92 -36.66 19.42
C LEU D 736 33.39 -36.29 19.21
N THR D 737 34.18 -36.29 20.28
CA THR D 737 35.61 -35.99 20.14
C THR D 737 36.30 -37.03 19.28
N THR D 738 35.99 -38.31 19.48
CA THR D 738 36.53 -39.35 18.61
C THR D 738 35.93 -39.27 17.22
N PHE D 739 34.68 -38.82 17.11
CA PHE D 739 34.04 -38.68 15.80
C PHE D 739 34.77 -37.65 14.95
N GLN D 740 35.20 -36.55 15.56
CA GLN D 740 35.96 -35.53 14.82
C GLN D 740 37.26 -36.10 14.29
N GLN D 741 37.98 -36.86 15.12
CA GLN D 741 39.22 -37.47 14.67
C GLN D 741 38.99 -38.48 13.56
N LYS D 742 37.91 -39.27 13.68
CA LYS D 742 37.59 -40.24 12.63
C LYS D 742 37.26 -39.53 11.30
N ILE D 743 36.53 -38.42 11.37
CA ILE D 743 36.22 -37.67 10.16
C ILE D 743 37.49 -37.08 9.56
N SER D 744 38.40 -36.58 10.40
CA SER D 744 39.59 -35.90 9.90
C SER D 744 40.41 -36.78 8.98
N LYS D 745 40.36 -38.10 9.17
CA LYS D 745 41.09 -39.01 8.30
C LYS D 745 40.52 -39.05 6.88
N TYR D 746 39.29 -38.59 6.69
CA TYR D 746 38.65 -38.61 5.38
C TYR D 746 38.24 -37.23 4.88
N PHE D 747 38.49 -36.17 5.64
CA PHE D 747 38.10 -34.83 5.23
C PHE D 747 39.12 -33.83 5.74
N ASN D 748 39.59 -32.95 4.87
CA ASN D 748 40.58 -31.95 5.24
C ASN D 748 39.89 -30.75 5.86
N SER D 749 40.23 -30.44 7.12
CA SER D 749 39.65 -29.30 7.82
C SER D 749 40.09 -27.97 7.24
N ARG D 750 41.09 -27.95 6.35
CA ARG D 750 41.51 -26.70 5.74
C ARG D 750 40.41 -26.09 4.90
N LEU D 751 39.68 -26.92 4.15
CA LEU D 751 38.56 -26.46 3.34
C LEU D 751 37.23 -27.05 3.76
N PHE D 752 37.18 -28.30 4.22
CA PHE D 752 35.98 -28.91 4.75
C PHE D 752 35.82 -28.68 6.24
N GLY D 753 36.51 -27.68 6.79
CA GLY D 753 36.47 -27.47 8.23
C GLY D 753 35.10 -27.07 8.73
N HIS D 754 34.41 -26.20 7.99
CA HIS D 754 33.08 -25.74 8.43
C HIS D 754 32.02 -26.80 8.20
N ASP D 755 32.19 -27.65 7.17
CA ASP D 755 31.15 -28.58 6.78
C ASP D 755 30.83 -29.62 7.85
N ILE D 756 31.76 -29.89 8.76
CA ILE D 756 31.50 -30.82 9.85
C ILE D 756 30.41 -30.27 10.77
N GLU D 757 30.40 -28.96 10.94
CA GLU D 757 29.40 -28.25 11.73
C GLU D 757 28.08 -28.17 10.98
N SER D 758 27.02 -28.01 11.76
CA SER D 758 25.61 -28.07 11.38
C SER D 758 25.23 -29.51 11.05
N PHE D 759 26.21 -30.35 10.76
CA PHE D 759 25.99 -31.78 10.64
C PHE D 759 26.11 -32.44 12.01
N ILE D 760 27.21 -32.18 12.70
CA ILE D 760 27.30 -32.60 14.09
C ILE D 760 26.22 -31.91 14.93
N ASN D 761 25.78 -30.72 14.50
CA ASN D 761 24.74 -30.01 15.23
C ASN D 761 23.37 -30.65 15.02
N ARG D 762 23.03 -31.01 13.77
CA ARG D 762 21.72 -31.60 13.51
C ARG D 762 21.65 -33.04 14.00
N HIS D 763 22.78 -33.75 14.02
CA HIS D 763 22.79 -35.15 14.44
C HIS D 763 23.31 -35.34 15.86
N LYS D 764 23.46 -34.26 16.62
CA LYS D 764 23.85 -34.39 18.02
C LYS D 764 22.71 -34.98 18.84
N LYS D 765 23.05 -35.84 19.80
CA LYS D 765 22.06 -36.44 20.68
C LYS D 765 22.67 -36.79 22.03
N TYR D 773 26.79 -37.40 22.17
CA TYR D 773 27.28 -38.54 21.39
C TYR D 773 26.79 -38.46 19.95
N LEU D 774 27.27 -39.40 19.12
CA LEU D 774 26.87 -39.46 17.72
C LEU D 774 26.72 -40.92 17.34
N GLN D 775 25.51 -41.30 16.92
CA GLN D 775 25.18 -42.70 16.65
C GLN D 775 25.42 -43.06 15.19
N TYR D 776 26.60 -42.77 14.68
CA TYR D 776 26.98 -43.08 13.31
C TYR D 776 28.18 -44.01 13.30
N ILE D 777 28.10 -45.06 12.50
CA ILE D 777 29.12 -46.11 12.45
C ILE D 777 29.86 -45.99 11.12
N PHE D 778 31.18 -45.91 11.18
CA PHE D 778 31.99 -45.81 9.98
C PHE D 778 32.09 -47.14 9.26
N ILE D 779 32.29 -47.08 7.94
CA ILE D 779 32.35 -48.29 7.12
C ILE D 779 33.57 -49.13 7.49
N GLU D 780 34.64 -48.50 7.96
CA GLU D 780 35.88 -49.23 8.25
C GLU D 780 35.66 -50.29 9.32
N ASP D 781 34.91 -49.96 10.36
CA ASP D 781 34.72 -50.90 11.47
C ASP D 781 33.88 -52.10 11.04
N ILE D 782 32.80 -51.88 10.31
CA ILE D 782 31.93 -52.97 9.87
C ILE D 782 32.57 -53.72 8.72
N ASN E 324 -25.58 -0.22 -40.86
CA ASN E 324 -25.28 -0.67 -42.22
C ASN E 324 -24.51 0.38 -43.00
N LYS E 325 -24.69 1.65 -42.60
CA LYS E 325 -23.97 2.76 -43.21
C LYS E 325 -22.72 3.14 -42.40
N LEU E 326 -22.87 3.30 -41.09
CA LEU E 326 -21.71 3.52 -40.22
C LEU E 326 -20.76 2.33 -40.21
N PHE E 327 -21.28 1.11 -40.37
CA PHE E 327 -20.41 -0.04 -40.54
C PHE E 327 -19.59 0.06 -41.82
N ASN E 328 -20.20 0.52 -42.90
CA ASN E 328 -19.45 0.73 -44.14
C ASN E 328 -18.39 1.81 -43.95
N ILE E 329 -18.73 2.88 -43.24
CA ILE E 329 -17.75 3.94 -42.98
C ILE E 329 -16.59 3.39 -42.18
N ALA E 330 -16.87 2.59 -41.16
CA ALA E 330 -15.80 1.98 -40.36
C ALA E 330 -14.95 1.05 -41.21
N GLN E 331 -15.58 0.28 -42.10
CA GLN E 331 -14.82 -0.60 -42.99
C GLN E 331 -13.87 0.19 -43.88
N ARG E 332 -14.38 1.26 -44.51
CA ARG E 332 -13.53 2.07 -45.37
C ARG E 332 -12.44 2.81 -44.61
N ILE E 333 -12.68 3.18 -43.35
CA ILE E 333 -11.62 3.76 -42.54
C ILE E 333 -10.56 2.71 -42.22
N LEU E 334 -11.01 1.49 -41.91
CA LEU E 334 -10.06 0.42 -41.59
C LEU E 334 -9.25 0.00 -42.81
N ASP E 335 -9.80 0.19 -44.01
CA ASP E 335 -9.08 -0.17 -45.23
C ASP E 335 -7.81 0.65 -45.43
N THR E 336 -7.72 1.83 -44.82
CA THR E 336 -6.56 2.70 -44.98
C THR E 336 -5.43 2.39 -44.01
N ASN E 337 -5.64 1.48 -43.05
CA ASN E 337 -4.65 1.11 -42.05
C ASN E 337 -4.18 2.34 -41.26
N SER E 338 -5.10 3.27 -41.02
CA SER E 338 -4.79 4.46 -40.24
C SER E 338 -4.86 4.22 -38.74
N VAL E 339 -5.45 3.11 -38.30
CA VAL E 339 -5.53 2.77 -36.89
C VAL E 339 -5.12 1.30 -36.73
N LEU E 340 -4.24 1.04 -35.78
CA LEU E 340 -3.71 -0.30 -35.55
C LEU E 340 -3.76 -0.62 -34.06
N LEU E 341 -3.81 -1.91 -33.76
CA LEU E 341 -3.78 -2.40 -32.40
C LEU E 341 -2.40 -2.96 -32.08
N THR E 342 -1.90 -2.64 -30.89
CA THR E 342 -0.58 -3.06 -30.46
C THR E 342 -0.68 -4.11 -29.35
N GLU E 343 0.42 -4.85 -29.17
CA GLU E 343 0.46 -5.85 -28.09
C GLU E 343 0.40 -5.21 -26.71
N ARG E 344 0.72 -3.91 -26.60
CA ARG E 344 0.67 -3.25 -25.30
C ARG E 344 -0.75 -3.21 -24.75
N GLY E 345 -1.74 -3.07 -25.62
CA GLY E 345 -3.13 -3.00 -25.22
C GLY E 345 -3.85 -1.73 -25.66
N ASP E 346 -3.17 -0.79 -26.30
CA ASP E 346 -3.78 0.44 -26.76
C ASP E 346 -3.60 0.57 -28.28
N HIS E 347 -4.47 1.37 -28.87
CA HIS E 347 -4.47 1.57 -30.32
C HIS E 347 -3.55 2.72 -30.69
N ILE E 348 -3.00 2.65 -31.90
CA ILE E 348 -2.15 3.69 -32.45
C ILE E 348 -2.84 4.25 -33.69
N VAL E 349 -2.90 5.58 -33.78
CA VAL E 349 -3.65 6.27 -34.82
C VAL E 349 -2.68 7.10 -35.64
N TRP E 350 -2.99 7.25 -36.93
CA TRP E 350 -2.14 7.98 -37.87
C TRP E 350 -2.85 9.29 -38.24
N ILE E 351 -2.59 10.33 -37.46
CA ILE E 351 -3.14 11.66 -37.71
C ILE E 351 -1.99 12.65 -37.81
N ASN E 352 -2.10 13.57 -38.78
CA ASN E 352 -1.09 14.61 -38.98
C ASN E 352 0.30 14.01 -39.19
N ASN E 353 0.36 12.94 -39.96
CA ASN E 353 1.62 12.28 -40.33
C ASN E 353 2.43 11.86 -39.11
N SER E 354 1.76 11.25 -38.14
CA SER E 354 2.45 10.74 -36.95
C SER E 354 1.62 9.62 -36.35
N TRP E 355 2.31 8.69 -35.69
CA TRP E 355 1.68 7.58 -35.00
C TRP E 355 1.58 7.94 -33.52
N LYS E 356 0.37 8.24 -33.05
CA LYS E 356 0.14 8.62 -31.67
C LYS E 356 -0.55 7.49 -30.93
N PHE E 357 -0.59 7.62 -29.60
CA PHE E 357 -1.09 6.59 -28.72
C PHE E 357 -2.45 6.98 -28.15
N ASN E 358 -3.38 6.02 -28.16
CA ASN E 358 -4.71 6.21 -27.56
C ASN E 358 -4.69 5.95 -26.07
N SER E 359 -3.76 6.59 -25.36
CA SER E 359 -3.64 6.48 -23.92
C SER E 359 -4.02 7.77 -23.20
N GLU E 360 -3.46 8.89 -23.64
CA GLU E 360 -3.85 10.20 -23.12
C GLU E 360 -4.90 10.78 -24.06
N GLU E 361 -6.17 10.72 -23.64
CA GLU E 361 -7.34 11.16 -24.38
C GLU E 361 -7.56 10.29 -25.62
N PRO E 362 -8.81 10.14 -26.07
CA PRO E 362 -9.07 9.34 -27.27
C PRO E 362 -8.53 10.02 -28.52
N LEU E 363 -8.22 9.18 -29.52
CA LEU E 363 -7.72 9.68 -30.79
C LEU E 363 -8.40 9.08 -32.01
N ILE E 364 -9.19 8.01 -31.85
CA ILE E 364 -9.86 7.41 -33.01
C ILE E 364 -10.91 8.35 -33.57
N THR E 365 -11.62 9.06 -32.69
CA THR E 365 -12.68 9.96 -33.15
C THR E 365 -12.09 11.15 -33.91
N LYS E 366 -10.92 11.63 -33.49
CA LYS E 366 -10.22 12.66 -34.25
C LYS E 366 -9.87 12.16 -35.64
N LEU E 367 -9.43 10.90 -35.74
CA LEU E 367 -9.15 10.30 -37.04
C LEU E 367 -10.41 10.23 -37.89
N ILE E 368 -11.54 9.85 -37.29
CA ILE E 368 -12.79 9.76 -38.02
C ILE E 368 -13.19 11.12 -38.55
N LEU E 369 -13.05 12.15 -37.73
CA LEU E 369 -13.42 13.50 -38.17
C LEU E 369 -12.48 14.03 -39.25
N SER E 370 -11.18 13.78 -39.10
CA SER E 370 -10.22 14.30 -40.07
C SER E 370 -10.31 13.58 -41.41
N ILE E 371 -10.60 12.29 -41.41
CA ILE E 371 -10.68 11.51 -42.64
C ILE E 371 -11.99 11.72 -43.39
N ARG E 372 -12.88 12.58 -42.88
CA ARG E 372 -14.21 12.74 -43.45
C ARG E 372 -14.17 13.28 -44.87
N HIS E 373 -13.07 13.91 -45.29
CA HIS E 373 -12.94 14.43 -46.64
C HIS E 373 -12.35 13.44 -47.61
N GLN E 374 -11.82 12.32 -47.13
CA GLN E 374 -11.31 11.25 -47.98
C GLN E 374 -12.37 10.20 -48.27
N LEU E 375 -13.64 10.53 -48.11
CA LEU E 375 -14.76 9.61 -48.19
C LEU E 375 -15.78 10.13 -49.17
N PRO E 376 -16.64 9.25 -49.69
CA PRO E 376 -17.73 9.70 -50.56
C PRO E 376 -18.54 10.83 -49.91
N LYS E 377 -19.17 11.64 -50.76
CA LYS E 377 -19.87 12.82 -50.27
C LYS E 377 -21.04 12.45 -49.36
N GLU E 378 -21.78 11.38 -49.69
CA GLU E 378 -22.90 10.97 -48.86
C GLU E 378 -22.47 10.41 -47.51
N TYR E 379 -21.22 9.94 -47.40
CA TYR E 379 -20.71 9.38 -46.16
C TYR E 379 -20.08 10.43 -45.25
N SER E 380 -19.90 11.66 -45.74
CA SER E 380 -19.21 12.68 -44.97
C SER E 380 -20.17 13.50 -44.09
N SER E 381 -21.43 13.65 -44.51
CA SER E 381 -22.38 14.39 -43.69
C SER E 381 -22.81 13.61 -42.45
N GLU E 382 -22.56 12.30 -42.43
CA GLU E 382 -22.91 11.47 -41.27
C GLU E 382 -21.82 11.45 -40.21
N LEU E 383 -20.67 12.04 -40.47
CA LEU E 383 -19.56 12.08 -39.53
C LEU E 383 -19.48 13.39 -38.78
N LEU E 384 -20.43 14.30 -38.98
CA LEU E 384 -20.44 15.57 -38.27
C LEU E 384 -21.09 15.49 -36.90
N CYS E 385 -21.75 14.37 -36.58
CA CYS E 385 -22.39 14.16 -35.29
C CYS E 385 -21.47 13.35 -34.39
N PRO E 386 -21.23 13.80 -33.15
CA PRO E 386 -20.36 13.04 -32.26
C PRO E 386 -20.86 11.64 -31.95
N ARG E 387 -22.19 11.46 -31.88
CA ARG E 387 -22.75 10.14 -31.57
C ARG E 387 -22.43 9.13 -32.67
N LYS E 388 -22.58 9.55 -33.93
CA LYS E 388 -22.26 8.65 -35.04
C LYS E 388 -20.77 8.38 -35.13
N ARG E 389 -19.93 9.36 -34.79
CA ARG E 389 -18.50 9.10 -34.72
C ARG E 389 -18.17 8.11 -33.62
N LYS E 390 -18.88 8.17 -32.49
CA LYS E 390 -18.69 7.17 -31.45
C LYS E 390 -19.10 5.79 -31.94
N THR E 391 -20.20 5.71 -32.68
CA THR E 391 -20.63 4.43 -33.23
C THR E 391 -19.59 3.86 -34.20
N VAL E 392 -19.06 4.72 -35.07
CA VAL E 392 -18.02 4.28 -36.01
C VAL E 392 -16.77 3.82 -35.25
N GLU E 393 -16.42 4.54 -34.18
CA GLU E 393 -15.27 4.12 -33.38
C GLU E 393 -15.51 2.76 -32.72
N ALA E 394 -16.74 2.53 -32.25
CA ALA E 394 -17.06 1.22 -31.67
C ALA E 394 -16.93 0.11 -32.71
N ASN E 395 -17.43 0.36 -33.92
CA ASN E 395 -17.30 -0.63 -34.99
C ASN E 395 -15.83 -0.89 -35.31
N ILE E 396 -15.02 0.17 -35.40
CA ILE E 396 -13.60 0.01 -35.70
C ILE E 396 -12.91 -0.79 -34.60
N ARG E 397 -13.21 -0.46 -33.34
CA ARG E 397 -12.60 -1.15 -32.22
C ARG E 397 -12.98 -2.63 -32.20
N ASP E 398 -14.21 -2.95 -32.60
CA ASP E 398 -14.61 -4.35 -32.72
C ASP E 398 -13.98 -5.02 -33.93
N MET E 399 -13.55 -4.26 -34.94
CA MET E 399 -12.92 -4.85 -36.11
C MET E 399 -11.49 -5.34 -35.82
N LEU E 400 -10.75 -4.62 -34.98
CA LEU E 400 -9.34 -4.90 -34.76
C LEU E 400 -9.22 -6.05 -33.75
N VAL E 401 -8.77 -7.21 -34.23
CA VAL E 401 -8.66 -8.40 -33.40
C VAL E 401 -7.20 -8.78 -33.15
N ASP E 402 -6.34 -8.61 -34.14
CA ASP E 402 -4.95 -9.04 -34.05
C ASP E 402 -4.04 -7.82 -33.90
N SER E 403 -3.07 -7.94 -32.99
CA SER E 403 -2.14 -6.86 -32.70
C SER E 403 -0.97 -6.86 -33.68
N VAL E 404 -0.24 -5.75 -33.70
CA VAL E 404 0.91 -5.57 -34.57
C VAL E 404 2.09 -5.10 -33.74
N GLU E 405 3.30 -5.36 -34.23
CA GLU E 405 4.52 -5.02 -33.55
C GLU E 405 5.08 -3.71 -34.09
N THR E 406 5.65 -2.90 -33.20
CA THR E 406 6.15 -1.58 -33.53
C THR E 406 7.67 -1.54 -33.46
N ASP E 407 8.24 -0.54 -34.14
CA ASP E 407 9.68 -0.28 -34.15
C ASP E 407 10.47 -1.50 -34.61
N THR E 408 9.97 -2.17 -35.65
CA THR E 408 10.67 -3.33 -36.18
C THR E 408 11.96 -2.94 -36.88
N TYR E 409 11.92 -1.90 -37.70
CA TYR E 409 13.10 -1.47 -38.45
C TYR E 409 14.04 -0.71 -37.54
N PRO E 410 15.28 -1.16 -37.35
CA PRO E 410 16.20 -0.45 -36.45
C PRO E 410 16.90 0.71 -37.11
N ASP E 411 17.13 0.62 -38.42
CA ASP E 411 17.90 1.64 -39.15
C ASP E 411 16.99 2.71 -39.75
N LYS E 412 16.13 3.30 -38.93
CA LYS E 412 15.25 4.38 -39.34
C LYS E 412 15.28 5.48 -38.29
N LEU E 413 15.37 6.72 -38.75
CA LEU E 413 15.36 7.86 -37.83
C LEU E 413 14.04 8.61 -37.97
N PRO E 414 13.16 8.54 -36.98
CA PRO E 414 11.85 9.18 -37.11
C PRO E 414 11.92 10.67 -36.80
N PHE E 415 11.28 11.45 -37.66
CA PHE E 415 11.19 12.90 -37.52
C PHE E 415 9.73 13.31 -37.36
N LYS E 416 9.52 14.61 -37.15
CA LYS E 416 8.16 15.12 -36.95
C LYS E 416 7.35 15.16 -38.25
N ASN E 417 8.02 15.14 -39.40
CA ASN E 417 7.34 15.23 -40.68
C ASN E 417 7.77 14.12 -41.63
N GLY E 418 8.19 12.99 -41.09
CA GLY E 418 8.57 11.86 -41.92
C GLY E 418 9.65 11.03 -41.26
N VAL E 419 10.12 10.04 -42.01
CA VAL E 419 11.15 9.11 -41.54
C VAL E 419 12.31 9.15 -42.52
N LEU E 420 13.52 9.34 -41.98
CA LEU E 420 14.73 9.40 -42.78
C LEU E 420 15.40 8.02 -42.80
N ASP E 421 15.72 7.55 -44.00
CA ASP E 421 16.42 6.28 -44.14
C ASP E 421 17.92 6.48 -43.93
N LEU E 422 18.56 5.49 -43.31
CA LEU E 422 19.98 5.54 -43.04
C LEU E 422 20.81 4.65 -43.95
N VAL E 423 20.19 3.62 -44.54
CA VAL E 423 20.91 2.78 -45.50
C VAL E 423 21.35 3.60 -46.70
N ASP E 424 20.47 4.46 -47.19
CA ASP E 424 20.76 5.41 -48.26
C ASP E 424 20.41 6.81 -47.79
N GLY E 425 20.50 7.77 -48.71
CA GLY E 425 20.10 9.13 -48.41
C GLY E 425 18.77 9.48 -49.04
N MET E 426 17.71 9.49 -48.23
CA MET E 426 16.37 9.79 -48.72
C MET E 426 15.46 10.01 -47.52
N PHE E 427 14.56 10.97 -47.64
CA PHE E 427 13.60 11.30 -46.59
C PHE E 427 12.20 10.95 -47.08
N TYR E 428 11.52 10.09 -46.31
CA TYR E 428 10.15 9.68 -46.63
C TYR E 428 9.19 10.53 -45.80
N SER E 429 8.51 11.47 -46.44
CA SER E 429 7.65 12.43 -45.77
C SER E 429 6.20 12.15 -46.12
N GLY E 430 5.37 11.96 -45.10
CA GLY E 430 3.92 11.86 -45.29
C GLY E 430 3.46 10.42 -45.42
N ASP E 431 2.79 10.11 -46.53
CA ASP E 431 2.13 8.82 -46.68
C ASP E 431 3.15 7.67 -46.68
N ASP E 432 4.27 7.85 -47.39
CA ASP E 432 5.25 6.78 -47.52
C ASP E 432 6.00 6.49 -46.22
N ALA E 433 5.88 7.34 -45.21
CA ALA E 433 6.51 7.09 -43.92
C ALA E 433 5.67 6.21 -43.00
N LYS E 434 4.44 5.88 -43.40
CA LYS E 434 3.56 5.06 -42.58
C LYS E 434 3.95 3.59 -42.57
N LYS E 435 4.72 3.14 -43.57
CA LYS E 435 5.13 1.75 -43.63
C LYS E 435 5.96 1.37 -42.40
N TYR E 436 6.73 2.31 -41.85
CA TYR E 436 7.55 2.07 -40.68
C TYR E 436 6.81 2.63 -39.48
N THR E 437 6.30 1.74 -38.62
CA THR E 437 5.51 2.15 -37.46
C THR E 437 6.46 2.69 -36.40
N CYS E 438 6.72 4.00 -36.49
CA CYS E 438 7.60 4.68 -35.55
C CYS E 438 6.75 5.50 -34.59
N THR E 439 6.85 5.19 -33.29
CA THR E 439 6.05 5.85 -32.28
C THR E 439 6.79 6.97 -31.55
N VAL E 440 8.11 6.97 -31.57
CA VAL E 440 8.92 7.99 -30.92
C VAL E 440 9.75 8.70 -31.98
N SER E 441 9.85 10.02 -31.86
CA SER E 441 10.57 10.81 -32.85
C SER E 441 11.52 11.80 -32.20
N THR E 442 12.13 12.67 -33.01
CA THR E 442 13.11 13.62 -32.49
C THR E 442 12.44 14.84 -31.87
N GLY E 443 11.50 15.45 -32.59
CA GLY E 443 10.81 16.62 -32.09
C GLY E 443 10.95 17.84 -32.98
N PHE E 444 11.51 17.64 -34.17
CA PHE E 444 11.65 18.72 -35.13
C PHE E 444 11.51 18.13 -36.54
N LYS E 445 11.55 19.00 -37.54
CA LYS E 445 11.27 18.62 -38.91
C LYS E 445 12.55 18.60 -39.73
N PHE E 446 12.77 17.50 -40.44
CA PHE E 446 13.87 17.42 -41.39
C PHE E 446 13.68 18.47 -42.48
N ASP E 447 14.60 19.41 -42.56
CA ASP E 447 14.48 20.55 -43.46
C ASP E 447 15.53 20.48 -44.56
N ASP E 448 15.10 20.73 -45.79
CA ASP E 448 15.97 20.80 -46.94
C ASP E 448 15.94 22.22 -47.51
N THR E 449 17.09 22.65 -48.04
CA THR E 449 18.31 21.88 -48.22
C THR E 449 19.29 22.06 -47.07
N LYS E 450 18.75 22.25 -45.85
CA LYS E 450 19.60 22.43 -44.68
C LYS E 450 20.43 21.20 -44.37
N PHE E 451 20.10 20.05 -44.95
CA PHE E 451 20.91 18.84 -44.83
C PHE E 451 22.10 18.92 -45.80
N VAL E 452 22.88 19.99 -45.63
CA VAL E 452 23.84 20.41 -46.63
C VAL E 452 25.04 19.47 -46.65
N GLU E 453 25.53 19.17 -47.85
CA GLU E 453 26.80 18.50 -48.05
C GLU E 453 27.92 19.49 -48.32
N ASP E 454 27.66 20.79 -48.14
CA ASP E 454 28.58 21.88 -48.45
C ASP E 454 28.32 22.98 -47.42
N SER E 455 28.74 24.21 -47.74
CA SER E 455 28.41 25.43 -47.01
C SER E 455 29.27 25.55 -45.75
N PRO E 456 29.56 26.77 -45.29
CA PRO E 456 30.45 26.94 -44.13
C PRO E 456 29.92 26.33 -42.84
N GLU E 457 28.65 25.93 -42.77
CA GLU E 457 28.16 25.25 -41.58
C GLU E 457 28.95 23.96 -41.33
N MET E 458 29.08 23.12 -42.36
CA MET E 458 29.84 21.89 -42.22
C MET E 458 31.32 22.19 -41.98
N GLU E 459 31.84 23.25 -42.59
CA GLU E 459 33.24 23.60 -42.38
C GLU E 459 33.51 23.96 -40.92
N GLU E 460 32.62 24.76 -40.32
CA GLU E 460 32.79 25.12 -38.92
C GLU E 460 32.58 23.91 -38.00
N LEU E 461 31.63 23.04 -38.34
CA LEU E 461 31.44 21.83 -37.56
C LEU E 461 32.68 20.94 -37.62
N MET E 462 33.29 20.81 -38.80
CA MET E 462 34.51 20.04 -38.94
C MET E 462 35.64 20.67 -38.14
N ASN E 463 35.73 22.01 -38.15
CA ASN E 463 36.73 22.68 -37.34
C ASN E 463 36.55 22.36 -35.86
N ILE E 464 35.31 22.42 -35.37
CA ILE E 464 35.04 22.14 -33.97
C ILE E 464 35.41 20.71 -33.62
N ILE E 465 35.00 19.76 -34.47
CA ILE E 465 35.26 18.35 -34.18
C ILE E 465 36.75 18.05 -34.22
N ASN E 466 37.46 18.56 -35.24
CA ASN E 466 38.89 18.34 -35.33
C ASN E 466 39.65 18.99 -34.20
N ASP E 467 39.16 20.13 -33.69
CA ASP E 467 39.75 20.68 -32.46
C ASP E 467 39.49 19.74 -31.28
N ILE E 468 38.29 19.19 -31.19
CA ILE E 468 37.97 18.27 -30.10
C ILE E 468 38.76 16.97 -30.26
N GLN E 469 38.77 16.41 -31.47
CA GLN E 469 39.43 15.13 -31.75
C GLN E 469 40.42 15.35 -32.88
N PRO E 470 41.66 15.74 -32.57
CA PRO E 470 42.63 16.01 -33.63
C PRO E 470 42.97 14.76 -34.43
N LEU E 471 43.27 14.97 -35.72
CA LEU E 471 43.58 13.89 -36.64
C LEU E 471 45.10 13.72 -36.71
N THR E 472 45.59 12.66 -36.09
CA THR E 472 47.01 12.30 -36.10
C THR E 472 47.10 10.84 -35.66
N ASP E 473 48.28 10.26 -35.83
CA ASP E 473 48.42 8.86 -35.42
C ASP E 473 48.69 8.75 -33.93
N GLU E 474 47.92 9.49 -33.12
CA GLU E 474 47.77 9.22 -31.71
C GLU E 474 46.28 9.07 -31.41
N ASN E 475 45.50 10.04 -31.85
CA ASN E 475 44.04 10.02 -31.77
C ASN E 475 43.43 9.50 -33.06
N LYS E 476 43.86 8.32 -33.51
CA LYS E 476 43.34 7.71 -34.72
C LYS E 476 42.30 6.65 -34.44
N LYS E 477 42.67 5.60 -33.71
CA LYS E 477 41.69 4.60 -33.29
C LYS E 477 40.71 5.17 -32.28
N ASN E 478 41.17 6.11 -31.44
CA ASN E 478 40.25 6.80 -30.54
C ASN E 478 39.24 7.62 -31.32
N ARG E 479 39.68 8.30 -32.39
CA ARG E 479 38.74 9.05 -33.23
C ARG E 479 37.77 8.11 -33.93
N GLU E 480 38.27 6.94 -34.37
CA GLU E 480 37.38 5.94 -34.98
C GLU E 480 36.32 5.49 -33.99
N LEU E 481 36.73 5.22 -32.75
CA LEU E 481 35.77 4.82 -31.71
C LEU E 481 34.77 5.91 -31.43
N TYR E 482 35.24 7.16 -31.38
CA TYR E 482 34.34 8.30 -31.17
C TYR E 482 33.30 8.38 -32.29
N GLU E 483 33.74 8.25 -33.53
CA GLU E 483 32.82 8.30 -34.67
C GLU E 483 31.81 7.17 -34.63
N LYS E 484 32.28 5.94 -34.36
CA LYS E 484 31.37 4.80 -34.31
C LYS E 484 30.39 4.89 -33.15
N THR E 485 30.82 5.33 -31.97
CA THR E 485 29.92 5.49 -30.85
C THR E 485 28.87 6.55 -31.13
N LEU E 486 29.26 7.67 -31.74
CA LEU E 486 28.25 8.67 -32.11
C LEU E 486 27.33 8.15 -33.21
N SER E 487 27.84 7.32 -34.11
CA SER E 487 27.02 6.77 -35.17
C SER E 487 25.98 5.79 -34.64
N SER E 488 26.34 5.00 -33.64
CA SER E 488 25.45 3.99 -33.09
C SER E 488 24.28 4.63 -32.36
N CYS E 489 24.30 5.95 -32.22
CA CYS E 489 23.23 6.69 -31.58
C CYS E 489 22.07 6.97 -32.54
N LEU E 490 22.19 6.56 -33.80
CA LEU E 490 21.17 6.82 -34.81
C LEU E 490 20.14 5.70 -34.90
N CYS E 491 20.61 4.45 -35.00
CA CYS E 491 19.71 3.33 -35.18
C CYS E 491 19.11 2.90 -33.84
N GLY E 492 18.04 2.11 -33.93
CA GLY E 492 17.36 1.63 -32.75
C GLY E 492 17.57 0.15 -32.48
N ALA E 493 18.77 -0.36 -32.80
CA ALA E 493 19.11 -1.74 -32.54
C ALA E 493 19.52 -1.90 -31.08
N THR E 494 20.04 -3.07 -30.73
CA THR E 494 20.54 -3.33 -29.38
C THR E 494 22.06 -3.25 -29.37
N LYS E 495 22.60 -2.41 -28.51
CA LYS E 495 24.04 -2.20 -28.40
C LYS E 495 24.53 -2.96 -27.17
N GLY E 496 25.37 -3.97 -27.40
CA GLY E 496 25.90 -4.77 -26.31
C GLY E 496 27.23 -4.29 -25.79
N CYS E 497 27.34 -2.99 -25.54
CA CYS E 497 28.58 -2.42 -25.03
C CYS E 497 28.28 -1.11 -24.32
N LEU E 498 29.20 -0.72 -23.45
CA LEU E 498 29.14 0.53 -22.72
C LEU E 498 30.35 1.39 -23.07
N THR E 499 30.13 2.68 -23.30
CA THR E 499 31.17 3.58 -23.75
C THR E 499 31.45 4.63 -22.68
N PHE E 500 32.74 4.84 -22.39
CA PHE E 500 33.18 5.84 -21.43
C PHE E 500 33.83 6.99 -22.19
N PHE E 501 33.46 8.22 -21.83
CA PHE E 501 34.06 9.43 -22.41
C PHE E 501 35.11 9.94 -21.43
N PHE E 502 36.38 9.70 -21.73
CA PHE E 502 37.48 9.94 -20.79
C PHE E 502 38.09 11.31 -21.07
N GLY E 503 37.69 12.29 -20.26
CA GLY E 503 38.28 13.61 -20.31
C GLY E 503 38.53 14.14 -18.91
N GLU E 504 39.35 15.18 -18.82
CA GLU E 504 39.69 15.73 -17.51
C GLU E 504 38.79 16.90 -17.13
N THR E 505 38.85 17.98 -17.90
CA THR E 505 38.03 19.17 -17.67
C THR E 505 38.15 20.08 -18.88
N ALA E 506 37.01 20.59 -19.35
CA ALA E 506 36.97 21.51 -20.49
C ALA E 506 37.63 20.91 -21.72
N THR E 507 37.62 19.58 -21.85
CA THR E 507 38.22 18.90 -22.98
C THR E 507 37.28 18.77 -24.17
N GLY E 508 36.00 19.07 -24.00
CA GLY E 508 35.07 19.01 -25.10
C GLY E 508 34.12 17.83 -25.05
N LYS E 509 33.65 17.47 -23.85
CA LYS E 509 32.73 16.35 -23.66
C LYS E 509 31.28 16.82 -23.67
N SER E 510 30.94 17.77 -22.80
CA SER E 510 29.58 18.28 -22.75
C SER E 510 29.20 19.04 -24.01
N THR E 511 30.16 19.59 -24.75
CA THR E 511 29.83 20.19 -26.03
C THR E 511 29.41 19.13 -27.04
N THR E 512 30.07 17.96 -27.01
CA THR E 512 29.63 16.83 -27.82
C THR E 512 28.26 16.33 -27.37
N LYS E 513 28.03 16.32 -26.06
CA LYS E 513 26.72 15.95 -25.54
C LYS E 513 25.64 16.89 -26.06
N ARG E 514 25.90 18.19 -26.05
CA ARG E 514 24.93 19.16 -26.56
C ARG E 514 24.75 19.02 -28.07
N LEU E 515 25.82 18.76 -28.80
CA LEU E 515 25.71 18.55 -30.24
C LEU E 515 24.84 17.34 -30.55
N LEU E 516 25.01 16.25 -29.79
CA LEU E 516 24.16 15.08 -29.96
C LEU E 516 22.71 15.41 -29.59
N LYS E 517 22.51 16.15 -28.51
CA LYS E 517 21.16 16.53 -28.10
C LYS E 517 20.50 17.41 -29.16
N SER E 518 21.29 18.24 -29.83
CA SER E 518 20.76 19.12 -30.87
C SER E 518 20.47 18.38 -32.17
N ALA E 519 20.94 17.15 -32.33
CA ALA E 519 20.81 16.42 -33.58
C ALA E 519 19.67 15.40 -33.58
N ILE E 520 19.47 14.67 -32.48
CA ILE E 520 18.48 13.61 -32.44
C ILE E 520 17.28 13.97 -31.58
N GLY E 521 17.22 15.20 -31.08
CA GLY E 521 16.02 15.68 -30.41
C GLY E 521 15.65 14.87 -29.18
N ASP E 522 14.37 14.50 -29.10
CA ASP E 522 13.84 13.81 -27.92
C ASP E 522 14.34 12.39 -27.79
N LEU E 523 14.95 11.82 -28.83
CA LEU E 523 15.55 10.50 -28.70
C LEU E 523 16.76 10.49 -27.78
N PHE E 524 17.26 11.66 -27.42
CA PHE E 524 18.38 11.80 -26.50
C PHE E 524 17.87 12.21 -25.13
N VAL E 525 18.25 11.46 -24.10
CA VAL E 525 17.82 11.72 -22.74
C VAL E 525 19.05 11.82 -21.83
N GLU E 526 19.07 12.84 -20.98
CA GLU E 526 20.09 12.98 -19.96
C GLU E 526 19.67 12.23 -18.70
N THR E 527 20.65 11.85 -17.89
CA THR E 527 20.40 10.99 -16.74
C THR E 527 21.54 11.20 -15.74
N GLY E 528 21.21 11.08 -14.46
CA GLY E 528 22.18 11.15 -13.39
C GLY E 528 23.00 9.89 -13.26
N GLN E 529 23.40 9.57 -12.02
CA GLN E 529 24.17 8.36 -11.78
C GLN E 529 23.40 7.29 -11.00
N THR E 530 22.15 7.57 -10.60
CA THR E 530 21.38 6.58 -9.86
C THR E 530 21.20 5.29 -10.65
N ILE E 531 21.26 5.37 -11.98
CA ILE E 531 21.26 4.17 -12.82
C ILE E 531 22.47 3.30 -12.51
N LEU E 532 23.62 3.93 -12.24
CA LEU E 532 24.87 3.22 -12.03
C LEU E 532 25.10 2.87 -10.57
N THR E 533 24.92 3.84 -9.67
CA THR E 533 25.11 3.57 -8.25
C THR E 533 24.09 2.58 -7.71
N ASP E 534 22.83 2.72 -8.14
CA ASP E 534 21.77 1.84 -7.69
C ASP E 534 21.07 1.17 -8.86
N PRO E 542 12.80 3.64 -11.47
CA PRO E 542 11.85 4.47 -12.21
C PRO E 542 12.27 4.72 -13.65
N PHE E 543 13.54 5.08 -13.86
CA PHE E 543 14.04 5.35 -15.19
C PHE E 543 14.33 4.09 -16.00
N ILE E 544 14.20 2.90 -15.39
CA ILE E 544 14.28 1.67 -16.16
C ILE E 544 13.20 1.66 -17.23
N ALA E 545 12.00 2.11 -16.89
CA ALA E 545 10.92 2.24 -17.85
C ALA E 545 10.96 3.56 -18.60
N ASN E 546 11.53 4.61 -17.99
CA ASN E 546 11.59 5.91 -18.64
C ASN E 546 12.89 6.08 -19.43
N MET E 547 13.25 5.05 -20.18
CA MET E 547 14.30 5.17 -21.18
C MET E 547 14.00 4.36 -22.45
N HIS E 548 12.86 3.70 -22.54
CA HIS E 548 12.58 2.80 -23.65
C HIS E 548 12.34 3.58 -24.93
N LEU E 549 12.69 2.93 -26.06
CA LEU E 549 12.52 3.52 -27.39
C LEU E 549 13.27 4.83 -27.52
N LYS E 550 14.42 4.92 -26.86
CA LYS E 550 15.30 6.07 -26.96
C LYS E 550 16.65 5.61 -27.49
N ARG E 551 17.22 6.40 -28.39
CA ARG E 551 18.44 6.01 -29.10
C ARG E 551 19.72 6.39 -28.36
N SER E 552 19.63 7.14 -27.26
CA SER E 552 20.83 7.56 -26.55
C SER E 552 20.51 7.84 -25.10
N VAL E 553 21.37 7.33 -24.21
CA VAL E 553 21.31 7.64 -22.77
C VAL E 553 22.68 8.12 -22.36
N PHE E 554 22.76 9.37 -21.89
CA PHE E 554 24.03 10.00 -21.53
C PHE E 554 24.06 10.18 -20.02
N CYS E 555 24.98 9.48 -19.36
CA CYS E 555 25.14 9.57 -17.91
C CYS E 555 26.34 10.48 -17.64
N SER E 556 26.06 11.78 -17.54
CA SER E 556 27.11 12.75 -17.30
C SER E 556 27.58 12.71 -15.86
N GLU E 557 28.84 13.11 -15.64
CA GLU E 557 29.47 13.16 -14.33
C GLU E 557 29.51 11.79 -13.67
N LEU E 558 29.97 11.72 -12.43
CA LEU E 558 30.13 10.46 -11.72
C LEU E 558 30.03 10.72 -10.23
N PRO E 559 29.95 9.66 -9.41
CA PRO E 559 29.97 9.82 -7.95
C PRO E 559 31.35 10.11 -7.40
N ASP E 560 32.27 10.54 -8.27
CA ASP E 560 33.63 10.97 -7.94
C ASP E 560 34.56 9.77 -7.81
N PHE E 561 35.84 10.03 -7.50
CA PHE E 561 36.90 9.03 -7.64
C PHE E 561 36.65 7.83 -6.74
N ALA E 562 36.65 8.05 -5.42
CA ALA E 562 36.40 6.95 -4.49
C ALA E 562 35.44 7.29 -3.35
N CYS E 563 35.26 8.56 -2.99
CA CYS E 563 34.40 8.91 -1.87
C CYS E 563 32.93 8.74 -2.24
N LYS E 567 30.83 5.13 -4.07
CA LYS E 567 30.72 3.68 -4.13
C LYS E 567 31.21 3.13 -5.46
N LYS E 568 31.13 1.82 -5.62
CA LYS E 568 31.61 1.17 -6.83
C LYS E 568 30.57 1.26 -7.94
N ILE E 569 30.89 0.63 -9.08
CA ILE E 569 30.06 0.73 -10.27
C ILE E 569 28.83 -0.17 -10.23
N ARG E 570 28.85 -1.23 -9.41
CA ARG E 570 27.79 -2.24 -9.39
C ARG E 570 27.66 -2.92 -10.75
N SER E 571 28.72 -3.68 -11.10
CA SER E 571 28.81 -4.35 -12.39
C SER E 571 27.60 -5.20 -12.72
N ASP E 572 26.76 -5.52 -11.73
CA ASP E 572 25.48 -6.15 -12.02
C ASP E 572 24.63 -5.27 -12.94
N ASN E 573 24.64 -3.96 -12.69
CA ASN E 573 23.97 -3.04 -13.60
C ASN E 573 24.63 -3.06 -14.97
N ILE E 574 25.97 -3.08 -15.02
CA ILE E 574 26.67 -3.05 -16.29
C ILE E 574 26.28 -4.25 -17.15
N LYS E 575 26.21 -5.43 -16.53
CA LYS E 575 25.68 -6.59 -17.24
C LYS E 575 24.21 -6.43 -17.55
N LYS E 576 23.49 -5.61 -16.78
CA LYS E 576 22.04 -5.54 -16.91
C LYS E 576 21.62 -4.79 -18.17
N LEU E 577 22.32 -3.70 -18.52
CA LEU E 577 21.88 -2.90 -19.66
C LEU E 577 22.42 -3.38 -21.00
N THR E 578 23.20 -4.45 -21.03
CA THR E 578 23.76 -4.90 -22.30
C THR E 578 22.74 -5.69 -23.12
N GLU E 579 22.02 -6.60 -22.48
CA GLU E 579 21.05 -7.41 -23.21
C GLU E 579 19.86 -6.56 -23.65
N PRO E 580 19.19 -6.94 -24.75
CA PRO E 580 18.05 -6.14 -25.22
C PRO E 580 16.91 -6.05 -24.23
N CYS E 581 16.67 -7.10 -23.45
CA CYS E 581 15.60 -7.13 -22.47
C CYS E 581 16.17 -6.78 -21.11
N VAL E 582 15.81 -5.61 -20.59
CA VAL E 582 16.21 -5.16 -19.27
C VAL E 582 15.06 -5.45 -18.32
N ILE E 583 15.20 -6.52 -17.53
CA ILE E 583 14.12 -6.95 -16.65
C ILE E 583 14.20 -6.20 -15.32
N ASN E 594 11.53 -4.73 -20.77
CA ASN E 594 11.41 -3.71 -21.81
C ASN E 594 12.47 -3.89 -22.89
N ARG E 595 12.38 -3.09 -23.94
CA ARG E 595 13.27 -3.17 -25.09
C ARG E 595 14.31 -2.06 -25.02
N ASN E 596 15.58 -2.42 -25.19
CA ASN E 596 16.67 -1.47 -25.08
C ASN E 596 17.17 -1.12 -26.48
N HIS E 597 17.19 0.19 -26.80
CA HIS E 597 17.67 0.66 -28.09
C HIS E 597 18.56 1.90 -27.91
N ALA E 598 19.27 1.99 -26.78
CA ALA E 598 20.00 3.20 -26.41
C ALA E 598 21.49 2.92 -26.38
N THR E 599 22.26 3.81 -27.00
CA THR E 599 23.71 3.80 -26.84
C THR E 599 24.05 4.56 -25.56
N ILE E 600 24.61 3.85 -24.59
CA ILE E 600 24.86 4.42 -23.27
C ILE E 600 26.28 4.96 -23.26
N ILE E 601 26.40 6.28 -23.07
CA ILE E 601 27.70 6.96 -22.97
C ILE E 601 27.77 7.61 -21.60
N ILE E 602 28.88 7.37 -20.90
CA ILE E 602 29.05 7.84 -19.52
C ILE E 602 30.22 8.81 -19.49
N ASP E 603 29.97 10.03 -19.01
CA ASP E 603 31.04 11.00 -18.82
C ASP E 603 31.88 10.64 -17.61
N THR E 604 33.20 10.79 -17.75
CA THR E 604 34.12 10.52 -16.65
C THR E 604 35.20 11.60 -16.61
N ASN E 605 35.55 12.00 -15.39
CA ASN E 605 36.71 12.86 -15.16
C ASN E 605 37.79 12.18 -14.35
N TYR E 606 37.47 11.08 -13.67
CA TYR E 606 38.42 10.26 -12.95
C TYR E 606 38.34 8.84 -13.47
N LYS E 607 39.40 8.08 -13.23
CA LYS E 607 39.47 6.72 -13.75
C LYS E 607 38.43 5.85 -13.05
N PRO E 608 37.51 5.23 -13.77
CA PRO E 608 36.44 4.46 -13.12
C PRO E 608 36.93 3.12 -12.59
N VAL E 609 36.43 2.75 -11.42
CA VAL E 609 36.76 1.48 -10.79
C VAL E 609 35.46 0.83 -10.33
N PHE E 610 35.47 -0.50 -10.27
CA PHE E 610 34.30 -1.26 -9.89
C PHE E 610 34.69 -2.37 -8.92
N ASP E 611 33.68 -2.87 -8.19
CA ASP E 611 33.93 -3.86 -7.16
C ASP E 611 34.30 -5.21 -7.75
N ARG E 612 33.41 -5.80 -8.54
CA ARG E 612 33.58 -7.15 -9.05
C ARG E 612 34.14 -7.10 -10.46
N ILE E 613 35.27 -7.76 -10.67
CA ILE E 613 35.89 -7.88 -11.98
C ILE E 613 35.64 -9.29 -12.51
N ASP E 614 35.08 -9.39 -13.70
CA ASP E 614 34.70 -10.64 -14.31
C ASP E 614 35.44 -10.81 -15.63
N ASN E 615 35.06 -11.84 -16.37
CA ASN E 615 35.50 -12.00 -17.76
C ASN E 615 34.41 -11.64 -18.77
N ALA E 616 33.17 -11.49 -18.31
CA ALA E 616 32.09 -11.01 -19.16
C ALA E 616 32.04 -9.49 -19.25
N LEU E 617 32.86 -8.79 -18.48
CA LEU E 617 32.95 -7.34 -18.56
C LEU E 617 34.01 -6.85 -19.54
N MET E 618 34.97 -7.71 -19.89
CA MET E 618 35.95 -7.34 -20.92
C MET E 618 35.28 -7.09 -22.26
N ARG E 619 34.17 -7.78 -22.54
CA ARG E 619 33.50 -7.69 -23.82
C ARG E 619 32.39 -6.64 -23.85
N ARG E 620 32.24 -5.87 -22.77
CA ARG E 620 31.12 -4.92 -22.70
C ARG E 620 31.53 -3.56 -22.14
N ILE E 621 32.81 -3.18 -22.22
CA ILE E 621 33.28 -1.90 -21.74
C ILE E 621 34.20 -1.28 -22.78
N ALA E 622 33.91 -0.04 -23.16
CA ALA E 622 34.75 0.72 -24.07
C ALA E 622 34.95 2.13 -23.51
N VAL E 623 36.12 2.70 -23.77
CA VAL E 623 36.48 4.02 -23.28
C VAL E 623 37.03 4.85 -24.42
N VAL E 624 36.60 6.11 -24.50
CA VAL E 624 37.11 7.07 -25.48
C VAL E 624 37.78 8.20 -24.71
N ARG E 625 39.04 8.48 -25.04
CA ARG E 625 39.85 9.44 -24.31
C ARG E 625 39.83 10.79 -25.01
N PHE E 626 39.54 11.85 -24.26
CA PHE E 626 39.58 13.22 -24.74
C PHE E 626 40.82 13.88 -24.16
N ARG E 627 41.76 14.26 -25.04
CA ARG E 627 43.06 14.77 -24.62
C ARG E 627 43.39 16.06 -25.35
N THR E 628 42.44 16.99 -25.39
CA THR E 628 42.65 18.30 -25.97
C THR E 628 41.98 19.33 -25.08
N HIS E 629 42.77 20.21 -24.47
CA HIS E 629 42.27 21.18 -23.51
C HIS E 629 41.78 22.44 -24.21
N PHE E 630 40.64 22.93 -23.77
CA PHE E 630 40.07 24.19 -24.24
C PHE E 630 39.96 25.11 -23.03
N SER E 631 40.87 26.08 -22.92
CA SER E 631 41.00 26.92 -21.74
C SER E 631 40.91 28.39 -22.13
N GLN E 632 40.89 29.24 -21.11
CA GLN E 632 40.90 30.68 -21.27
C GLN E 632 42.28 31.15 -21.72
N PRO E 633 42.37 32.37 -22.27
CA PRO E 633 43.70 32.92 -22.60
C PRO E 633 44.63 32.99 -21.41
N SER E 634 44.12 33.26 -20.21
CA SER E 634 44.94 33.24 -19.02
C SER E 634 45.40 31.83 -18.65
N GLY E 635 44.70 30.81 -19.12
CA GLY E 635 45.04 29.43 -18.85
C GLY E 635 45.99 28.80 -19.85
N ARG E 636 46.56 29.59 -20.76
CA ARG E 636 47.46 29.04 -21.78
C ARG E 636 48.72 28.46 -21.17
N GLU E 637 49.29 29.11 -20.16
CA GLU E 637 50.56 28.69 -19.58
C GLU E 637 50.41 27.60 -18.53
N ALA E 638 49.26 27.54 -17.85
CA ALA E 638 49.06 26.53 -16.81
C ALA E 638 48.55 25.21 -17.36
N ALA E 639 48.20 25.15 -18.64
CA ALA E 639 47.66 23.93 -19.24
C ALA E 639 48.68 23.16 -20.05
N GLU E 640 49.65 23.84 -20.66
CA GLU E 640 50.68 23.14 -21.44
C GLU E 640 51.54 22.26 -20.54
N ASN E 641 51.73 22.67 -19.28
CA ASN E 641 52.52 21.88 -18.34
C ASN E 641 51.75 20.69 -17.78
N ASN E 642 50.43 20.65 -17.94
CA ASN E 642 49.63 19.51 -17.50
C ASN E 642 49.94 18.30 -18.35
N ASP E 643 50.06 17.14 -17.71
CA ASP E 643 50.37 15.90 -18.41
C ASP E 643 49.14 15.21 -18.99
N ALA E 644 47.94 15.70 -18.66
CA ALA E 644 46.70 15.08 -19.12
C ALA E 644 46.13 15.75 -20.37
N TYR E 645 46.74 16.82 -20.86
CA TYR E 645 46.29 17.50 -22.06
C TYR E 645 47.38 17.45 -23.11
N ASP E 646 47.03 16.94 -24.30
CA ASP E 646 47.98 16.86 -25.39
C ASP E 646 47.97 18.08 -26.28
N LYS E 647 46.81 18.73 -26.42
CA LYS E 647 46.70 19.96 -27.21
C LYS E 647 45.93 20.99 -26.40
N VAL E 648 46.32 22.26 -26.56
CA VAL E 648 45.69 23.37 -25.86
C VAL E 648 45.11 24.33 -26.90
N LYS E 649 43.84 24.68 -26.73
CA LYS E 649 43.16 25.57 -27.66
C LYS E 649 42.39 26.62 -26.87
N LEU E 650 42.17 27.77 -27.51
CA LEU E 650 41.50 28.89 -26.86
C LEU E 650 40.01 28.62 -26.77
N LEU E 651 39.44 28.85 -25.58
CA LEU E 651 38.02 28.68 -25.37
C LEU E 651 37.27 29.78 -26.12
N ASP E 652 36.20 29.39 -26.83
CA ASP E 652 35.36 30.34 -27.56
C ASP E 652 34.03 30.47 -26.82
N GLU E 653 33.82 31.62 -26.18
CA GLU E 653 32.59 31.86 -25.45
C GLU E 653 31.40 32.06 -26.37
N GLY E 654 31.63 32.30 -27.66
CA GLY E 654 30.55 32.52 -28.60
C GLY E 654 30.12 31.27 -29.33
N LEU E 655 30.54 30.11 -28.86
CA LEU E 655 30.18 28.84 -29.48
C LEU E 655 29.03 28.13 -28.78
N ASP E 656 28.92 28.24 -27.47
CA ASP E 656 27.85 27.56 -26.75
C ASP E 656 26.48 28.05 -27.18
N GLY E 657 26.33 29.37 -27.34
CA GLY E 657 25.05 29.91 -27.77
C GLY E 657 24.62 29.47 -29.14
N LYS E 658 25.57 29.08 -29.99
CA LYS E 658 25.25 28.61 -31.34
C LYS E 658 24.86 27.14 -31.38
N ILE E 659 24.96 26.43 -30.26
CA ILE E 659 24.56 25.03 -30.23
C ILE E 659 23.09 24.87 -29.91
N GLN E 660 22.61 25.53 -28.84
CA GLN E 660 21.18 25.51 -28.53
C GLN E 660 20.35 26.25 -29.58
N ASN E 661 20.99 27.01 -30.45
CA ASN E 661 20.30 27.68 -31.56
C ASN E 661 20.21 26.78 -32.78
N ASN E 662 20.68 25.53 -32.70
CA ASN E 662 20.61 24.56 -33.79
C ASN E 662 21.34 25.07 -35.03
N ARG E 663 22.44 25.80 -34.85
CA ARG E 663 23.24 26.25 -35.97
C ARG E 663 24.04 25.12 -36.60
N TYR E 664 24.33 24.07 -35.84
CA TYR E 664 25.02 22.88 -36.34
C TYR E 664 24.11 21.66 -36.31
N ARG E 665 22.79 21.88 -36.31
CA ARG E 665 21.85 20.78 -36.12
C ARG E 665 21.92 19.78 -37.27
N PHE E 666 21.95 20.27 -38.51
CA PHE E 666 21.89 19.40 -39.66
C PHE E 666 23.27 19.03 -40.22
N ALA E 667 24.28 19.87 -39.99
CA ALA E 667 25.64 19.48 -40.35
C ALA E 667 26.09 18.28 -39.52
N PHE E 668 25.81 18.31 -38.22
CA PHE E 668 26.12 17.16 -37.36
C PHE E 668 25.29 15.95 -37.75
N LEU E 669 24.03 16.15 -38.16
CA LEU E 669 23.21 15.04 -38.62
C LEU E 669 23.80 14.40 -39.86
N TYR E 670 24.23 15.21 -40.83
CA TYR E 670 24.83 14.66 -42.04
C TYR E 670 26.13 13.93 -41.72
N LEU E 671 26.94 14.50 -40.82
CA LEU E 671 28.17 13.84 -40.42
C LEU E 671 27.89 12.50 -39.74
N LEU E 672 26.87 12.46 -38.88
CA LEU E 672 26.49 11.21 -38.23
C LEU E 672 26.01 10.18 -39.25
N VAL E 673 25.23 10.62 -40.24
CA VAL E 673 24.77 9.70 -41.27
C VAL E 673 25.95 9.14 -42.06
N LYS E 674 26.90 10.01 -42.42
CA LYS E 674 28.09 9.54 -43.15
C LYS E 674 28.88 8.53 -42.34
N TRP E 675 29.08 8.82 -41.05
CA TRP E 675 29.77 7.86 -40.19
C TRP E 675 29.00 6.56 -40.07
N TYR E 676 27.66 6.63 -40.03
CA TYR E 676 26.86 5.41 -40.02
C TYR E 676 27.10 4.58 -41.28
N LYS E 677 27.07 5.22 -42.45
CA LYS E 677 27.38 4.51 -43.68
C LYS E 677 28.76 3.86 -43.61
N LYS E 678 29.74 4.58 -43.05
CA LYS E 678 31.10 4.05 -43.04
C LYS E 678 31.26 2.88 -42.07
N TYR E 679 30.56 2.89 -40.93
CA TYR E 679 30.91 2.00 -39.84
C TYR E 679 29.83 0.99 -39.45
N HIS E 680 28.61 1.09 -39.96
CA HIS E 680 27.54 0.22 -39.47
C HIS E 680 26.80 -0.43 -40.63
N ILE E 681 27.53 -0.77 -41.69
CA ILE E 681 26.98 -1.49 -42.82
C ILE E 681 27.89 -2.67 -43.15
N PRO E 682 27.37 -3.89 -43.24
CA PRO E 682 25.98 -4.30 -43.04
C PRO E 682 25.65 -4.65 -41.59
N ILE E 683 26.65 -4.72 -40.70
CA ILE E 683 26.44 -5.08 -39.31
C ILE E 683 27.11 -4.05 -38.42
N MET E 684 26.67 -4.02 -37.16
CA MET E 684 27.27 -3.17 -36.13
C MET E 684 27.32 -3.95 -34.82
N LYS E 685 28.45 -3.84 -34.12
CA LYS E 685 28.63 -4.60 -32.89
C LYS E 685 29.19 -3.76 -31.75
N LEU E 686 29.90 -2.68 -32.07
CA LEU E 686 30.56 -1.82 -31.08
C LEU E 686 31.57 -2.63 -30.26
N TYR E 687 32.62 -3.05 -30.96
CA TYR E 687 33.66 -3.86 -30.33
C TYR E 687 34.25 -3.15 -29.12
N PRO E 688 34.42 -3.85 -28.00
CA PRO E 688 35.06 -3.24 -26.84
C PRO E 688 36.57 -3.18 -26.98
N THR E 689 37.17 -2.31 -26.18
CA THR E 689 38.62 -2.12 -26.14
C THR E 689 39.07 -2.24 -24.68
N PRO E 690 39.37 -3.46 -24.22
CA PRO E 690 39.74 -3.64 -22.81
C PRO E 690 41.04 -2.94 -22.42
N GLU E 691 41.98 -2.76 -23.35
CA GLU E 691 43.31 -2.29 -22.98
C GLU E 691 43.36 -0.78 -22.81
N GLU E 692 42.44 -0.22 -22.03
CA GLU E 692 42.56 1.16 -21.57
C GLU E 692 42.16 1.37 -20.12
N ILE E 693 41.33 0.51 -19.53
CA ILE E 693 40.94 0.64 -18.13
C ILE E 693 42.08 0.13 -17.26
N PRO E 694 42.51 0.89 -16.24
CA PRO E 694 43.62 0.43 -15.40
C PRO E 694 43.34 -0.88 -14.68
N ASP E 695 42.09 -1.15 -14.30
CA ASP E 695 41.76 -2.39 -13.62
C ASP E 695 41.83 -3.60 -14.53
N PHE E 696 41.70 -3.41 -15.85
CA PHE E 696 41.70 -4.53 -16.78
C PHE E 696 43.09 -5.04 -17.10
N ALA E 697 44.13 -4.26 -16.77
CA ALA E 697 45.49 -4.67 -17.11
C ALA E 697 45.91 -5.93 -16.37
N PHE E 698 45.51 -6.04 -15.09
CA PHE E 698 45.91 -7.20 -14.30
C PHE E 698 45.35 -8.49 -14.88
N TYR E 699 44.07 -8.49 -15.27
CA TYR E 699 43.49 -9.67 -15.89
C TYR E 699 44.02 -9.89 -17.30
N LEU E 700 44.28 -8.81 -18.04
CA LEU E 700 44.84 -8.95 -19.38
C LEU E 700 46.23 -9.55 -19.34
N LYS E 701 47.07 -9.10 -18.40
CA LYS E 701 48.43 -9.61 -18.31
C LYS E 701 48.47 -11.04 -17.79
N ILE E 702 47.55 -11.39 -16.88
CA ILE E 702 47.54 -12.75 -16.33
C ILE E 702 47.18 -13.77 -17.41
N GLY E 703 46.43 -13.36 -18.43
CA GLY E 703 46.12 -14.27 -19.53
C GLY E 703 47.27 -14.51 -20.47
N THR E 704 48.25 -13.61 -20.50
CA THR E 704 49.44 -13.76 -21.33
C THR E 704 50.66 -14.17 -20.52
N LEU E 705 50.49 -14.45 -19.23
CA LEU E 705 51.60 -14.83 -18.35
C LEU E 705 51.43 -16.18 -17.69
N LEU E 706 50.22 -16.73 -17.64
CA LEU E 706 49.96 -18.01 -17.00
C LEU E 706 49.34 -18.99 -17.99
N VAL E 707 49.57 -20.28 -17.76
CA VAL E 707 49.03 -21.32 -18.61
C VAL E 707 48.39 -22.42 -17.78
N ASN F 324 -24.71 19.41 -38.10
CA ASN F 324 -24.72 20.39 -39.17
C ASN F 324 -24.61 21.81 -38.63
N LYS F 325 -25.53 22.16 -37.72
CA LYS F 325 -25.51 23.48 -37.10
C LYS F 325 -24.58 23.53 -35.91
N LEU F 326 -24.64 22.51 -35.04
CA LEU F 326 -23.72 22.43 -33.92
C LEU F 326 -22.28 22.15 -34.37
N PHE F 327 -22.08 21.74 -35.62
CA PHE F 327 -20.73 21.63 -36.15
C PHE F 327 -20.24 22.97 -36.68
N ASN F 328 -21.12 23.72 -37.33
CA ASN F 328 -20.76 25.07 -37.77
C ASN F 328 -20.45 25.98 -36.59
N ILE F 329 -21.22 25.85 -35.50
CA ILE F 329 -20.97 26.64 -34.31
C ILE F 329 -19.59 26.34 -33.75
N ALA F 330 -19.24 25.05 -33.66
CA ALA F 330 -17.92 24.68 -33.17
C ALA F 330 -16.82 25.18 -34.10
N GLN F 331 -17.06 25.09 -35.41
CA GLN F 331 -16.09 25.59 -36.38
C GLN F 331 -15.81 27.07 -36.16
N ARG F 332 -16.85 27.89 -36.12
CA ARG F 332 -16.62 29.33 -35.98
C ARG F 332 -16.23 29.73 -34.56
N ILE F 333 -16.44 28.86 -33.57
CA ILE F 333 -15.84 29.11 -32.26
C ILE F 333 -14.34 28.88 -32.32
N LEU F 334 -13.90 27.84 -33.04
CA LEU F 334 -12.47 27.61 -33.20
C LEU F 334 -11.82 28.62 -34.13
N ASP F 335 -12.59 29.29 -34.99
CA ASP F 335 -12.04 30.37 -35.79
C ASP F 335 -11.62 31.57 -34.95
N THR F 336 -12.14 31.69 -33.73
CA THR F 336 -11.75 32.77 -32.83
C THR F 336 -10.54 32.42 -31.98
N ASN F 337 -10.06 31.17 -32.05
CA ASN F 337 -8.86 30.74 -31.35
C ASN F 337 -8.95 31.02 -29.85
N SER F 338 -10.04 30.58 -29.24
CA SER F 338 -10.25 30.77 -27.81
C SER F 338 -9.89 29.54 -26.98
N VAL F 339 -9.80 28.36 -27.60
CA VAL F 339 -9.45 27.13 -26.91
C VAL F 339 -8.30 26.45 -27.65
N LEU F 340 -7.29 26.03 -26.91
CA LEU F 340 -6.10 25.41 -27.47
C LEU F 340 -5.77 24.14 -26.70
N LEU F 341 -5.07 23.23 -27.36
CA LEU F 341 -4.65 21.97 -26.77
C LEU F 341 -3.17 22.02 -26.42
N THR F 342 -2.82 21.56 -25.22
CA THR F 342 -1.45 21.56 -24.74
C THR F 342 -0.91 20.14 -24.71
N GLU F 343 0.41 20.04 -24.82
CA GLU F 343 1.07 18.73 -24.85
C GLU F 343 0.90 17.95 -23.56
N ARG F 344 0.57 18.63 -22.46
CA ARG F 344 0.38 17.93 -21.19
C ARG F 344 -0.80 16.96 -21.26
N GLY F 345 -1.78 17.26 -22.11
CA GLY F 345 -2.94 16.39 -22.26
C GLY F 345 -4.23 17.08 -21.86
N ASP F 346 -4.18 18.40 -21.71
CA ASP F 346 -5.34 19.18 -21.30
C ASP F 346 -5.47 20.42 -22.17
N HIS F 347 -6.66 21.01 -22.15
CA HIS F 347 -6.99 22.16 -22.96
C HIS F 347 -6.90 23.44 -22.14
N ILE F 348 -6.52 24.53 -22.80
CA ILE F 348 -6.50 25.85 -22.20
C ILE F 348 -7.57 26.71 -22.88
N VAL F 349 -8.34 27.43 -22.08
CA VAL F 349 -9.49 28.19 -22.55
C VAL F 349 -9.28 29.66 -22.21
N TRP F 350 -9.71 30.53 -23.11
CA TRP F 350 -9.54 31.98 -22.95
C TRP F 350 -10.86 32.58 -22.51
N ILE F 351 -11.08 32.63 -21.21
CA ILE F 351 -12.26 33.22 -20.61
C ILE F 351 -11.82 34.27 -19.61
N ASN F 352 -12.57 35.39 -19.57
CA ASN F 352 -12.31 36.47 -18.61
C ASN F 352 -10.88 36.99 -18.72
N ASN F 353 -10.39 37.08 -19.96
CA ASN F 353 -9.06 37.63 -20.25
C ASN F 353 -7.97 36.87 -19.49
N SER F 354 -8.04 35.54 -19.54
CA SER F 354 -7.03 34.71 -18.89
C SER F 354 -7.08 33.31 -19.48
N TRP F 355 -5.92 32.68 -19.57
CA TRP F 355 -5.80 31.30 -20.05
C TRP F 355 -5.89 30.37 -18.85
N LYS F 356 -6.99 29.64 -18.74
CA LYS F 356 -7.23 28.76 -17.61
C LYS F 356 -7.05 27.31 -18.01
N PHE F 357 -6.53 26.50 -17.08
CA PHE F 357 -6.39 25.07 -17.30
C PHE F 357 -7.74 24.38 -17.09
N ASN F 358 -8.08 23.48 -18.01
CA ASN F 358 -9.34 22.75 -18.00
C ASN F 358 -9.03 21.31 -17.59
N SER F 359 -9.03 21.06 -16.28
CA SER F 359 -8.75 19.72 -15.75
C SER F 359 -9.74 19.25 -14.69
N GLU F 360 -10.44 20.15 -14.02
CA GLU F 360 -11.42 19.77 -13.00
C GLU F 360 -12.78 20.37 -13.24
N GLU F 361 -12.86 21.61 -13.71
CA GLU F 361 -14.12 22.26 -14.03
C GLU F 361 -14.29 22.36 -15.55
N PRO F 362 -15.47 22.03 -16.07
CA PRO F 362 -15.66 22.11 -17.52
C PRO F 362 -15.68 23.55 -18.00
N LEU F 363 -14.59 23.97 -18.64
CA LEU F 363 -14.44 25.35 -19.07
C LEU F 363 -14.73 25.57 -20.55
N ILE F 364 -14.80 24.49 -21.34
CA ILE F 364 -15.13 24.65 -22.75
C ILE F 364 -16.60 25.04 -22.91
N THR F 365 -17.48 24.45 -22.11
CA THR F 365 -18.89 24.84 -22.14
C THR F 365 -19.10 26.23 -21.56
N LYS F 366 -18.32 26.59 -20.54
CA LYS F 366 -18.37 27.95 -20.00
C LYS F 366 -17.95 28.97 -21.04
N LEU F 367 -17.03 28.60 -21.94
CA LEU F 367 -16.66 29.46 -23.05
C LEU F 367 -17.73 29.46 -24.14
N ILE F 368 -18.34 28.31 -24.40
CA ILE F 368 -19.38 28.22 -25.41
C ILE F 368 -20.55 29.12 -25.06
N LEU F 369 -20.94 29.13 -23.78
CA LEU F 369 -22.02 30.01 -23.36
C LEU F 369 -21.61 31.48 -23.41
N SER F 370 -20.31 31.76 -23.22
CA SER F 370 -19.85 33.15 -23.25
C SER F 370 -19.84 33.72 -24.65
N ILE F 371 -19.34 32.96 -25.63
CA ILE F 371 -19.22 33.45 -27.00
C ILE F 371 -20.56 33.56 -27.71
N ARG F 372 -21.64 33.09 -27.10
CA ARG F 372 -22.93 33.06 -27.77
C ARG F 372 -23.40 34.44 -28.21
N HIS F 373 -22.89 35.50 -27.59
CA HIS F 373 -23.18 36.86 -28.03
C HIS F 373 -22.33 37.31 -29.21
N GLN F 374 -21.13 36.76 -29.35
CA GLN F 374 -20.27 37.00 -30.50
C GLN F 374 -20.63 36.13 -31.69
N LEU F 375 -21.85 35.61 -31.71
CA LEU F 375 -22.30 34.62 -32.68
C LEU F 375 -23.60 35.11 -33.32
N PRO F 376 -23.90 34.66 -34.54
CA PRO F 376 -25.17 35.05 -35.17
C PRO F 376 -26.37 34.69 -34.31
N LYS F 377 -27.47 35.39 -34.55
CA LYS F 377 -28.68 35.18 -33.76
C LYS F 377 -29.20 33.75 -33.94
N GLU F 378 -29.15 33.24 -35.17
CA GLU F 378 -29.60 31.88 -35.44
C GLU F 378 -28.80 30.85 -34.67
N TYR F 379 -27.53 31.13 -34.38
CA TYR F 379 -26.67 30.22 -33.64
C TYR F 379 -26.64 30.51 -32.15
N SER F 380 -27.32 31.56 -31.69
CA SER F 380 -27.26 31.95 -30.28
C SER F 380 -28.31 31.27 -29.43
N SER F 381 -29.47 30.93 -30.00
CA SER F 381 -30.52 30.27 -29.25
C SER F 381 -30.23 28.79 -29.01
N GLU F 382 -29.34 28.19 -29.79
CA GLU F 382 -29.00 26.78 -29.62
C GLU F 382 -28.01 26.54 -28.50
N LEU F 383 -27.35 27.58 -28.00
CA LEU F 383 -26.36 27.44 -26.94
C LEU F 383 -26.96 27.64 -25.55
N LEU F 384 -28.28 27.81 -25.46
CA LEU F 384 -28.94 27.92 -24.17
C LEU F 384 -29.24 26.57 -23.55
N CYS F 385 -29.07 25.47 -24.30
CA CYS F 385 -29.32 24.11 -23.83
C CYS F 385 -28.01 23.44 -23.45
N PRO F 386 -27.89 22.89 -22.24
CA PRO F 386 -26.62 22.24 -21.85
C PRO F 386 -26.22 21.07 -22.73
N ARG F 387 -27.18 20.30 -23.24
CA ARG F 387 -26.85 19.16 -24.08
C ARG F 387 -26.24 19.59 -25.41
N LYS F 388 -26.80 20.64 -26.02
CA LYS F 388 -26.21 21.15 -27.26
C LYS F 388 -24.83 21.75 -27.02
N ARG F 389 -24.64 22.38 -25.86
CA ARG F 389 -23.31 22.88 -25.52
C ARG F 389 -22.32 21.74 -25.34
N LYS F 390 -22.76 20.63 -24.77
CA LYS F 390 -21.89 19.46 -24.65
C LYS F 390 -21.58 18.87 -26.02
N THR F 391 -22.54 18.87 -26.93
CA THR F 391 -22.28 18.41 -28.29
C THR F 391 -21.26 19.29 -28.98
N VAL F 392 -21.39 20.62 -28.84
CA VAL F 392 -20.43 21.54 -29.41
C VAL F 392 -19.05 21.33 -28.80
N GLU F 393 -19.00 21.07 -27.49
CA GLU F 393 -17.73 20.80 -26.83
C GLU F 393 -17.09 19.54 -27.38
N ALA F 394 -17.88 18.50 -27.62
CA ALA F 394 -17.34 17.27 -28.21
C ALA F 394 -16.80 17.52 -29.61
N ASN F 395 -17.53 18.31 -30.41
CA ASN F 395 -17.06 18.65 -31.74
C ASN F 395 -15.73 19.40 -31.68
N ILE F 396 -15.63 20.37 -30.77
CA ILE F 396 -14.40 21.15 -30.63
C ILE F 396 -13.25 20.25 -30.18
N ARG F 397 -13.51 19.37 -29.22
CA ARG F 397 -12.47 18.46 -28.74
C ARG F 397 -11.99 17.54 -29.84
N ASP F 398 -12.88 17.14 -30.75
CA ASP F 398 -12.48 16.31 -31.88
C ASP F 398 -11.71 17.10 -32.92
N MET F 399 -12.04 18.38 -33.11
CA MET F 399 -11.32 19.19 -34.09
C MET F 399 -9.90 19.49 -33.65
N LEU F 400 -9.67 19.65 -32.35
CA LEU F 400 -8.36 20.02 -31.83
C LEU F 400 -7.45 18.80 -31.87
N VAL F 401 -6.57 18.74 -32.86
CA VAL F 401 -5.67 17.62 -33.02
C VAL F 401 -4.19 18.01 -32.84
N ASP F 402 -3.84 19.28 -33.03
CA ASP F 402 -2.46 19.73 -32.95
C ASP F 402 -2.25 20.50 -31.65
N SER F 403 -1.25 20.07 -30.87
CA SER F 403 -0.93 20.75 -29.63
C SER F 403 -0.11 22.01 -29.90
N VAL F 404 -0.04 22.88 -28.90
CA VAL F 404 0.71 24.12 -29.00
C VAL F 404 1.56 24.29 -27.74
N GLU F 405 2.79 24.74 -27.93
CA GLU F 405 3.69 24.99 -26.81
C GLU F 405 3.23 26.23 -26.05
N THR F 406 3.10 26.11 -24.74
CA THR F 406 2.59 27.19 -23.90
C THR F 406 3.69 27.74 -23.00
N ASP F 407 3.62 29.05 -22.75
CA ASP F 407 4.56 29.75 -21.86
C ASP F 407 6.00 29.58 -22.34
N THR F 408 6.26 30.10 -23.54
CA THR F 408 7.59 30.04 -24.14
C THR F 408 8.30 31.39 -24.17
N TYR F 409 7.57 32.49 -24.18
CA TYR F 409 8.19 33.81 -24.26
C TYR F 409 8.66 34.23 -22.87
N PRO F 410 9.95 34.51 -22.69
CA PRO F 410 10.45 34.82 -21.34
C PRO F 410 10.33 36.28 -20.96
N ASP F 411 10.24 37.17 -21.95
CA ASP F 411 10.23 38.60 -21.70
C ASP F 411 8.83 39.14 -21.43
N LYS F 412 8.10 38.47 -20.54
CA LYS F 412 6.75 38.88 -20.17
C LYS F 412 6.50 38.44 -18.74
N LEU F 413 5.81 39.28 -17.97
CA LEU F 413 5.40 38.92 -16.61
C LEU F 413 3.90 39.14 -16.50
N PRO F 414 3.10 38.11 -16.27
CA PRO F 414 1.65 38.22 -16.44
C PRO F 414 0.95 38.79 -15.21
N PHE F 415 -0.18 39.43 -15.48
CA PHE F 415 -1.11 39.90 -14.46
C PHE F 415 -2.43 39.15 -14.62
N LYS F 416 -3.36 39.39 -13.68
CA LYS F 416 -4.68 38.80 -13.76
C LYS F 416 -5.65 39.64 -14.58
N ASN F 417 -5.25 40.84 -15.00
CA ASN F 417 -6.05 41.66 -15.90
C ASN F 417 -5.31 42.00 -17.17
N GLY F 418 -4.32 41.19 -17.56
CA GLY F 418 -3.54 41.42 -18.76
C GLY F 418 -2.12 40.99 -18.54
N VAL F 419 -1.23 41.43 -19.44
CA VAL F 419 0.19 41.13 -19.34
C VAL F 419 0.97 42.41 -19.57
N LEU F 420 2.17 42.46 -19.00
CA LEU F 420 3.05 43.62 -19.08
C LEU F 420 4.34 43.25 -19.79
N ASP F 421 4.71 44.03 -20.79
CA ASP F 421 5.97 43.82 -21.50
C ASP F 421 7.13 44.30 -20.65
N LEU F 422 8.26 43.61 -20.76
CA LEU F 422 9.45 43.94 -19.99
C LEU F 422 10.56 44.56 -20.82
N VAL F 423 10.69 44.21 -22.09
CA VAL F 423 11.69 44.86 -22.95
C VAL F 423 11.40 46.34 -23.06
N ASP F 424 10.14 46.68 -23.33
CA ASP F 424 9.64 48.04 -23.26
C ASP F 424 8.62 48.14 -22.13
N GLY F 425 8.03 49.33 -21.98
CA GLY F 425 6.99 49.47 -20.98
C GLY F 425 5.65 49.95 -21.53
N MET F 426 4.66 49.07 -21.53
CA MET F 426 3.26 49.39 -21.80
C MET F 426 2.44 48.14 -21.56
N PHE F 427 1.31 48.30 -20.87
CA PHE F 427 0.54 47.18 -20.35
C PHE F 427 -0.47 46.70 -21.39
N TYR F 428 -0.40 45.42 -21.74
CA TYR F 428 -1.35 44.80 -22.67
C TYR F 428 -2.59 44.39 -21.89
N SER F 429 -3.65 45.19 -22.00
CA SER F 429 -4.88 44.98 -21.23
C SER F 429 -5.96 44.42 -22.14
N GLY F 430 -6.48 43.26 -21.80
CA GLY F 430 -7.64 42.71 -22.48
C GLY F 430 -7.25 41.74 -23.58
N ASP F 431 -7.81 41.97 -24.78
CA ASP F 431 -7.67 41.00 -25.87
C ASP F 431 -6.22 40.84 -26.31
N ASP F 432 -5.47 41.95 -26.38
CA ASP F 432 -4.10 41.91 -26.89
C ASP F 432 -3.13 41.16 -25.98
N ALA F 433 -3.58 40.66 -24.84
CA ALA F 433 -2.74 39.89 -23.94
C ALA F 433 -2.83 38.38 -24.17
N LYS F 434 -3.70 37.94 -25.08
CA LYS F 434 -3.86 36.51 -25.32
C LYS F 434 -2.84 35.93 -26.28
N LYS F 435 -2.10 36.78 -27.00
CA LYS F 435 -1.07 36.28 -27.89
C LYS F 435 0.05 35.58 -27.14
N TYR F 436 0.19 35.84 -25.85
CA TYR F 436 1.18 35.22 -24.99
C TYR F 436 0.46 34.23 -24.09
N THR F 437 0.71 32.94 -24.29
CA THR F 437 0.01 31.89 -23.56
C THR F 437 0.58 31.79 -22.15
N CYS F 438 0.20 32.75 -21.32
CA CYS F 438 0.58 32.78 -19.92
C CYS F 438 -0.52 32.14 -19.10
N THR F 439 -0.25 30.95 -18.58
CA THR F 439 -1.22 30.22 -17.76
C THR F 439 -1.03 30.48 -16.28
N VAL F 440 -0.03 31.26 -15.90
CA VAL F 440 0.23 31.63 -14.51
C VAL F 440 0.28 33.14 -14.41
N SER F 441 -0.03 33.67 -13.23
CA SER F 441 -0.11 35.10 -13.04
C SER F 441 0.34 35.45 -11.62
N THR F 442 0.25 36.74 -11.29
CA THR F 442 0.64 37.24 -9.98
C THR F 442 -0.54 37.22 -9.00
N GLY F 443 -1.66 37.84 -9.38
CA GLY F 443 -2.83 37.88 -8.53
C GLY F 443 -3.40 39.27 -8.33
N PHE F 444 -2.93 40.23 -9.12
CA PHE F 444 -3.43 41.60 -9.04
C PHE F 444 -3.35 42.23 -10.42
N LYS F 445 -3.95 43.40 -10.55
CA LYS F 445 -3.99 44.11 -11.82
C LYS F 445 -2.97 45.25 -11.84
N PHE F 446 -2.64 45.69 -13.05
CA PHE F 446 -1.78 46.84 -13.25
C PHE F 446 -2.51 48.13 -12.90
N LYS F 450 -1.62 53.77 -9.50
CA LYS F 450 -0.78 53.00 -8.60
C LYS F 450 0.65 52.91 -9.13
N PHE F 451 0.78 52.71 -10.45
CA PHE F 451 2.09 52.63 -11.10
C PHE F 451 2.60 54.03 -11.43
N VAL F 452 2.72 54.85 -10.40
CA VAL F 452 3.05 56.25 -10.55
C VAL F 452 4.49 56.50 -10.13
N GLU F 453 5.07 57.58 -10.63
CA GLU F 453 6.40 58.02 -10.27
C GLU F 453 6.38 59.22 -9.32
N ASP F 454 5.35 59.34 -8.50
CA ASP F 454 5.22 60.45 -7.57
C ASP F 454 4.71 59.90 -6.24
N SER F 455 4.30 60.80 -5.34
CA SER F 455 3.82 60.48 -3.99
C SER F 455 4.99 59.98 -3.13
N PRO F 456 4.93 60.11 -1.80
CA PRO F 456 6.10 59.75 -0.98
C PRO F 456 6.45 58.27 -1.00
N GLU F 457 5.67 57.43 -1.69
CA GLU F 457 5.89 56.00 -1.65
C GLU F 457 7.26 55.61 -2.21
N MET F 458 7.59 56.10 -3.42
CA MET F 458 8.83 55.62 -4.03
C MET F 458 10.05 56.21 -3.33
N GLU F 459 9.93 57.43 -2.79
CA GLU F 459 11.04 58.02 -2.05
C GLU F 459 11.29 57.29 -0.74
N GLU F 460 10.23 56.96 -0.01
CA GLU F 460 10.40 56.17 1.20
C GLU F 460 10.92 54.78 0.89
N LEU F 461 10.50 54.18 -0.24
CA LEU F 461 11.06 52.90 -0.65
C LEU F 461 12.55 53.04 -0.97
N MET F 462 12.93 54.14 -1.62
CA MET F 462 14.34 54.38 -1.89
C MET F 462 15.14 54.48 -0.60
N ASN F 463 14.58 55.14 0.41
CA ASN F 463 15.23 55.16 1.72
C ASN F 463 15.33 53.75 2.31
N ILE F 464 14.25 52.98 2.21
CA ILE F 464 14.18 51.64 2.80
C ILE F 464 15.18 50.70 2.13
N ILE F 465 15.52 50.95 0.88
CA ILE F 465 16.51 50.10 0.21
C ILE F 465 17.92 50.66 0.39
N ASN F 466 18.08 51.98 0.43
CA ASN F 466 19.40 52.57 0.56
C ASN F 466 19.98 52.33 1.95
N ASP F 467 19.15 52.32 3.00
CA ASP F 467 19.67 51.98 4.31
C ASP F 467 20.00 50.50 4.42
N ILE F 468 19.25 49.65 3.71
CA ILE F 468 19.57 48.23 3.66
C ILE F 468 20.86 48.00 2.88
N GLN F 469 20.99 48.64 1.73
CA GLN F 469 22.20 48.54 0.90
C GLN F 469 22.71 49.95 0.62
N PRO F 470 23.84 50.36 1.22
CA PRO F 470 24.40 51.70 1.00
C PRO F 470 25.22 51.79 -0.28
N LYS F 477 30.50 47.08 -6.10
CA LYS F 477 29.96 46.14 -7.08
C LYS F 477 28.82 45.32 -6.50
N ASN F 478 28.77 45.23 -5.17
CA ASN F 478 27.72 44.48 -4.51
C ASN F 478 26.34 45.07 -4.80
N ARG F 479 26.28 46.36 -5.16
CA ARG F 479 25.03 46.94 -5.63
C ARG F 479 24.57 46.26 -6.92
N GLU F 480 25.45 46.18 -7.91
CA GLU F 480 25.05 45.66 -9.22
C GLU F 480 24.56 44.22 -9.12
N LEU F 481 25.25 43.38 -8.36
CA LEU F 481 24.84 41.99 -8.22
C LEU F 481 23.51 41.86 -7.50
N TYR F 482 23.24 42.73 -6.53
CA TYR F 482 22.00 42.65 -5.77
C TYR F 482 20.79 42.92 -6.64
N GLU F 483 20.83 43.98 -7.45
CA GLU F 483 19.64 44.37 -8.20
C GLU F 483 19.38 43.43 -9.36
N LYS F 484 20.44 43.01 -10.07
CA LYS F 484 20.25 42.12 -11.21
C LYS F 484 19.77 40.73 -10.79
N THR F 485 19.96 40.34 -9.52
CA THR F 485 19.41 39.08 -9.04
C THR F 485 17.90 39.18 -8.83
N LEU F 486 17.43 40.30 -8.28
CA LEU F 486 16.00 40.45 -8.04
C LEU F 486 15.22 40.70 -9.32
N SER F 487 15.81 41.43 -10.27
CA SER F 487 15.14 41.66 -11.55
C SER F 487 15.07 40.39 -12.38
N SER F 488 15.96 39.43 -12.12
CA SER F 488 15.89 38.14 -12.79
C SER F 488 14.69 37.32 -12.36
N CYS F 489 13.98 37.73 -11.31
CA CYS F 489 12.75 37.09 -10.88
C CYS F 489 11.55 37.54 -11.70
N LEU F 490 11.79 38.13 -12.87
CA LEU F 490 10.73 38.61 -13.76
C LEU F 490 10.72 37.89 -15.10
N CYS F 491 11.89 37.63 -15.67
CA CYS F 491 11.97 36.93 -16.95
C CYS F 491 11.49 35.49 -16.81
N GLY F 492 10.94 34.97 -17.90
CA GLY F 492 10.43 33.62 -17.91
C GLY F 492 11.43 32.61 -18.42
N ALA F 493 12.71 32.99 -18.44
CA ALA F 493 13.76 32.10 -18.92
C ALA F 493 14.11 31.07 -17.83
N THR F 494 15.11 30.25 -18.12
CA THR F 494 15.59 29.24 -17.19
C THR F 494 16.83 29.74 -16.49
N LYS F 495 16.89 29.55 -15.17
CA LYS F 495 18.00 30.02 -14.36
C LYS F 495 18.91 28.85 -14.02
N GLY F 496 20.17 28.96 -14.44
CA GLY F 496 21.13 27.89 -14.21
C GLY F 496 22.11 28.16 -13.08
N CYS F 497 21.82 29.15 -12.25
CA CYS F 497 22.70 29.54 -11.16
C CYS F 497 21.91 29.64 -9.87
N LEU F 498 22.59 29.33 -8.75
CA LEU F 498 21.99 29.33 -7.42
C LEU F 498 22.62 30.47 -6.61
N THR F 499 21.88 31.55 -6.43
CA THR F 499 22.39 32.70 -5.70
C THR F 499 22.11 32.56 -4.21
N PHE F 500 22.99 33.15 -3.39
CA PHE F 500 22.94 33.06 -1.94
C PHE F 500 22.89 34.45 -1.34
N PHE F 501 22.00 34.66 -0.39
CA PHE F 501 21.92 35.90 0.37
C PHE F 501 22.60 35.68 1.72
N PHE F 502 23.67 36.42 1.97
CA PHE F 502 24.52 36.22 3.15
C PHE F 502 24.27 37.36 4.12
N GLY F 503 23.49 37.10 5.18
CA GLY F 503 23.26 38.07 6.21
C GLY F 503 23.38 37.42 7.58
N GLU F 504 23.57 38.27 8.60
CA GLU F 504 23.75 37.78 9.96
C GLU F 504 22.44 37.74 10.72
N THR F 505 21.79 38.89 10.91
CA THR F 505 20.50 39.01 11.58
C THR F 505 20.01 40.44 11.45
N ALA F 506 18.69 40.59 11.31
CA ALA F 506 18.05 41.89 11.19
C ALA F 506 18.71 42.75 10.13
N THR F 507 19.18 42.12 9.05
CA THR F 507 19.97 42.79 8.03
C THR F 507 19.16 43.24 6.84
N GLY F 508 18.04 42.59 6.56
CA GLY F 508 17.23 42.97 5.42
C GLY F 508 16.94 41.83 4.46
N LYS F 509 16.99 40.60 4.96
CA LYS F 509 16.71 39.42 4.13
C LYS F 509 15.22 39.09 4.13
N SER F 510 14.59 38.98 5.31
CA SER F 510 13.19 38.65 5.38
C SER F 510 12.32 39.76 4.80
N THR F 511 12.69 41.02 5.05
CA THR F 511 11.92 42.12 4.46
C THR F 511 12.08 42.17 2.95
N THR F 512 13.27 41.83 2.43
CA THR F 512 13.44 41.74 0.99
C THR F 512 12.58 40.61 0.41
N LYS F 513 12.51 39.47 1.10
CA LYS F 513 11.64 38.39 0.67
C LYS F 513 10.18 38.82 0.66
N ARG F 514 9.75 39.55 1.70
CA ARG F 514 8.38 40.03 1.75
C ARG F 514 8.10 41.03 0.64
N LEU F 515 9.07 41.90 0.35
CA LEU F 515 8.92 42.85 -0.75
C LEU F 515 8.78 42.12 -2.08
N LEU F 516 9.60 41.09 -2.31
CA LEU F 516 9.47 40.29 -3.52
C LEU F 516 8.11 39.62 -3.61
N LYS F 517 7.64 39.06 -2.48
CA LYS F 517 6.34 38.39 -2.46
C LYS F 517 5.23 39.37 -2.82
N SER F 518 5.28 40.57 -2.26
CA SER F 518 4.28 41.58 -2.59
C SER F 518 4.40 42.04 -4.04
N ALA F 519 5.63 42.06 -4.57
CA ALA F 519 5.84 42.56 -5.93
C ALA F 519 5.36 41.58 -7.00
N ILE F 520 5.63 40.29 -6.84
CA ILE F 520 5.32 39.30 -7.87
C ILE F 520 4.18 38.39 -7.48
N GLY F 521 3.65 38.52 -6.27
CA GLY F 521 2.44 37.79 -5.92
C GLY F 521 2.63 36.28 -5.93
N ASP F 522 1.76 35.59 -6.67
CA ASP F 522 1.74 34.13 -6.69
C ASP F 522 3.02 33.54 -7.25
N LEU F 523 3.74 34.27 -8.09
CA LEU F 523 4.97 33.75 -8.68
C LEU F 523 6.10 33.57 -7.66
N PHE F 524 5.82 33.80 -6.38
CA PHE F 524 6.79 33.67 -5.30
C PHE F 524 6.42 32.47 -4.44
N VAL F 525 7.40 31.61 -4.16
CA VAL F 525 7.18 30.40 -3.39
C VAL F 525 8.24 30.32 -2.29
N GLU F 526 7.80 29.95 -1.08
CA GLU F 526 8.69 29.76 0.06
C GLU F 526 8.76 28.28 0.42
N THR F 527 9.95 27.80 0.72
CA THR F 527 10.15 26.39 1.07
C THR F 527 11.42 26.28 1.90
N GLY F 528 11.34 25.51 2.98
CA GLY F 528 12.48 25.39 3.89
C GLY F 528 12.93 23.97 4.17
N GLN F 529 14.21 23.71 3.90
CA GLN F 529 14.87 22.45 4.25
C GLN F 529 14.21 21.24 3.59
N THR F 530 13.57 21.46 2.43
CA THR F 530 12.96 20.36 1.67
C THR F 530 13.62 20.16 0.32
N ILE F 531 13.70 21.21 -0.50
CA ILE F 531 14.29 21.06 -1.83
C ILE F 531 15.79 20.86 -1.74
N LEU F 532 16.47 21.66 -0.91
CA LEU F 532 17.93 21.58 -0.81
C LEU F 532 18.37 20.27 -0.18
N THR F 533 17.76 19.91 0.95
CA THR F 533 18.14 18.69 1.66
C THR F 533 17.53 17.46 1.02
N PHE F 543 7.44 19.03 -3.55
CA PHE F 543 7.16 20.39 -4.00
C PHE F 543 7.41 20.54 -5.50
N ILE F 544 7.37 19.41 -6.22
CA ILE F 544 7.54 19.43 -7.67
C ILE F 544 6.41 20.23 -8.32
N ALA F 545 5.17 20.02 -7.85
CA ALA F 545 4.05 20.80 -8.37
C ALA F 545 4.20 22.28 -8.05
N ASN F 546 4.64 22.60 -6.83
CA ASN F 546 4.82 24.00 -6.44
C ASN F 546 6.21 24.51 -6.83
N MET F 547 6.58 24.24 -8.08
CA MET F 547 7.77 24.81 -8.68
C MET F 547 7.57 25.13 -10.15
N HIS F 548 6.36 24.97 -10.68
CA HIS F 548 6.10 24.98 -12.11
C HIS F 548 5.65 26.38 -12.53
N LEU F 549 6.41 27.00 -13.43
CA LEU F 549 6.17 28.33 -13.99
C LEU F 549 6.39 29.46 -13.01
N LYS F 550 6.73 29.18 -11.75
CA LYS F 550 6.99 30.24 -10.80
C LYS F 550 8.29 30.95 -11.15
N ARG F 551 8.23 32.29 -11.19
CA ARG F 551 9.39 33.08 -11.57
C ARG F 551 10.42 33.21 -10.46
N SER F 552 10.10 32.79 -9.24
CA SER F 552 11.05 32.87 -8.14
C SER F 552 10.67 31.85 -7.07
N VAL F 553 11.69 31.25 -6.46
CA VAL F 553 11.52 30.29 -5.38
C VAL F 553 12.49 30.65 -4.27
N PHE F 554 11.99 30.72 -3.04
CA PHE F 554 12.77 31.16 -1.90
C PHE F 554 13.00 30.01 -0.93
N CYS F 555 14.24 29.89 -0.46
CA CYS F 555 14.60 28.92 0.56
C CYS F 555 15.31 29.64 1.70
N SER F 556 14.99 29.19 2.91
CA SER F 556 15.46 30.00 4.04
C SER F 556 16.27 29.24 5.09
N GLU F 557 16.91 30.00 5.96
CA GLU F 557 17.70 29.47 7.09
C GLU F 557 18.41 28.16 6.83
N LEU F 558 19.08 28.03 5.70
CA LEU F 558 19.87 26.80 5.52
C LEU F 558 20.26 26.34 6.93
N PRO F 559 19.72 25.22 7.43
CA PRO F 559 20.01 24.71 8.76
C PRO F 559 21.42 25.05 9.24
N LYS F 568 24.36 18.28 4.56
CA LYS F 568 25.01 19.29 3.73
C LYS F 568 24.01 20.00 2.83
N ILE F 569 24.52 20.62 1.77
CA ILE F 569 23.65 21.33 0.83
C ILE F 569 23.23 20.48 -0.35
N ARG F 570 23.74 19.25 -0.46
CA ARG F 570 23.31 18.28 -1.46
C ARG F 570 23.52 18.83 -2.88
N SER F 571 24.80 18.95 -3.23
CA SER F 571 25.18 19.52 -4.53
C SER F 571 24.53 18.77 -5.69
N ASP F 572 24.21 17.49 -5.51
CA ASP F 572 23.46 16.77 -6.54
C ASP F 572 22.09 17.41 -6.78
N ASN F 573 21.43 17.84 -5.71
CA ASN F 573 20.19 18.60 -5.87
C ASN F 573 20.44 19.95 -6.51
N ILE F 574 21.59 20.58 -6.21
CA ILE F 574 21.92 21.86 -6.83
C ILE F 574 22.01 21.70 -8.35
N LYS F 575 22.66 20.64 -8.81
CA LYS F 575 22.79 20.42 -10.25
C LYS F 575 21.44 20.17 -10.90
N LYS F 576 20.49 19.60 -10.17
CA LYS F 576 19.19 19.28 -10.75
C LYS F 576 18.39 20.54 -11.09
N LEU F 577 18.41 21.53 -10.19
CA LEU F 577 17.62 22.74 -10.40
C LEU F 577 18.14 23.60 -11.54
N THR F 578 19.33 23.33 -12.06
CA THR F 578 19.86 24.13 -13.17
C THR F 578 19.17 23.76 -14.48
N GLU F 579 18.87 22.48 -14.68
CA GLU F 579 18.29 22.05 -15.93
C GLU F 579 16.87 22.58 -16.08
N PRO F 580 16.45 22.96 -17.29
CA PRO F 580 15.08 23.46 -17.47
C PRO F 580 14.02 22.43 -17.14
N CYS F 581 14.29 21.15 -17.37
CA CYS F 581 13.34 20.07 -17.11
C CYS F 581 13.88 19.18 -16.01
N VAL F 582 13.04 18.86 -15.04
CA VAL F 582 13.41 17.99 -13.93
C VAL F 582 12.55 16.73 -13.92
N ASN F 594 7.67 19.25 -15.47
CA ASN F 594 7.71 20.63 -14.99
C ASN F 594 8.88 21.39 -15.60
N ARG F 595 8.78 22.71 -15.62
CA ARG F 595 9.80 23.57 -16.21
C ARG F 595 10.31 24.56 -15.18
N ASN F 596 11.61 24.79 -15.18
CA ASN F 596 12.24 25.69 -14.22
C ASN F 596 12.30 27.10 -14.79
N HIS F 597 11.63 28.03 -14.11
CA HIS F 597 11.61 29.43 -14.53
C HIS F 597 11.96 30.35 -13.36
N ALA F 598 12.49 29.81 -12.27
CA ALA F 598 12.61 30.53 -11.00
C ALA F 598 14.07 30.85 -10.72
N THR F 599 14.33 32.11 -10.36
CA THR F 599 15.61 32.51 -9.78
C THR F 599 15.58 32.06 -8.32
N ILE F 600 16.09 30.86 -8.07
CA ILE F 600 15.99 30.24 -6.74
C ILE F 600 16.95 30.99 -5.83
N ILE F 601 16.41 31.84 -4.95
CA ILE F 601 17.20 32.70 -4.09
C ILE F 601 17.24 32.10 -2.70
N ILE F 602 18.44 31.98 -2.13
CA ILE F 602 18.65 31.41 -0.81
C ILE F 602 19.23 32.50 0.09
N ASP F 603 18.67 32.65 1.28
CA ASP F 603 19.24 33.49 2.32
C ASP F 603 19.84 32.62 3.42
N THR F 604 21.03 32.99 3.86
CA THR F 604 21.76 32.22 4.86
C THR F 604 22.09 33.09 6.06
N ASN F 605 22.29 32.44 7.20
CA ASN F 605 22.69 33.10 8.44
C ASN F 605 24.18 32.93 8.72
N TYR F 606 24.76 31.79 8.36
CA TYR F 606 26.18 31.53 8.52
C TYR F 606 26.76 31.02 7.22
N LYS F 607 28.09 31.06 7.12
CA LYS F 607 28.76 30.67 5.89
C LYS F 607 28.52 29.20 5.59
N PRO F 608 27.98 28.86 4.42
CA PRO F 608 27.58 27.47 4.17
C PRO F 608 28.74 26.59 3.78
N VAL F 609 28.57 25.29 4.03
CA VAL F 609 29.57 24.27 3.73
C VAL F 609 28.95 23.27 2.77
N PHE F 610 29.62 23.05 1.64
CA PHE F 610 29.14 22.13 0.61
C PHE F 610 29.61 20.71 0.87
N ASP F 611 29.04 19.77 0.13
CA ASP F 611 29.44 18.38 0.18
C ASP F 611 30.38 17.98 -0.94
N ARG F 612 30.48 18.80 -1.99
CA ARG F 612 31.36 18.52 -3.12
C ARG F 612 32.06 19.81 -3.53
N ILE F 613 33.22 19.64 -4.18
CA ILE F 613 34.01 20.78 -4.63
C ILE F 613 34.18 20.72 -6.14
N ASP F 614 33.18 20.16 -6.82
CA ASP F 614 33.24 19.99 -8.27
C ASP F 614 33.44 21.33 -8.98
N ASN F 615 34.28 21.34 -10.00
CA ASN F 615 34.51 22.55 -10.78
C ASN F 615 33.25 22.98 -11.52
N ALA F 616 32.37 22.03 -11.85
CA ALA F 616 31.10 22.38 -12.47
C ALA F 616 30.23 23.19 -11.51
N LEU F 617 30.32 22.91 -10.21
CA LEU F 617 29.56 23.67 -9.22
C LEU F 617 30.01 25.12 -9.13
N MET F 618 31.23 25.44 -9.58
CA MET F 618 31.75 26.79 -9.52
C MET F 618 31.15 27.71 -10.58
N ARG F 619 30.44 27.16 -11.57
CA ARG F 619 29.80 27.97 -12.59
C ARG F 619 28.29 28.03 -12.43
N ARG F 620 27.76 27.62 -11.27
CA ARG F 620 26.31 27.57 -11.08
C ARG F 620 25.89 28.08 -9.70
N ILE F 621 26.75 28.80 -8.99
CA ILE F 621 26.42 29.32 -7.66
C ILE F 621 26.78 30.79 -7.61
N ALA F 622 26.07 31.53 -6.75
CA ALA F 622 26.35 32.94 -6.50
C ALA F 622 26.10 33.24 -5.02
N VAL F 623 26.77 34.28 -4.53
CA VAL F 623 26.64 34.70 -3.15
C VAL F 623 26.51 36.22 -3.11
N VAL F 624 25.50 36.71 -2.39
CA VAL F 624 25.28 38.13 -2.18
C VAL F 624 25.46 38.44 -0.71
N ARG F 625 26.27 39.45 -0.42
CA ARG F 625 26.65 39.81 0.96
C ARG F 625 25.74 40.91 1.47
N PHE F 626 25.10 40.67 2.62
CA PHE F 626 24.29 41.66 3.31
C PHE F 626 25.00 42.03 4.62
N ARG F 627 25.35 43.30 4.76
CA ARG F 627 26.16 43.76 5.89
C ARG F 627 25.63 45.08 6.43
N THR F 628 24.32 45.14 6.67
CA THR F 628 23.70 46.33 7.28
C THR F 628 22.61 45.86 8.24
N HIS F 629 22.95 45.71 9.50
CA HIS F 629 22.01 45.24 10.51
C HIS F 629 21.11 46.39 10.95
N PHE F 630 20.25 46.14 11.93
CA PHE F 630 19.32 47.14 12.43
C PHE F 630 18.93 46.78 13.85
N SER F 631 18.75 47.80 14.68
CA SER F 631 18.38 47.59 16.09
C SER F 631 17.63 48.80 16.63
N ALA F 644 30.49 41.61 11.97
CA ALA F 644 29.58 40.93 11.07
C ALA F 644 28.71 41.91 10.32
N TYR F 645 28.44 43.05 10.96
CA TYR F 645 27.62 44.11 10.38
C TYR F 645 28.46 45.34 10.18
N ASP F 646 28.50 45.85 8.94
CA ASP F 646 29.24 47.07 8.63
C ASP F 646 28.43 48.34 8.92
N LYS F 647 27.10 48.25 8.91
CA LYS F 647 26.25 49.40 9.19
C LYS F 647 25.13 48.97 10.11
N VAL F 648 24.59 49.93 10.86
CA VAL F 648 23.52 49.69 11.81
C VAL F 648 22.48 50.79 11.65
N LYS F 649 21.20 50.40 11.65
CA LYS F 649 20.10 51.35 11.53
C LYS F 649 19.06 51.11 12.60
N LEU F 650 17.94 51.83 12.53
CA LEU F 650 16.87 51.69 13.50
C LEU F 650 15.91 50.58 13.06
N LEU F 651 15.52 49.74 14.02
CA LEU F 651 14.62 48.62 13.76
C LEU F 651 13.17 49.11 13.89
N ASP F 652 12.65 49.64 12.78
CA ASP F 652 11.28 50.11 12.75
C ASP F 652 10.31 48.95 12.90
N GLU F 653 9.28 49.14 13.72
CA GLU F 653 8.29 48.10 13.98
C GLU F 653 7.08 48.19 13.06
N GLY F 654 7.02 49.20 12.20
CA GLY F 654 5.87 49.36 11.32
C GLY F 654 6.10 48.83 9.91
N LEU F 655 7.37 48.67 9.53
CA LEU F 655 7.68 48.18 8.19
C LEU F 655 7.19 46.76 8.00
N ASP F 656 7.38 45.90 9.01
CA ASP F 656 6.92 44.52 8.91
C ASP F 656 5.42 44.40 8.74
N GLY F 657 4.67 45.42 9.14
CA GLY F 657 3.23 45.44 8.95
C GLY F 657 2.83 46.22 7.72
N LYS F 658 3.54 47.33 7.44
CA LYS F 658 3.23 48.13 6.26
C LYS F 658 3.47 47.34 4.98
N ILE F 659 4.56 46.59 4.92
CA ILE F 659 4.83 45.76 3.75
C ILE F 659 3.79 44.65 3.63
N GLN F 660 3.41 44.04 4.75
CA GLN F 660 2.35 43.04 4.75
C GLN F 660 1.00 43.62 4.35
N ASN F 661 0.84 44.93 4.44
CA ASN F 661 -0.38 45.60 3.99
C ASN F 661 -0.36 45.89 2.50
N ASN F 662 0.69 45.50 1.79
CA ASN F 662 0.83 45.72 0.34
C ASN F 662 0.70 47.19 -0.01
N ARG F 663 1.29 48.05 0.82
CA ARG F 663 1.37 49.48 0.53
C ARG F 663 2.56 49.83 -0.33
N TYR F 664 3.35 48.85 -0.77
CA TYR F 664 4.57 49.11 -1.52
C TYR F 664 4.68 48.17 -2.72
N ARG F 665 3.59 47.50 -3.08
CA ARG F 665 3.64 46.51 -4.16
C ARG F 665 3.97 47.16 -5.49
N PHE F 666 3.27 48.23 -5.84
CA PHE F 666 3.44 48.82 -7.17
C PHE F 666 4.68 49.69 -7.27
N ALA F 667 5.06 50.37 -6.18
CA ALA F 667 6.30 51.13 -6.19
C ALA F 667 7.50 50.20 -6.37
N PHE F 668 7.51 49.09 -5.63
CA PHE F 668 8.58 48.11 -5.79
C PHE F 668 8.52 47.44 -7.16
N LEU F 669 7.31 47.25 -7.70
CA LEU F 669 7.20 46.72 -9.06
C LEU F 669 7.83 47.67 -10.07
N TYR F 670 7.58 48.98 -9.92
CA TYR F 670 8.20 49.96 -10.80
C TYR F 670 9.72 49.91 -10.67
N LEU F 671 10.22 49.86 -9.42
CA LEU F 671 11.66 49.79 -9.21
C LEU F 671 12.25 48.54 -9.85
N LEU F 672 11.56 47.40 -9.70
CA LEU F 672 12.07 46.14 -10.22
C LEU F 672 12.06 46.11 -11.74
N VAL F 673 11.01 46.65 -12.37
CA VAL F 673 10.99 46.66 -13.83
C VAL F 673 12.01 47.66 -14.38
N LYS F 674 12.25 48.76 -13.68
CA LYS F 674 13.34 49.65 -14.08
C LYS F 674 14.69 48.95 -13.95
N TRP F 675 14.85 48.15 -12.90
CA TRP F 675 16.07 47.37 -12.73
C TRP F 675 16.26 46.41 -13.88
N TYR F 676 15.18 45.73 -14.29
CA TYR F 676 15.27 44.81 -15.41
C TYR F 676 15.60 45.54 -16.71
N LYS F 677 14.95 46.69 -16.94
CA LYS F 677 15.15 47.45 -18.16
C LYS F 677 16.47 48.22 -18.17
N LYS F 678 17.19 48.27 -17.06
CA LYS F 678 18.51 48.87 -17.04
C LYS F 678 19.66 47.87 -16.85
N TYR F 679 19.40 46.65 -16.41
CA TYR F 679 20.44 45.67 -16.15
C TYR F 679 20.25 44.34 -16.88
N HIS F 680 19.02 43.94 -17.17
CA HIS F 680 18.76 42.64 -17.77
C HIS F 680 18.16 42.78 -19.17
N ILE F 681 18.71 43.67 -19.99
CA ILE F 681 18.21 43.87 -21.34
C ILE F 681 19.39 44.15 -22.27
N PRO F 682 19.46 43.51 -23.44
CA PRO F 682 18.53 42.49 -23.96
C PRO F 682 18.93 41.07 -23.52
N ILE F 683 20.03 40.92 -22.81
CA ILE F 683 20.50 39.62 -22.36
C ILE F 683 20.20 39.48 -20.88
N MET F 684 20.12 38.23 -20.43
CA MET F 684 19.77 37.90 -19.05
C MET F 684 20.83 37.08 -18.34
N LYS F 685 21.73 36.42 -19.07
CA LYS F 685 22.65 35.43 -18.52
C LYS F 685 23.29 35.88 -17.21
N LEU F 686 23.39 34.96 -16.27
CA LEU F 686 23.73 35.26 -14.89
C LEU F 686 25.20 34.96 -14.63
N TYR F 687 25.85 35.83 -13.86
CA TYR F 687 27.28 35.68 -13.59
C TYR F 687 27.50 35.04 -12.23
N PRO F 688 28.12 33.87 -12.16
CA PRO F 688 28.47 33.30 -10.85
C PRO F 688 29.64 34.05 -10.22
N THR F 689 29.75 33.92 -8.90
CA THR F 689 30.85 34.52 -8.13
C THR F 689 31.49 33.46 -7.23
N PRO F 690 32.32 32.57 -7.81
CA PRO F 690 33.09 31.65 -6.98
C PRO F 690 33.84 32.30 -5.83
N GLU F 691 34.47 33.44 -6.05
CA GLU F 691 35.48 33.98 -5.14
C GLU F 691 34.85 34.73 -3.96
N GLU F 692 33.89 34.08 -3.31
CA GLU F 692 33.38 34.56 -2.02
C GLU F 692 33.19 33.46 -1.00
N ILE F 693 32.99 32.20 -1.42
CA ILE F 693 32.75 31.11 -0.51
C ILE F 693 34.07 30.63 0.10
PG ANP H . -5.65 13.69 31.54
O1G ANP H . -5.79 13.28 30.12
O2G ANP H . -5.14 12.47 32.39
O3G ANP H . -4.60 14.87 31.64
PB ANP H . -7.28 15.88 31.88
O1B ANP H . -6.02 16.54 32.30
O2B ANP H . -7.50 16.12 30.35
N3B ANP H . -7.14 14.23 32.13
PA ANP H . -9.94 15.86 32.48
O1A ANP H . -9.90 14.45 32.06
O2A ANP H . -10.65 16.77 31.47
O3A ANP H . -8.48 16.45 32.68
O5' ANP H . -10.64 15.96 33.89
C5' ANP H . -10.56 14.89 34.85
C4' ANP H . -11.91 14.75 35.52
O4' ANP H . -12.18 15.92 36.32
C3' ANP H . -13.09 14.57 34.58
O3' ANP H . -13.94 13.51 35.03
C2' ANP H . -13.81 15.92 34.65
O2' ANP H . -15.22 15.78 34.47
C1' ANP H . -13.49 16.38 36.07
N9 ANP H . -13.52 17.82 36.24
C8 ANP H . -12.93 18.76 35.44
N7 ANP H . -13.11 19.99 35.84
C5 ANP H . -13.87 19.86 36.99
C6 ANP H . -14.40 20.80 37.90
N6 ANP H . -14.23 22.11 37.78
N1 ANP H . -15.10 20.33 38.95
C2 ANP H . -15.27 19.01 39.08
N3 ANP H . -14.82 18.03 38.28
C4 ANP H . -14.12 18.53 37.25
MG MG I . -7.39 14.44 28.34
PG ANP J . -6.45 -19.72 26.22
O1G ANP J . -6.68 -19.02 24.91
O2G ANP J . -5.24 -20.71 26.07
O3G ANP J . -6.12 -18.65 27.33
PB ANP J . -9.01 -19.52 27.20
O1B ANP J . -8.43 -18.66 28.28
O2B ANP J . -9.42 -18.60 26.02
N3B ANP J . -7.84 -20.58 26.65
PA ANP J . -11.19 -21.11 26.77
O1A ANP J . -10.44 -21.57 25.58
O2A ANP J . -12.39 -20.23 26.44
O3A ANP J . -10.26 -20.27 27.74
O5' ANP J . -11.64 -22.37 27.61
C5' ANP J . -11.02 -23.66 27.43
C4' ANP J . -12.11 -24.69 27.22
O4' ANP J . -12.94 -24.77 28.40
C3' ANP J . -13.04 -24.43 26.04
O3' ANP J . -13.16 -25.60 25.22
C2' ANP J . -14.37 -24.05 26.69
O2' ANP J . -15.49 -24.49 25.93
C1' ANP J . -14.29 -24.82 28.00
N9 ANP J . -15.11 -24.26 29.07
C8 ANP J . -15.33 -22.92 29.33
N7 ANP J . -16.10 -22.71 30.36
C5 ANP J . -16.41 -23.98 30.83
C6 ANP J . -17.19 -24.43 31.91
N6 ANP J . -17.84 -23.62 32.75
N1 ANP J . -17.29 -25.77 32.09
C2 ANP J . -16.64 -26.57 31.26
N3 ANP J . -15.87 -26.26 30.21
C4 ANP J . -15.79 -24.94 30.05
MG MG K . -8.61 -17.70 23.85
PG ANP L . 9.77 -33.62 -0.19
O1G ANP L . 9.25 -32.23 -0.37
O2G ANP L . 11.28 -33.67 -0.63
O3G ANP L . 9.66 -34.03 1.33
PB ANP L . 7.65 -35.36 -0.19
O1B ANP L . 8.22 -35.72 1.15
O2B ANP L . 6.52 -34.30 0.00
N3B ANP L . 8.86 -34.69 -1.13
PA ANP L . 6.52 -36.64 -2.32
O1A ANP L . 7.22 -35.65 -3.16
O2A ANP L . 5.01 -36.41 -2.24
O3A ANP L . 7.06 -36.64 -0.83
O5' ANP L . 6.83 -38.08 -2.87
C5' ANP L . 8.06 -38.38 -3.56
C4' ANP L . 7.74 -39.26 -4.74
O4' ANP L . 7.17 -40.50 -4.27
C3' ANP L . 6.76 -38.67 -5.76
O3' ANP L . 7.26 -38.79 -7.08
C2' ANP L . 5.48 -39.50 -5.55
O2' ANP L . 4.76 -39.67 -6.76
C1' ANP L . 6.06 -40.83 -5.08
N9 ANP L . 5.13 -41.63 -4.29
C8 ANP L . 4.26 -41.18 -3.34
N7 ANP L . 3.54 -42.13 -2.79
C5 ANP L . 3.96 -43.28 -3.43
C6 ANP L . 3.58 -44.63 -3.30
N6 ANP L . 2.65 -45.06 -2.45
N1 ANP L . 4.21 -45.53 -4.10
C2 ANP L . 5.14 -45.10 -4.95
N3 ANP L . 5.58 -43.86 -5.15
C4 ANP L . 4.94 -42.99 -4.37
MG MG M . 6.92 -31.80 -1.13
PG ANP N . 28.27 -14.77 -21.70
O1G ANP N . 26.96 -14.71 -21.00
O2G ANP N . 28.93 -13.33 -21.70
O3G ANP N . 29.23 -15.79 -20.97
PB ANP N . 27.86 -16.95 -23.34
O1B ANP N . 28.78 -17.58 -22.34
O2B ANP N . 26.39 -17.30 -22.97
N3B ANP N . 28.02 -15.27 -23.30
PA ANP N . 27.40 -16.89 -26.01
O1A ANP N . 27.03 -15.47 -25.79
O2A ANP N . 26.20 -17.79 -26.27
O3A ANP N . 28.17 -17.49 -24.77
O5' ANP N . 28.42 -16.95 -27.22
C5' ANP N . 29.52 -16.04 -27.34
C4' ANP N . 29.68 -15.66 -28.79
O4' ANP N . 29.84 -16.85 -29.58
C3' ANP N . 28.52 -14.87 -29.39
O3' ANP N . 28.98 -13.73 -30.12
C2' ANP N . 27.83 -15.89 -30.32
O2' ANP N . 27.24 -15.26 -31.45
C1' ANP N . 29.00 -16.76 -30.72
N9 ANP N . 28.62 -18.11 -31.12
C8 ANP N . 27.46 -18.76 -30.83
N7 ANP N . 27.38 -19.97 -31.31
C5 ANP N . 28.58 -20.14 -31.97
C6 ANP N . 29.12 -21.23 -32.70
N6 ANP N . 28.48 -22.38 -32.89
N1 ANP N . 30.35 -21.06 -33.24
C2 ANP N . 30.99 -19.91 -33.04
N3 ANP N . 30.58 -18.82 -32.38
C4 ANP N . 29.36 -19.01 -31.86
PB ANP O . 33.92 19.59 -20.69
O1B ANP O . 32.57 18.84 -20.84
O2B ANP O . 35.02 18.59 -20.53
N3B ANP O . 33.85 20.58 -19.33
PA ANP O . 32.97 21.25 -22.61
O1A ANP O . 32.00 21.68 -21.58
O2A ANP O . 32.36 20.32 -23.65
O3A ANP O . 34.18 20.45 -21.96
O5' ANP O . 33.61 22.53 -23.27
C5' ANP O . 34.38 23.48 -22.51
C4' ANP O . 34.36 24.81 -23.22
O4' ANP O . 35.14 24.74 -24.42
C3' ANP O . 32.97 25.32 -23.62
O3' ANP O . 32.83 26.70 -23.32
C2' ANP O . 32.93 25.05 -25.13
O2' ANP O . 32.10 25.99 -25.81
C1' ANP O . 34.39 25.23 -25.52
N9 ANP O . 34.78 24.50 -26.71
C8 ANP O . 34.83 23.14 -26.87
N7 ANP O . 35.22 22.76 -28.07
C5 ANP O . 35.45 23.94 -28.74
C6 ANP O . 35.87 24.23 -30.04
N6 ANP O . 36.17 23.29 -30.95
N1 ANP O . 36.00 25.53 -30.40
C2 ANP O . 35.70 26.47 -29.50
N3 ANP O . 35.29 26.32 -28.24
C4 ANP O . 35.18 25.02 -27.92
PB ANP P . 15.90 39.00 9.15
O1B ANP P . 16.99 38.57 10.07
O2B ANP P . 16.11 38.32 7.77
N3B ANP P . 14.41 38.56 9.79
PA ANP P . 14.62 41.41 9.04
O1A ANP P . 13.42 40.54 9.06
O2A ANP P . 14.65 42.36 7.85
O3A ANP P . 15.95 40.55 8.96
O5' ANP P . 14.68 42.19 10.42
C5' ANP P . 13.62 42.06 11.38
C4' ANP P . 12.88 43.37 11.50
O4' ANP P . 13.81 44.47 11.30
C3' ANP P . 11.74 43.57 10.50
O3' ANP P . 10.59 44.11 11.15
C2' ANP P . 12.33 44.55 9.48
O2' ANP P . 11.33 45.37 8.89
C1' ANP P . 13.25 45.37 10.36
N9 ANP P . 14.36 46.00 9.63
C8 ANP P . 15.46 45.39 9.11
N7 ANP P . 16.29 46.20 8.51
C5 ANP P . 15.69 47.44 8.64
C6 ANP P . 16.06 48.74 8.22
N6 ANP P . 17.19 48.99 7.54
N1 ANP P . 15.24 49.76 8.52
C2 ANP P . 14.12 49.50 9.20
N3 ANP P . 13.66 48.33 9.65
C4 ANP P . 14.50 47.34 9.34
#